data_6BAD
#
_entry.id   6BAD
#
_cell.length_a   75.401
_cell.length_b   80.714
_cell.length_c   102.429
_cell.angle_alpha   90.00
_cell.angle_beta   96.81
_cell.angle_gamma   90.00
#
_symmetry.space_group_name_H-M   'P 1 21 1'
#
loop_
_entity.id
_entity.type
_entity.pdbx_description
1 polymer 'L-lactate dehydrogenase A chain'
2 non-polymer NICOTINAMIDE-ADENINE-DINUCLEOTIDE
3 non-polymer '4-(2-HYDROXYETHYL)-1-PIPERAZINE ETHANESULFONIC ACID'
4 non-polymer 'SULFATE ION'
5 non-polymer (6R)-3-[(2-chlorophenyl)sulfanyl]-6-{3-[(4-fluorophenyl)amino]phenyl}-4-hydroxy-6-(thiophen-3-yl)-5,6-dihydro-2H-pyran-2-one
6 water water
#
_entity_poly.entity_id   1
_entity_poly.type   'polypeptide(L)'
_entity_poly.pdbx_seq_one_letter_code
;ATLKDQLIYNLLKEEQTPQNKITVVGVGAVGMACAISILMKDLADELALVDVIEDKLKGEMMDLQHGSLFLRTPKIVSGK
DYNVTANSKLVIITAGARQQEGESRLNLVQRNVNIFKFIIPNVVKYSPNCKLLIVSNPVDILTYVAWKISGFPKNRVIGS
GCNLDSARFRYLMGERLGVHPLSCHGWVLGEHGDSSVPVWSGMNVAGVSLKTLHPDLGTDKDKEQWKEVHKQVVESAYEV
IKLKGYTSWAIGLSVADLAESIMKNLRRVHPVSTMIKGLYGIKDDVFLSVPCILGQNGISDLVKVTLTSEEEARLKKSAD
TLWGIQKELQF
;
_entity_poly.pdbx_strand_id   A,B,C,D
#
# COMPACT_ATOMS: atom_id res chain seq x y z
N ALA A 1 15.37 -7.59 39.02
CA ALA A 1 15.04 -7.82 37.61
C ALA A 1 15.36 -6.60 36.73
N THR A 2 15.63 -6.84 35.42
CA THR A 2 15.90 -5.77 34.44
C THR A 2 14.60 -5.02 34.17
N LEU A 3 14.69 -3.81 33.58
CA LEU A 3 13.50 -3.04 33.22
C LEU A 3 12.65 -3.84 32.21
N LYS A 4 13.32 -4.49 31.22
CA LYS A 4 12.65 -5.32 30.21
C LYS A 4 11.80 -6.41 30.86
N ASP A 5 12.36 -7.12 31.87
CA ASP A 5 11.64 -8.18 32.59
C ASP A 5 10.57 -7.65 33.51
N GLN A 6 10.72 -6.42 34.00
CA GLN A 6 9.74 -5.75 34.85
C GLN A 6 8.54 -5.32 34.00
N LEU A 7 8.80 -4.84 32.77
CA LEU A 7 7.78 -4.36 31.83
C LEU A 7 7.10 -5.50 31.06
N ILE A 8 7.88 -6.49 30.59
CA ILE A 8 7.40 -7.56 29.72
C ILE A 8 7.53 -8.97 30.33
N TYR A 9 6.42 -9.75 30.29
CA TYR A 9 6.43 -11.16 30.69
C TYR A 9 6.58 -12.01 29.41
N ASN A 10 7.65 -12.83 29.34
CA ASN A 10 7.93 -13.68 28.19
C ASN A 10 7.19 -15.02 28.24
N LEU A 11 6.49 -15.37 27.13
CA LEU A 11 5.76 -16.64 27.03
C LEU A 11 6.69 -17.69 26.41
N LEU A 12 7.48 -17.31 25.40
CA LEU A 12 8.44 -18.20 24.75
C LEU A 12 9.57 -17.41 24.13
N LYS A 13 10.80 -17.92 24.26
CA LYS A 13 12.01 -17.27 23.73
C LYS A 13 12.42 -17.84 22.38
N GLU A 14 11.71 -18.88 21.91
CA GLU A 14 11.92 -19.57 20.64
C GLU A 14 11.75 -18.67 19.40
N GLU A 15 12.79 -18.61 18.55
CA GLU A 15 12.77 -17.86 17.29
C GLU A 15 12.68 -18.86 16.13
N GLN A 16 11.70 -18.65 15.24
CA GLN A 16 11.49 -19.50 14.06
C GLN A 16 12.54 -19.20 12.98
N THR A 17 12.73 -20.15 12.07
CA THR A 17 13.59 -20.00 10.88
C THR A 17 12.93 -18.89 10.02
N PRO A 18 13.71 -18.02 9.33
CA PRO A 18 13.07 -16.93 8.54
C PRO A 18 11.97 -17.45 7.61
N GLN A 19 10.80 -16.74 7.54
CA GLN A 19 9.69 -17.22 6.71
C GLN A 19 9.62 -16.60 5.31
N ASN A 20 9.95 -15.30 5.17
CA ASN A 20 9.90 -14.60 3.87
C ASN A 20 11.13 -13.75 3.71
N LYS A 21 12.30 -14.37 3.74
CA LYS A 21 13.57 -13.69 3.73
C LYS A 21 14.11 -13.45 2.34
N ILE A 22 14.66 -12.25 2.13
CA ILE A 22 15.31 -11.86 0.90
C ILE A 22 16.73 -11.42 1.24
N THR A 23 17.70 -11.81 0.43
CA THR A 23 19.08 -11.34 0.56
C THR A 23 19.43 -10.52 -0.67
N VAL A 24 20.16 -9.41 -0.48
CA VAL A 24 20.67 -8.62 -1.58
C VAL A 24 22.20 -8.70 -1.46
N VAL A 25 22.90 -9.13 -2.53
CA VAL A 25 24.37 -9.26 -2.56
C VAL A 25 24.95 -8.15 -3.39
N GLY A 26 25.70 -7.27 -2.74
CA GLY A 26 26.30 -6.09 -3.38
C GLY A 26 25.46 -4.87 -3.07
N VAL A 27 25.91 -4.03 -2.12
CA VAL A 27 25.15 -2.87 -1.68
C VAL A 27 25.59 -1.58 -2.36
N GLY A 28 25.73 -1.62 -3.68
CA GLY A 28 26.05 -0.40 -4.43
C GLY A 28 24.78 0.36 -4.78
N ALA A 29 24.83 1.19 -5.80
CA ALA A 29 23.68 2.01 -6.23
C ALA A 29 22.45 1.14 -6.56
N VAL A 30 22.66 0.04 -7.31
CA VAL A 30 21.60 -0.89 -7.72
C VAL A 30 21.06 -1.71 -6.53
N GLY A 31 21.95 -2.34 -5.77
CA GLY A 31 21.58 -3.14 -4.61
C GLY A 31 20.73 -2.39 -3.61
N MET A 32 21.15 -1.14 -3.26
CA MET A 32 20.43 -0.37 -2.27
C MET A 32 19.08 0.14 -2.78
N ALA A 33 18.97 0.46 -4.09
CA ALA A 33 17.70 0.88 -4.68
C ALA A 33 16.73 -0.33 -4.70
N CYS A 34 17.27 -1.56 -4.93
CA CYS A 34 16.50 -2.81 -4.85
C CYS A 34 16.04 -2.96 -3.39
N ALA A 35 16.97 -2.71 -2.44
CA ALA A 35 16.70 -2.87 -1.04
C ALA A 35 15.59 -1.93 -0.54
N ILE A 36 15.65 -0.61 -0.86
CA ILE A 36 14.62 0.35 -0.45
C ILE A 36 13.27 0.02 -1.10
N SER A 37 13.26 -0.38 -2.37
CA SER A 37 12.03 -0.73 -3.07
C SER A 37 11.32 -1.97 -2.47
N ILE A 38 12.10 -3.01 -2.10
CA ILE A 38 11.59 -4.24 -1.46
C ILE A 38 11.01 -3.90 -0.08
N LEU A 39 11.70 -3.00 0.66
CA LEU A 39 11.28 -2.60 2.00
C LEU A 39 9.98 -1.81 1.94
N MET A 40 9.88 -0.88 0.97
CA MET A 40 8.70 -0.03 0.75
CA MET A 40 8.68 -0.07 0.84
C MET A 40 7.49 -0.85 0.28
N LYS A 41 7.73 -2.03 -0.28
CA LYS A 41 6.64 -2.87 -0.81
C LYS A 41 6.23 -3.99 0.15
N ASP A 42 6.83 -4.05 1.37
CA ASP A 42 6.53 -5.05 2.39
C ASP A 42 6.61 -6.48 1.86
N LEU A 43 7.70 -6.79 1.14
CA LEU A 43 7.84 -8.11 0.53
C LEU A 43 8.53 -9.15 1.42
N ALA A 44 9.32 -8.69 2.37
CA ALA A 44 10.12 -9.56 3.22
C ALA A 44 9.87 -9.31 4.70
N ASP A 45 10.04 -10.35 5.52
CA ASP A 45 9.98 -10.24 6.96
C ASP A 45 11.40 -10.14 7.52
N GLU A 46 12.39 -10.42 6.66
CA GLU A 46 13.81 -10.31 6.95
C GLU A 46 14.59 -9.97 5.70
N LEU A 47 15.47 -8.95 5.78
CA LEU A 47 16.32 -8.55 4.69
C LEU A 47 17.78 -8.71 5.13
N ALA A 48 18.56 -9.46 4.35
CA ALA A 48 19.99 -9.60 4.60
C ALA A 48 20.76 -8.87 3.50
N LEU A 49 21.84 -8.19 3.87
CA LEU A 49 22.70 -7.49 2.91
C LEU A 49 24.09 -8.08 3.00
N VAL A 50 24.73 -8.30 1.87
CA VAL A 50 26.11 -8.83 1.82
C VAL A 50 26.91 -7.95 0.89
N ASP A 51 28.20 -7.77 1.21
CA ASP A 51 29.16 -7.03 0.40
C ASP A 51 30.56 -7.43 0.89
N VAL A 52 31.60 -6.93 0.25
CA VAL A 52 32.98 -7.16 0.65
C VAL A 52 33.55 -5.92 1.36
N ILE A 53 32.96 -4.71 1.11
CA ILE A 53 33.37 -3.46 1.76
C ILE A 53 32.57 -3.38 3.08
N GLU A 54 33.23 -3.73 4.18
CA GLU A 54 32.61 -3.85 5.49
C GLU A 54 32.02 -2.58 6.07
N ASP A 55 32.70 -1.44 5.97
CA ASP A 55 32.21 -0.19 6.52
C ASP A 55 30.96 0.30 5.79
N LYS A 56 31.01 0.34 4.44
CA LYS A 56 29.88 0.74 3.60
C LYS A 56 28.65 -0.17 3.89
N LEU A 57 28.88 -1.49 3.96
CA LEU A 57 27.86 -2.49 4.28
C LEU A 57 27.18 -2.21 5.62
N LYS A 58 27.98 -1.98 6.69
CA LYS A 58 27.46 -1.68 8.01
C LYS A 58 26.68 -0.34 8.01
N GLY A 59 27.21 0.69 7.34
CA GLY A 59 26.58 1.99 7.22
C GLY A 59 25.23 1.92 6.52
N GLU A 60 25.14 1.11 5.44
CA GLU A 60 23.91 0.92 4.67
C GLU A 60 22.87 0.18 5.50
N MET A 61 23.29 -0.89 6.21
CA MET A 61 22.43 -1.63 7.12
C MET A 61 21.83 -0.71 8.18
N MET A 62 22.70 0.06 8.88
CA MET A 62 22.28 1.00 9.93
C MET A 62 21.31 2.06 9.42
N ASP A 63 21.61 2.65 8.26
CA ASP A 63 20.77 3.66 7.65
C ASP A 63 19.35 3.10 7.38
N LEU A 64 19.24 1.85 6.86
CA LEU A 64 17.94 1.21 6.65
C LEU A 64 17.25 0.93 7.99
N GLN A 65 18.01 0.38 8.98
CA GLN A 65 17.50 0.08 10.31
C GLN A 65 16.93 1.34 11.00
N HIS A 66 17.58 2.50 10.81
CA HIS A 66 17.11 3.75 11.41
C HIS A 66 15.74 4.23 10.87
N GLY A 67 15.31 3.70 9.71
CA GLY A 67 14.01 3.99 9.13
C GLY A 67 12.95 2.96 9.49
N SER A 68 13.26 2.00 10.41
CA SER A 68 12.37 0.87 10.82
C SER A 68 10.99 1.30 11.25
N LEU A 69 10.89 2.46 11.93
CA LEU A 69 9.63 3.02 12.40
C LEU A 69 8.65 3.21 11.22
N PHE A 70 9.17 3.50 10.02
CA PHE A 70 8.34 3.76 8.84
C PHE A 70 8.20 2.55 7.93
N LEU A 71 8.75 1.39 8.35
CA LEU A 71 8.71 0.14 7.57
C LEU A 71 7.96 -0.99 8.30
N ARG A 72 7.74 -2.13 7.62
CA ARG A 72 7.10 -3.31 8.18
CA ARG A 72 7.07 -3.33 8.12
C ARG A 72 7.95 -4.57 7.90
N THR A 73 9.28 -4.41 7.96
CA THR A 73 10.29 -5.46 7.81
C THR A 73 11.02 -5.40 9.15
N PRO A 74 10.66 -6.29 10.10
CA PRO A 74 11.20 -6.18 11.46
C PRO A 74 12.67 -6.53 11.65
N LYS A 75 13.30 -7.21 10.66
CA LYS A 75 14.68 -7.60 10.82
C LYS A 75 15.52 -7.30 9.59
N ILE A 76 16.53 -6.43 9.75
CA ILE A 76 17.50 -6.06 8.74
C ILE A 76 18.88 -6.43 9.31
N VAL A 77 19.58 -7.34 8.61
CA VAL A 77 20.89 -7.88 9.01
C VAL A 77 21.88 -7.69 7.86
N SER A 78 23.17 -7.72 8.18
CA SER A 78 24.23 -7.64 7.18
C SER A 78 25.47 -8.36 7.66
N GLY A 79 26.34 -8.70 6.69
CA GLY A 79 27.62 -9.33 6.98
C GLY A 79 28.37 -9.71 5.73
N LYS A 80 29.69 -9.83 5.85
CA LYS A 80 30.57 -10.31 4.77
C LYS A 80 30.40 -11.84 4.70
N ASP A 81 30.13 -12.48 5.86
CA ASP A 81 29.92 -13.91 6.00
C ASP A 81 28.47 -14.23 5.57
N TYR A 82 28.29 -15.26 4.76
CA TYR A 82 26.98 -15.60 4.21
C TYR A 82 26.05 -16.34 5.21
N ASN A 83 26.52 -16.59 6.46
CA ASN A 83 25.66 -17.17 7.49
C ASN A 83 24.45 -16.27 7.77
N VAL A 84 24.59 -14.95 7.52
CA VAL A 84 23.52 -13.95 7.70
C VAL A 84 22.39 -14.15 6.67
N THR A 85 22.69 -14.86 5.55
CA THR A 85 21.76 -15.12 4.42
C THR A 85 20.98 -16.42 4.53
N ALA A 86 21.22 -17.23 5.59
CA ALA A 86 20.58 -18.52 5.76
C ALA A 86 19.09 -18.49 5.64
N ASN A 87 18.55 -19.45 4.89
CA ASN A 87 17.12 -19.66 4.68
C ASN A 87 16.40 -18.52 3.93
N SER A 88 17.07 -17.94 2.91
CA SER A 88 16.46 -16.90 2.06
C SER A 88 15.61 -17.61 1.02
N LYS A 89 14.41 -17.07 0.75
CA LYS A 89 13.50 -17.55 -0.30
C LYS A 89 14.05 -17.01 -1.63
N LEU A 90 14.58 -15.79 -1.61
CA LEU A 90 15.09 -15.11 -2.80
C LEU A 90 16.43 -14.45 -2.55
N VAL A 91 17.41 -14.67 -3.46
CA VAL A 91 18.72 -14.05 -3.32
C VAL A 91 18.99 -13.23 -4.60
N ILE A 92 19.15 -11.92 -4.44
CA ILE A 92 19.36 -10.98 -5.54
C ILE A 92 20.83 -10.60 -5.64
N ILE A 93 21.43 -10.84 -6.82
CA ILE A 93 22.85 -10.53 -7.05
C ILE A 93 23.03 -9.26 -7.85
N THR A 94 23.54 -8.21 -7.19
CA THR A 94 23.79 -6.87 -7.75
C THR A 94 25.25 -6.49 -7.46
N ALA A 95 26.12 -7.52 -7.36
CA ALA A 95 27.53 -7.39 -7.01
C ALA A 95 28.45 -7.11 -8.18
N GLY A 96 29.60 -6.51 -7.87
CA GLY A 96 30.63 -6.14 -8.80
C GLY A 96 30.47 -4.70 -9.18
N ALA A 97 31.61 -3.98 -9.25
CA ALA A 97 31.59 -2.57 -9.63
C ALA A 97 30.94 -2.41 -11.01
N ARG A 98 30.16 -1.34 -11.19
CA ARG A 98 29.52 -1.05 -12.47
C ARG A 98 30.60 -0.91 -13.57
N GLN A 99 30.23 -1.15 -14.83
CA GLN A 99 31.15 -1.04 -15.95
C GLN A 99 31.84 0.35 -15.96
N GLN A 100 33.19 0.35 -16.10
CA GLN A 100 34.00 1.58 -16.17
C GLN A 100 34.08 2.05 -17.63
N GLU A 101 34.41 3.32 -17.84
CA GLU A 101 34.61 3.88 -19.17
C GLU A 101 35.89 3.24 -19.76
N GLY A 102 35.81 2.81 -21.02
CA GLY A 102 36.92 2.15 -21.69
C GLY A 102 37.01 0.67 -21.39
N GLU A 103 36.14 0.18 -20.48
CA GLU A 103 36.11 -1.23 -20.12
C GLU A 103 35.20 -1.97 -21.10
N SER A 104 35.72 -3.06 -21.65
CA SER A 104 35.00 -3.88 -22.65
C SER A 104 34.03 -4.83 -21.96
N ARG A 105 33.09 -5.44 -22.72
CA ARG A 105 32.19 -6.45 -22.17
C ARG A 105 33.02 -7.61 -21.62
N LEU A 106 34.00 -8.12 -22.43
CA LEU A 106 34.87 -9.24 -22.02
C LEU A 106 35.56 -8.99 -20.67
N ASN A 107 36.10 -7.76 -20.45
CA ASN A 107 36.70 -7.34 -19.18
C ASN A 107 35.67 -7.47 -18.04
N LEU A 108 34.46 -6.91 -18.26
CA LEU A 108 33.37 -6.93 -17.27
C LEU A 108 33.02 -8.34 -16.90
N VAL A 109 32.83 -9.25 -17.91
CA VAL A 109 32.46 -10.66 -17.63
C VAL A 109 33.51 -11.39 -16.83
N GLN A 110 34.80 -11.23 -17.23
CA GLN A 110 35.92 -11.89 -16.56
C GLN A 110 35.95 -11.62 -15.05
N ARG A 111 35.86 -10.34 -14.66
CA ARG A 111 35.82 -9.80 -13.29
C ARG A 111 34.67 -10.43 -12.53
N ASN A 112 33.46 -10.33 -13.12
CA ASN A 112 32.25 -10.78 -12.44
C ASN A 112 32.15 -12.27 -12.35
N VAL A 113 32.73 -13.03 -13.31
CA VAL A 113 32.76 -14.49 -13.17
C VAL A 113 33.67 -14.83 -11.94
N ASN A 114 34.77 -14.07 -11.76
CA ASN A 114 35.74 -14.28 -10.66
C ASN A 114 35.09 -14.11 -9.29
N ILE A 115 34.20 -13.14 -9.16
CA ILE A 115 33.51 -12.96 -7.88
C ILE A 115 32.31 -13.96 -7.73
N PHE A 116 31.62 -14.33 -8.85
CA PHE A 116 30.53 -15.34 -8.82
C PHE A 116 31.03 -16.71 -8.36
N LYS A 117 32.30 -17.03 -8.66
CA LYS A 117 32.96 -18.27 -8.23
C LYS A 117 32.95 -18.42 -6.71
N PHE A 118 33.01 -17.30 -5.96
N PHE A 118 32.97 -17.31 -5.97
CA PHE A 118 32.94 -17.25 -4.49
CA PHE A 118 32.93 -17.32 -4.52
C PHE A 118 31.50 -17.07 -4.05
C PHE A 118 31.50 -17.05 -4.01
N ILE A 119 30.79 -16.07 -4.63
CA ILE A 119 29.40 -15.71 -4.26
C ILE A 119 28.42 -16.87 -4.33
N ILE A 120 28.29 -17.49 -5.51
CA ILE A 120 27.28 -18.52 -5.78
C ILE A 120 27.44 -19.75 -4.85
N PRO A 121 28.63 -20.37 -4.66
CA PRO A 121 28.69 -21.50 -3.71
C PRO A 121 28.28 -21.11 -2.28
N ASN A 122 28.60 -19.86 -1.88
CA ASN A 122 28.27 -19.29 -0.58
C ASN A 122 26.77 -19.12 -0.40
N VAL A 123 26.08 -18.62 -1.44
CA VAL A 123 24.63 -18.45 -1.44
C VAL A 123 23.97 -19.85 -1.30
N VAL A 124 24.39 -20.82 -2.14
CA VAL A 124 23.87 -22.19 -2.20
C VAL A 124 24.07 -22.92 -0.88
N LYS A 125 25.22 -22.73 -0.23
CA LYS A 125 25.53 -23.36 1.06
C LYS A 125 24.46 -23.03 2.12
N TYR A 126 24.06 -21.74 2.22
CA TYR A 126 23.13 -21.26 3.25
C TYR A 126 21.65 -21.23 2.85
N SER A 127 21.33 -21.12 1.55
CA SER A 127 19.95 -21.17 1.07
C SER A 127 19.88 -22.12 -0.14
N PRO A 128 19.99 -23.45 0.07
CA PRO A 128 19.99 -24.39 -1.08
C PRO A 128 18.69 -24.44 -1.87
N ASN A 129 17.59 -24.02 -1.27
CA ASN A 129 16.27 -24.02 -1.93
C ASN A 129 15.80 -22.63 -2.43
N CYS A 130 16.67 -21.60 -2.35
CA CYS A 130 16.32 -20.23 -2.80
C CYS A 130 16.09 -20.12 -4.32
N LYS A 131 15.49 -19.00 -4.75
CA LYS A 131 15.42 -18.60 -6.14
C LYS A 131 16.56 -17.58 -6.27
N LEU A 132 17.35 -17.69 -7.32
CA LEU A 132 18.43 -16.76 -7.60
C LEU A 132 17.96 -15.75 -8.64
N LEU A 133 18.10 -14.45 -8.36
CA LEU A 133 17.75 -13.40 -9.29
C LEU A 133 19.02 -12.59 -9.58
N ILE A 134 19.54 -12.73 -10.80
CA ILE A 134 20.77 -12.08 -11.24
C ILE A 134 20.49 -10.74 -11.89
N VAL A 135 21.15 -9.69 -11.39
CA VAL A 135 21.04 -8.33 -11.93
C VAL A 135 22.36 -7.90 -12.56
N SER A 136 23.51 -8.22 -11.91
CA SER A 136 24.88 -7.86 -12.38
C SER A 136 25.06 -8.13 -13.87
N ASN A 137 25.82 -7.26 -14.54
CA ASN A 137 26.05 -7.36 -15.98
C ASN A 137 27.34 -8.07 -16.40
N PRO A 138 27.40 -8.68 -17.61
CA PRO A 138 26.33 -8.86 -18.62
C PRO A 138 25.34 -9.88 -18.06
N VAL A 139 24.12 -9.41 -17.78
CA VAL A 139 23.12 -10.18 -17.05
C VAL A 139 22.79 -11.54 -17.69
N ASP A 140 22.70 -11.65 -19.02
CA ASP A 140 22.40 -12.94 -19.64
C ASP A 140 23.51 -13.97 -19.44
N ILE A 141 24.78 -13.50 -19.57
CA ILE A 141 25.95 -14.35 -19.37
C ILE A 141 26.06 -14.76 -17.88
N LEU A 142 25.92 -13.80 -16.96
CA LEU A 142 26.02 -14.06 -15.52
C LEU A 142 24.89 -14.92 -14.96
N THR A 143 23.71 -14.93 -15.62
CA THR A 143 22.60 -15.81 -15.20
C THR A 143 23.00 -17.25 -15.53
N TYR A 144 23.62 -17.44 -16.72
CA TYR A 144 24.14 -18.75 -17.15
C TYR A 144 25.22 -19.22 -16.16
N VAL A 145 26.13 -18.32 -15.79
CA VAL A 145 27.23 -18.58 -14.83
C VAL A 145 26.66 -19.03 -13.48
N ALA A 146 25.66 -18.26 -12.94
CA ALA A 146 24.99 -18.61 -11.68
C ALA A 146 24.34 -19.97 -11.76
N TRP A 147 23.66 -20.27 -12.87
CA TRP A 147 23.00 -21.57 -13.12
C TRP A 147 24.03 -22.71 -13.11
N LYS A 148 25.15 -22.51 -13.84
CA LYS A 148 26.20 -23.53 -13.95
C LYS A 148 26.87 -23.83 -12.61
N ILE A 149 27.30 -22.78 -11.87
CA ILE A 149 27.97 -22.90 -10.56
C ILE A 149 27.01 -23.44 -9.48
N SER A 150 25.77 -22.91 -9.41
CA SER A 150 24.81 -23.36 -8.40
C SER A 150 24.39 -24.80 -8.54
N GLY A 151 24.18 -25.26 -9.78
CA GLY A 151 23.64 -26.59 -10.03
C GLY A 151 22.14 -26.62 -9.80
N PHE A 152 21.50 -25.43 -9.66
CA PHE A 152 20.05 -25.32 -9.43
C PHE A 152 19.27 -25.70 -10.71
N PRO A 153 18.01 -26.20 -10.60
CA PRO A 153 17.20 -26.40 -11.81
C PRO A 153 16.93 -25.02 -12.45
N LYS A 154 16.75 -24.96 -13.78
CA LYS A 154 16.58 -23.69 -14.50
C LYS A 154 15.43 -22.79 -13.96
N ASN A 155 14.36 -23.35 -13.38
CA ASN A 155 13.25 -22.53 -12.85
C ASN A 155 13.68 -21.61 -11.69
N ARG A 156 14.74 -21.98 -10.95
CA ARG A 156 15.22 -21.22 -9.78
C ARG A 156 16.40 -20.25 -10.09
N VAL A 157 16.75 -20.06 -11.38
CA VAL A 157 17.81 -19.11 -11.79
C VAL A 157 17.15 -18.14 -12.78
N ILE A 158 16.91 -16.90 -12.32
CA ILE A 158 16.22 -15.89 -13.10
C ILE A 158 17.15 -14.71 -13.32
N GLY A 159 17.23 -14.26 -14.57
CA GLY A 159 18.02 -13.07 -14.89
C GLY A 159 17.10 -11.90 -15.04
N SER A 160 17.49 -10.72 -14.53
CA SER A 160 16.68 -9.50 -14.65
C SER A 160 16.32 -9.25 -16.14
N GLY A 161 17.26 -9.57 -17.01
CA GLY A 161 17.13 -9.52 -18.46
C GLY A 161 16.54 -8.26 -19.03
N CYS A 162 15.45 -8.40 -19.81
CA CYS A 162 14.81 -7.29 -20.50
C CYS A 162 13.68 -6.62 -19.70
N ASN A 163 13.63 -6.88 -18.37
CA ASN A 163 12.60 -6.28 -17.52
C ASN A 163 12.76 -4.75 -17.49
N LEU A 164 14.00 -4.24 -17.32
CA LEU A 164 14.22 -2.78 -17.32
C LEU A 164 14.02 -2.19 -18.74
N ASP A 165 14.45 -2.92 -19.77
CA ASP A 165 14.31 -2.49 -21.19
C ASP A 165 12.85 -2.32 -21.54
N SER A 166 11.98 -3.28 -21.12
CA SER A 166 10.53 -3.21 -21.40
C SER A 166 9.87 -2.08 -20.63
N ALA A 167 10.32 -1.82 -19.39
CA ALA A 167 9.81 -0.77 -18.52
C ALA A 167 10.13 0.59 -19.15
N ARG A 168 11.35 0.74 -19.70
CA ARG A 168 11.75 1.98 -20.36
C ARG A 168 10.92 2.20 -21.63
N PHE A 169 10.73 1.13 -22.42
CA PHE A 169 9.96 1.13 -23.65
C PHE A 169 8.52 1.59 -23.40
N ARG A 170 7.89 1.04 -22.33
CA ARG A 170 6.50 1.35 -21.94
C ARG A 170 6.37 2.76 -21.44
N TYR A 171 7.42 3.29 -20.80
CA TYR A 171 7.46 4.69 -20.35
C TYR A 171 7.44 5.60 -21.61
N LEU A 172 8.34 5.32 -22.57
CA LEU A 172 8.47 6.08 -23.82
C LEU A 172 7.21 6.03 -24.66
N MET A 173 6.61 4.84 -24.78
CA MET A 173 5.35 4.59 -25.50
C MET A 173 4.23 5.44 -24.87
N GLY A 174 4.14 5.39 -23.55
CA GLY A 174 3.16 6.15 -22.77
C GLY A 174 3.24 7.65 -22.97
N GLU A 175 4.48 8.17 -23.03
CA GLU A 175 4.75 9.58 -23.27
C GLU A 175 4.26 10.01 -24.66
N ARG A 176 4.50 9.16 -25.68
CA ARG A 176 4.06 9.44 -27.06
C ARG A 176 2.55 9.38 -27.19
N LEU A 177 1.88 8.44 -26.50
CA LEU A 177 0.45 8.28 -26.65
C LEU A 177 -0.40 9.07 -25.66
N GLY A 178 0.21 9.61 -24.60
CA GLY A 178 -0.51 10.34 -23.54
C GLY A 178 -1.37 9.38 -22.71
N VAL A 179 -0.83 8.16 -22.46
CA VAL A 179 -1.48 7.08 -21.71
C VAL A 179 -0.49 6.59 -20.64
N HIS A 180 -0.98 6.21 -19.43
CA HIS A 180 -0.09 5.70 -18.37
C HIS A 180 0.67 4.43 -18.89
N PRO A 181 1.97 4.22 -18.56
CA PRO A 181 2.67 2.99 -19.03
C PRO A 181 1.98 1.67 -18.70
N LEU A 182 1.21 1.62 -17.60
CA LEU A 182 0.44 0.42 -17.20
C LEU A 182 -0.54 -0.02 -18.29
N SER A 183 -1.06 0.96 -19.07
CA SER A 183 -2.03 0.70 -20.14
C SER A 183 -1.40 0.61 -21.54
N CYS A 184 -0.07 0.78 -21.63
CA CYS A 184 0.71 0.69 -22.88
C CYS A 184 1.50 -0.60 -22.87
N HIS A 185 1.01 -1.61 -23.60
CA HIS A 185 1.65 -2.92 -23.63
C HIS A 185 2.64 -3.05 -24.78
N GLY A 186 3.76 -3.69 -24.48
CA GLY A 186 4.84 -3.86 -25.44
C GLY A 186 5.96 -4.62 -24.78
N TRP A 187 6.58 -5.50 -25.56
CA TRP A 187 7.61 -6.41 -25.09
C TRP A 187 8.92 -6.26 -25.82
N VAL A 188 9.99 -6.09 -25.05
CA VAL A 188 11.37 -6.01 -25.49
C VAL A 188 11.98 -7.31 -24.96
N LEU A 189 12.43 -8.18 -25.88
CA LEU A 189 12.94 -9.50 -25.57
C LEU A 189 14.36 -9.75 -26.07
N GLY A 190 14.86 -10.94 -25.84
CA GLY A 190 16.18 -11.35 -26.27
C GLY A 190 17.25 -10.94 -25.28
N GLU A 191 18.36 -10.42 -25.82
CA GLU A 191 19.53 -10.03 -25.06
C GLU A 191 19.31 -8.69 -24.40
N HIS A 192 19.57 -8.61 -23.11
CA HIS A 192 19.43 -7.34 -22.40
C HIS A 192 20.40 -6.29 -22.96
N GLY A 193 19.93 -5.04 -23.03
CA GLY A 193 20.77 -3.92 -23.41
C GLY A 193 20.76 -3.56 -24.87
N ASP A 194 21.95 -3.30 -25.44
CA ASP A 194 22.16 -2.84 -26.81
C ASP A 194 21.48 -3.69 -27.89
N SER A 195 21.51 -5.01 -27.74
CA SER A 195 21.00 -5.94 -28.74
C SER A 195 19.58 -6.47 -28.50
N SER A 196 18.81 -5.81 -27.63
CA SER A 196 17.45 -6.25 -27.32
C SER A 196 16.53 -6.14 -28.57
N VAL A 197 15.42 -6.91 -28.56
CA VAL A 197 14.48 -6.97 -29.67
C VAL A 197 13.09 -6.44 -29.28
N PRO A 198 12.61 -5.34 -29.90
CA PRO A 198 11.23 -4.91 -29.65
C PRO A 198 10.28 -5.77 -30.48
N VAL A 199 9.28 -6.43 -29.86
CA VAL A 199 8.35 -7.29 -30.59
C VAL A 199 7.18 -6.37 -31.01
N TRP A 200 7.31 -5.76 -32.19
CA TRP A 200 6.30 -4.82 -32.72
C TRP A 200 4.90 -5.39 -32.80
N SER A 201 4.73 -6.70 -33.07
CA SER A 201 3.42 -7.36 -33.19
C SER A 201 2.58 -7.33 -31.91
N GLY A 202 3.23 -7.25 -30.75
CA GLY A 202 2.54 -7.22 -29.47
C GLY A 202 2.27 -5.85 -28.88
N MET A 203 2.78 -4.78 -29.53
CA MET A 203 2.63 -3.40 -29.06
C MET A 203 1.15 -2.99 -29.20
N ASN A 204 0.47 -2.74 -28.06
CA ASN A 204 -0.95 -2.44 -28.13
C ASN A 204 -1.47 -1.61 -26.97
N VAL A 205 -2.64 -1.02 -27.20
CA VAL A 205 -3.38 -0.33 -26.16
C VAL A 205 -4.76 -0.95 -26.23
N ALA A 206 -5.25 -1.47 -25.10
CA ALA A 206 -6.57 -2.07 -24.99
C ALA A 206 -6.82 -3.20 -26.00
N GLY A 207 -5.78 -3.99 -26.29
CA GLY A 207 -5.85 -5.07 -27.26
C GLY A 207 -5.86 -4.64 -28.72
N VAL A 208 -5.67 -3.35 -29.00
CA VAL A 208 -5.64 -2.83 -30.38
C VAL A 208 -4.16 -2.79 -30.80
N SER A 209 -3.77 -3.68 -31.71
CA SER A 209 -2.42 -3.77 -32.23
C SER A 209 -2.03 -2.52 -33.02
N LEU A 210 -0.94 -1.87 -32.61
CA LEU A 210 -0.43 -0.69 -33.29
C LEU A 210 0.13 -1.06 -34.69
N LYS A 211 0.67 -2.28 -34.84
CA LYS A 211 1.24 -2.78 -36.09
C LYS A 211 0.15 -3.00 -37.14
N THR A 212 -1.04 -3.47 -36.70
CA THR A 212 -2.19 -3.68 -37.58
C THR A 212 -2.70 -2.35 -38.12
N LEU A 213 -2.79 -1.33 -37.23
CA LEU A 213 -3.25 0.01 -37.59
C LEU A 213 -2.21 0.73 -38.46
N HIS A 214 -0.92 0.52 -38.18
CA HIS A 214 0.19 1.22 -38.81
C HIS A 214 1.22 0.20 -39.30
N PRO A 215 1.03 -0.41 -40.49
CA PRO A 215 1.96 -1.46 -40.95
C PRO A 215 3.45 -1.08 -41.01
N ASP A 216 3.80 0.21 -41.12
CA ASP A 216 5.22 0.66 -41.13
C ASP A 216 5.86 0.66 -39.74
N LEU A 217 5.08 0.38 -38.67
CA LEU A 217 5.56 0.34 -37.28
C LEU A 217 6.77 -0.56 -37.14
N GLY A 218 7.85 0.02 -36.64
CA GLY A 218 9.11 -0.70 -36.44
C GLY A 218 10.02 -0.78 -37.64
N THR A 219 9.59 -0.26 -38.81
CA THR A 219 10.42 -0.25 -40.00
C THR A 219 11.13 1.10 -40.10
N ASP A 220 12.23 1.13 -40.88
CA ASP A 220 13.02 2.34 -41.11
C ASP A 220 12.28 3.34 -42.00
N LYS A 221 11.35 2.86 -42.87
CA LYS A 221 10.58 3.70 -43.78
C LYS A 221 9.35 4.39 -43.12
N ASP A 222 9.16 4.19 -41.80
CA ASP A 222 8.06 4.77 -41.03
C ASP A 222 8.20 6.26 -40.90
N LYS A 223 7.21 6.97 -41.43
CA LYS A 223 7.17 8.42 -41.43
C LYS A 223 7.06 9.01 -40.01
N GLU A 224 6.52 8.22 -39.07
CA GLU A 224 6.36 8.64 -37.67
C GLU A 224 7.52 8.20 -36.77
N GLN A 225 8.43 7.36 -37.32
CA GLN A 225 9.64 6.84 -36.67
C GLN A 225 9.36 6.15 -35.35
N TRP A 226 8.39 5.20 -35.33
CA TRP A 226 8.05 4.48 -34.10
C TRP A 226 9.17 3.60 -33.61
N LYS A 227 10.11 3.21 -34.51
CA LYS A 227 11.30 2.42 -34.20
C LYS A 227 12.20 3.17 -33.21
N GLU A 228 12.10 4.52 -33.21
CA GLU A 228 12.86 5.37 -32.28
C GLU A 228 12.41 5.17 -30.86
N VAL A 229 11.20 4.61 -30.62
CA VAL A 229 10.72 4.29 -29.27
C VAL A 229 11.65 3.20 -28.66
N HIS A 230 12.13 2.23 -29.48
CA HIS A 230 13.07 1.22 -28.97
C HIS A 230 14.49 1.80 -28.96
N LYS A 231 14.86 2.57 -30.01
CA LYS A 231 16.18 3.20 -30.09
C LYS A 231 16.42 4.14 -28.90
N GLN A 232 15.37 4.87 -28.46
CA GLN A 232 15.45 5.78 -27.32
C GLN A 232 15.60 5.02 -26.01
N VAL A 233 15.21 3.73 -25.95
CA VAL A 233 15.41 2.89 -24.76
C VAL A 233 16.94 2.79 -24.55
N VAL A 234 17.67 2.41 -25.64
CA VAL A 234 19.11 2.25 -25.59
C VAL A 234 19.79 3.61 -25.37
N GLU A 235 19.38 4.66 -26.12
CA GLU A 235 19.93 6.02 -25.99
C GLU A 235 19.74 6.58 -24.60
N SER A 236 18.51 6.43 -24.02
CA SER A 236 18.20 6.91 -22.67
C SER A 236 19.10 6.26 -21.62
N ALA A 237 19.44 4.96 -21.78
CA ALA A 237 20.34 4.23 -20.87
C ALA A 237 21.74 4.86 -20.85
N TYR A 238 22.33 5.12 -22.04
CA TYR A 238 23.62 5.78 -22.17
C TYR A 238 23.55 7.20 -21.65
N GLU A 239 22.42 7.89 -21.92
CA GLU A 239 22.22 9.26 -21.48
C GLU A 239 22.22 9.37 -19.97
N VAL A 240 21.53 8.46 -19.26
CA VAL A 240 21.49 8.45 -17.79
C VAL A 240 22.90 8.29 -17.22
N ILE A 241 23.71 7.35 -17.78
CA ILE A 241 25.09 7.13 -17.33
C ILE A 241 25.92 8.41 -17.55
N LYS A 242 25.76 9.05 -18.73
CA LYS A 242 26.44 10.30 -19.06
C LYS A 242 26.09 11.44 -18.06
N LEU A 243 24.80 11.55 -17.70
CA LEU A 243 24.30 12.61 -16.82
C LEU A 243 24.54 12.39 -15.31
N LYS A 244 24.29 11.19 -14.76
CA LYS A 244 24.48 10.98 -13.32
C LYS A 244 25.54 9.92 -12.97
N GLY A 245 26.01 9.14 -13.96
CA GLY A 245 27.08 8.16 -13.77
C GLY A 245 26.67 6.73 -13.56
N TYR A 246 25.36 6.47 -13.32
CA TYR A 246 24.82 5.14 -13.03
C TYR A 246 23.30 5.20 -13.07
N THR A 247 22.64 4.03 -13.06
CA THR A 247 21.19 3.93 -12.98
C THR A 247 20.91 3.17 -11.69
N SER A 248 19.92 3.64 -10.94
CA SER A 248 19.58 2.98 -9.68
C SER A 248 18.08 2.84 -9.46
N TRP A 249 17.32 3.97 -9.47
CA TRP A 249 15.88 3.98 -9.17
C TRP A 249 15.05 3.06 -10.05
N ALA A 250 15.18 3.17 -11.38
CA ALA A 250 14.40 2.38 -12.34
C ALA A 250 14.69 0.90 -12.24
N ILE A 251 15.96 0.50 -12.14
CA ILE A 251 16.31 -0.92 -11.98
C ILE A 251 15.82 -1.45 -10.61
N GLY A 252 15.94 -0.63 -9.55
CA GLY A 252 15.49 -0.99 -8.21
C GLY A 252 14.00 -1.29 -8.19
N LEU A 253 13.20 -0.41 -8.83
CA LEU A 253 11.75 -0.58 -8.93
C LEU A 253 11.34 -1.81 -9.75
N SER A 254 12.05 -2.07 -10.86
CA SER A 254 11.80 -3.25 -11.72
C SER A 254 12.11 -4.57 -11.00
N VAL A 255 13.21 -4.60 -10.24
CA VAL A 255 13.62 -5.77 -9.45
C VAL A 255 12.59 -6.05 -8.36
N ALA A 256 12.09 -5.02 -7.67
CA ALA A 256 11.08 -5.20 -6.62
C ALA A 256 9.79 -5.78 -7.20
N ASP A 257 9.48 -5.44 -8.46
CA ASP A 257 8.29 -5.95 -9.13
C ASP A 257 8.44 -7.46 -9.39
N LEU A 258 9.65 -7.93 -9.77
CA LEU A 258 9.91 -9.36 -9.97
C LEU A 258 9.83 -10.08 -8.61
N ALA A 259 10.47 -9.46 -7.57
CA ALA A 259 10.46 -9.99 -6.19
C ALA A 259 9.02 -10.14 -5.68
N GLU A 260 8.12 -9.21 -6.04
CA GLU A 260 6.72 -9.30 -5.60
C GLU A 260 6.02 -10.53 -6.18
N SER A 261 6.20 -10.80 -7.49
CA SER A 261 5.58 -12.00 -8.09
C SER A 261 6.11 -13.30 -7.48
N ILE A 262 7.43 -13.35 -7.26
CA ILE A 262 8.07 -14.52 -6.65
C ILE A 262 7.61 -14.73 -5.22
N MET A 263 7.73 -13.70 -4.35
CA MET A 263 7.37 -13.79 -2.93
C MET A 263 5.90 -14.05 -2.68
N LYS A 264 5.04 -13.47 -3.50
CA LYS A 264 3.59 -13.62 -3.31
C LYS A 264 2.96 -14.70 -4.20
N ASN A 265 3.79 -15.44 -4.98
CA ASN A 265 3.37 -16.50 -5.91
C ASN A 265 2.26 -15.99 -6.89
N LEU A 266 2.45 -14.79 -7.42
CA LEU A 266 1.42 -14.17 -8.26
C LEU A 266 1.16 -14.85 -9.59
N ARG A 267 2.20 -15.43 -10.22
CA ARG A 267 2.07 -16.04 -11.54
C ARG A 267 1.72 -14.96 -12.60
N ARG A 268 2.36 -13.77 -12.48
CA ARG A 268 2.24 -12.71 -13.47
C ARG A 268 3.31 -13.01 -14.50
N VAL A 269 3.18 -12.42 -15.67
CA VAL A 269 4.12 -12.62 -16.78
C VAL A 269 5.06 -11.44 -16.85
N HIS A 270 6.38 -11.70 -16.85
CA HIS A 270 7.42 -10.69 -16.88
C HIS A 270 8.46 -11.02 -17.93
N PRO A 271 9.11 -10.01 -18.55
CA PRO A 271 10.21 -10.32 -19.50
C PRO A 271 11.50 -10.51 -18.71
N VAL A 272 11.87 -11.77 -18.47
CA VAL A 272 13.07 -12.09 -17.71
C VAL A 272 13.92 -13.10 -18.47
N SER A 273 15.20 -13.19 -18.11
CA SER A 273 16.13 -14.08 -18.77
C SER A 273 16.02 -15.51 -18.23
N THR A 274 15.76 -16.45 -19.14
CA THR A 274 15.61 -17.87 -18.82
C THR A 274 16.38 -18.70 -19.85
N MET A 275 16.64 -19.97 -19.52
CA MET A 275 17.32 -20.93 -20.40
C MET A 275 16.44 -21.10 -21.65
N ILE A 276 16.89 -20.53 -22.78
CA ILE A 276 16.15 -20.48 -24.06
C ILE A 276 16.39 -21.68 -25.00
N LYS A 277 17.29 -22.60 -24.63
CA LYS A 277 17.64 -23.76 -25.45
C LYS A 277 16.41 -24.56 -25.86
N GLY A 278 16.26 -24.81 -27.16
CA GLY A 278 15.12 -25.52 -27.71
C GLY A 278 14.08 -24.61 -28.34
N LEU A 279 14.28 -23.29 -28.25
CA LEU A 279 13.38 -22.29 -28.83
C LEU A 279 14.11 -21.43 -29.84
N TYR A 280 13.37 -20.98 -30.87
CA TYR A 280 13.85 -20.09 -31.94
C TYR A 280 15.11 -20.60 -32.65
N GLY A 281 15.20 -21.93 -32.77
CA GLY A 281 16.33 -22.60 -33.39
C GLY A 281 17.59 -22.57 -32.54
N ILE A 282 17.49 -22.10 -31.27
CA ILE A 282 18.63 -22.02 -30.35
C ILE A 282 18.95 -23.38 -29.76
N LYS A 283 20.20 -23.82 -29.95
CA LYS A 283 20.69 -25.13 -29.51
C LYS A 283 21.68 -25.04 -28.34
N ASP A 284 22.19 -23.84 -28.04
CA ASP A 284 23.17 -23.63 -26.97
C ASP A 284 22.54 -23.32 -25.60
N ASP A 285 23.31 -23.53 -24.52
CA ASP A 285 22.92 -23.26 -23.13
C ASP A 285 23.02 -21.75 -22.90
N VAL A 286 22.05 -21.01 -23.42
CA VAL A 286 22.04 -19.57 -23.30
C VAL A 286 20.74 -19.09 -22.66
N PHE A 287 20.86 -17.98 -21.95
CA PHE A 287 19.76 -17.35 -21.26
C PHE A 287 19.38 -16.08 -21.99
N LEU A 288 18.12 -16.00 -22.43
CA LEU A 288 17.57 -14.84 -23.12
C LEU A 288 16.20 -14.54 -22.56
N SER A 289 15.76 -13.28 -22.71
CA SER A 289 14.44 -12.89 -22.21
C SER A 289 13.28 -13.28 -23.11
N VAL A 290 12.30 -13.92 -22.50
CA VAL A 290 10.99 -14.25 -23.06
C VAL A 290 10.00 -13.92 -21.94
N PRO A 291 8.67 -13.81 -22.21
CA PRO A 291 7.71 -13.55 -21.12
C PRO A 291 7.60 -14.83 -20.28
N CYS A 292 7.92 -14.73 -18.99
CA CYS A 292 7.90 -15.87 -18.06
C CYS A 292 6.86 -15.67 -16.99
N ILE A 293 6.24 -16.77 -16.56
CA ILE A 293 5.29 -16.77 -15.45
C ILE A 293 6.14 -16.96 -14.19
N LEU A 294 6.09 -15.96 -13.27
CA LEU A 294 6.88 -15.93 -12.04
C LEU A 294 6.02 -16.21 -10.83
N GLY A 295 6.49 -17.13 -10.00
CA GLY A 295 5.81 -17.54 -8.78
C GLY A 295 6.77 -18.06 -7.73
N GLN A 296 6.24 -18.81 -6.75
CA GLN A 296 7.02 -19.31 -5.63
C GLN A 296 8.12 -20.32 -6.02
N ASN A 297 8.04 -20.96 -7.20
CA ASN A 297 9.09 -21.86 -7.66
C ASN A 297 9.93 -21.18 -8.76
N GLY A 298 9.86 -19.85 -8.84
CA GLY A 298 10.60 -19.10 -9.84
C GLY A 298 9.88 -19.10 -11.17
N ILE A 299 10.56 -19.51 -12.26
CA ILE A 299 9.95 -19.57 -13.61
C ILE A 299 9.31 -20.95 -13.78
N SER A 300 7.98 -21.04 -13.67
CA SER A 300 7.29 -22.32 -13.83
C SER A 300 6.88 -22.57 -15.29
N ASP A 301 6.76 -21.50 -16.05
CA ASP A 301 6.27 -21.54 -17.42
C ASP A 301 6.78 -20.34 -18.16
N LEU A 302 6.74 -20.42 -19.49
CA LEU A 302 7.08 -19.32 -20.38
C LEU A 302 6.08 -19.22 -21.52
N VAL A 303 5.87 -18.01 -22.02
CA VAL A 303 4.98 -17.73 -23.14
C VAL A 303 5.77 -17.92 -24.43
N LYS A 304 5.22 -18.69 -25.37
CA LYS A 304 5.85 -18.94 -26.67
C LYS A 304 5.41 -17.84 -27.63
N VAL A 305 6.15 -16.74 -27.66
CA VAL A 305 5.88 -15.59 -28.51
C VAL A 305 6.15 -15.93 -29.98
N THR A 306 5.21 -15.60 -30.86
CA THR A 306 5.39 -15.79 -32.31
C THR A 306 6.28 -14.62 -32.75
N LEU A 307 7.47 -14.94 -33.24
CA LEU A 307 8.41 -13.94 -33.71
C LEU A 307 8.48 -13.97 -35.23
N THR A 308 8.83 -12.83 -35.85
CA THR A 308 9.03 -12.75 -37.30
C THR A 308 10.42 -13.36 -37.57
N SER A 309 10.72 -13.68 -38.84
CA SER A 309 12.02 -14.23 -39.21
C SER A 309 13.17 -13.32 -38.82
N GLU A 310 12.98 -12.00 -38.92
CA GLU A 310 13.96 -10.99 -38.52
C GLU A 310 14.20 -11.02 -37.00
N GLU A 311 13.11 -11.10 -36.20
CA GLU A 311 13.16 -11.17 -34.73
C GLU A 311 13.86 -12.42 -34.27
N GLU A 312 13.51 -13.58 -34.88
CA GLU A 312 14.13 -14.87 -34.58
CA GLU A 312 14.11 -14.87 -34.59
C GLU A 312 15.63 -14.81 -34.91
N ALA A 313 16.00 -14.26 -36.08
CA ALA A 313 17.40 -14.14 -36.52
C ALA A 313 18.22 -13.33 -35.53
N ARG A 314 17.63 -12.27 -34.94
CA ARG A 314 18.30 -11.42 -33.95
C ARG A 314 18.56 -12.17 -32.63
N LEU A 315 17.59 -13.01 -32.19
CA LEU A 315 17.74 -13.80 -30.96
C LEU A 315 18.80 -14.88 -31.16
N LYS A 316 18.82 -15.49 -32.35
CA LYS A 316 19.77 -16.55 -32.69
C LYS A 316 21.19 -15.96 -32.77
N LYS A 317 21.34 -14.75 -33.32
CA LYS A 317 22.62 -14.03 -33.38
C LYS A 317 23.15 -13.72 -31.98
N SER A 318 22.24 -13.27 -31.07
CA SER A 318 22.57 -13.00 -29.67
C SER A 318 23.01 -14.29 -28.98
N ALA A 319 22.30 -15.41 -29.24
CA ALA A 319 22.64 -16.71 -28.66
C ALA A 319 24.04 -17.16 -29.10
N ASP A 320 24.37 -16.96 -30.40
CA ASP A 320 25.70 -17.30 -30.94
C ASP A 320 26.79 -16.47 -30.28
N THR A 321 26.56 -15.15 -30.13
CA THR A 321 27.52 -14.24 -29.47
C THR A 321 27.69 -14.63 -28.00
N LEU A 322 26.59 -14.75 -27.24
CA LEU A 322 26.66 -15.14 -25.82
C LEU A 322 27.36 -16.48 -25.62
N TRP A 323 27.00 -17.52 -26.43
CA TRP A 323 27.63 -18.83 -26.32
C TRP A 323 29.13 -18.79 -26.63
N GLY A 324 29.51 -17.97 -27.61
CA GLY A 324 30.91 -17.75 -28.00
C GLY A 324 31.76 -17.29 -26.84
N ILE A 325 31.20 -16.39 -25.99
CA ILE A 325 31.87 -15.87 -24.78
C ILE A 325 31.84 -16.95 -23.69
N GLN A 326 30.68 -17.59 -23.48
CA GLN A 326 30.45 -18.60 -22.44
C GLN A 326 31.31 -19.84 -22.53
N LYS A 327 31.55 -20.34 -23.76
CA LYS A 327 32.34 -21.55 -23.96
C LYS A 327 33.83 -21.37 -23.55
N GLU A 328 34.33 -20.12 -23.58
CA GLU A 328 35.70 -19.78 -23.22
C GLU A 328 35.87 -19.47 -21.73
N LEU A 329 34.76 -19.41 -20.95
CA LEU A 329 34.82 -19.10 -19.52
C LEU A 329 35.39 -20.23 -18.70
N GLN A 330 36.14 -19.87 -17.66
CA GLN A 330 36.78 -20.81 -16.77
C GLN A 330 36.32 -20.61 -15.33
N PHE A 331 35.54 -21.57 -14.81
CA PHE A 331 35.04 -21.52 -13.42
C PHE A 331 34.89 -22.90 -12.78
N ALA B 1 -3.08 12.41 -40.57
CA ALA B 1 -3.29 11.66 -39.35
C ALA B 1 -2.02 10.95 -38.87
N THR B 2 -1.94 10.79 -37.56
CA THR B 2 -0.86 10.14 -36.84
C THR B 2 -1.41 8.82 -36.26
N LEU B 3 -0.51 7.95 -35.78
CA LEU B 3 -0.90 6.69 -35.13
C LEU B 3 -1.72 7.02 -33.86
N LYS B 4 -1.30 8.04 -33.08
CA LYS B 4 -2.00 8.48 -31.87
C LYS B 4 -3.46 8.83 -32.19
N ASP B 5 -3.71 9.60 -33.25
CA ASP B 5 -5.05 10.00 -33.69
C ASP B 5 -5.85 8.85 -34.32
N GLN B 6 -5.16 7.86 -34.90
CA GLN B 6 -5.78 6.65 -35.45
C GLN B 6 -6.29 5.77 -34.29
N LEU B 7 -5.45 5.63 -33.23
CA LEU B 7 -5.73 4.79 -32.08
C LEU B 7 -6.70 5.45 -31.07
N ILE B 8 -6.50 6.74 -30.78
CA ILE B 8 -7.23 7.47 -29.75
C ILE B 8 -8.07 8.64 -30.29
N TYR B 9 -9.36 8.64 -29.94
CA TYR B 9 -10.26 9.76 -30.24
C TYR B 9 -10.28 10.68 -29.01
N ASN B 10 -9.94 11.95 -29.21
CA ASN B 10 -9.89 12.94 -28.13
C ASN B 10 -11.24 13.59 -27.86
N LEU B 11 -11.68 13.59 -26.58
CA LEU B 11 -12.93 14.22 -26.16
C LEU B 11 -12.67 15.68 -25.80
N LEU B 12 -11.52 15.96 -25.15
CA LEU B 12 -11.04 17.32 -24.81
C LEU B 12 -9.55 17.31 -24.57
N LYS B 13 -8.89 18.40 -24.95
CA LYS B 13 -7.44 18.49 -24.78
C LYS B 13 -7.08 19.63 -23.80
N GLU B 14 -7.92 19.79 -22.74
CA GLU B 14 -7.74 20.81 -21.71
C GLU B 14 -6.48 20.53 -20.90
N GLU B 15 -5.44 21.38 -21.09
CA GLU B 15 -4.17 21.29 -20.38
C GLU B 15 -4.41 21.66 -18.92
N GLN B 16 -4.60 20.62 -18.09
CA GLN B 16 -4.94 20.74 -16.68
C GLN B 16 -3.70 20.85 -15.76
N THR B 17 -3.94 21.15 -14.47
CA THR B 17 -2.91 21.38 -13.46
C THR B 17 -2.93 20.29 -12.37
N PRO B 18 -1.77 19.95 -11.76
CA PRO B 18 -1.79 18.93 -10.70
C PRO B 18 -2.50 19.37 -9.43
N GLN B 19 -3.25 18.44 -8.85
CA GLN B 19 -4.01 18.65 -7.62
C GLN B 19 -3.14 18.43 -6.36
N ASN B 20 -2.08 17.62 -6.46
CA ASN B 20 -1.25 17.24 -5.30
C ASN B 20 0.21 17.21 -5.65
N LYS B 21 0.76 18.37 -5.96
CA LYS B 21 2.16 18.47 -6.38
C LYS B 21 3.11 18.67 -5.22
N ILE B 22 4.25 18.00 -5.31
CA ILE B 22 5.34 18.11 -4.34
C ILE B 22 6.60 18.48 -5.12
N THR B 23 7.41 19.38 -4.58
CA THR B 23 8.70 19.75 -5.16
C THR B 23 9.79 19.36 -4.17
N VAL B 24 10.91 18.82 -4.68
CA VAL B 24 12.09 18.56 -3.87
C VAL B 24 13.19 19.46 -4.45
N VAL B 25 13.81 20.32 -3.60
CA VAL B 25 14.88 21.24 -3.99
C VAL B 25 16.21 20.69 -3.47
N GLY B 26 17.05 20.28 -4.41
CA GLY B 26 18.35 19.68 -4.13
C GLY B 26 18.24 18.19 -4.32
N VAL B 27 18.79 17.67 -5.40
CA VAL B 27 18.66 16.25 -5.71
C VAL B 27 19.92 15.45 -5.28
N GLY B 28 20.35 15.66 -4.04
CA GLY B 28 21.46 14.90 -3.48
C GLY B 28 20.98 13.59 -2.89
N ALA B 29 21.82 13.01 -2.01
CA ALA B 29 21.50 11.76 -1.33
C ALA B 29 20.18 11.87 -0.57
N VAL B 30 19.99 12.96 0.21
CA VAL B 30 18.78 13.21 1.01
C VAL B 30 17.58 13.49 0.11
N GLY B 31 17.78 14.38 -0.86
CA GLY B 31 16.74 14.76 -1.80
C GLY B 31 16.16 13.61 -2.59
N MET B 32 17.03 12.75 -3.13
CA MET B 32 16.54 11.61 -3.91
C MET B 32 15.91 10.53 -3.02
N ALA B 33 16.42 10.33 -1.78
CA ALA B 33 15.80 9.37 -0.86
C ALA B 33 14.38 9.89 -0.44
N CYS B 34 14.20 11.21 -0.32
CA CYS B 34 12.86 11.77 -0.06
C CYS B 34 11.96 11.51 -1.27
N ALA B 35 12.49 11.73 -2.48
CA ALA B 35 11.73 11.58 -3.72
C ALA B 35 11.25 10.13 -3.89
N ILE B 36 12.16 9.13 -3.79
CA ILE B 36 11.80 7.72 -3.96
C ILE B 36 10.76 7.29 -2.91
N SER B 37 10.91 7.76 -1.66
CA SER B 37 9.98 7.42 -0.59
C SER B 37 8.60 8.02 -0.84
N ILE B 38 8.57 9.27 -1.33
CA ILE B 38 7.33 10.00 -1.66
C ILE B 38 6.61 9.34 -2.83
N LEU B 39 7.40 8.89 -3.83
CA LEU B 39 6.85 8.21 -5.01
C LEU B 39 6.28 6.84 -4.63
N MET B 40 6.99 6.10 -3.76
CA MET B 40 6.53 4.77 -3.38
C MET B 40 5.35 4.81 -2.41
N LYS B 41 5.05 5.98 -1.83
CA LYS B 41 3.91 6.13 -0.94
C LYS B 41 2.68 6.74 -1.65
N ASP B 42 2.74 6.98 -2.98
CA ASP B 42 1.64 7.56 -3.78
C ASP B 42 1.09 8.86 -3.17
N LEU B 43 1.97 9.77 -2.81
CA LEU B 43 1.54 11.01 -2.16
C LEU B 43 1.27 12.16 -3.11
N ALA B 44 1.87 12.11 -4.30
CA ALA B 44 1.80 13.19 -5.28
C ALA B 44 1.28 12.74 -6.62
N ASP B 45 0.67 13.68 -7.36
CA ASP B 45 0.23 13.43 -8.74
C ASP B 45 1.26 14.02 -9.68
N GLU B 46 2.14 14.85 -9.12
CA GLU B 46 3.24 15.49 -9.85
C GLU B 46 4.40 15.73 -8.90
N LEU B 47 5.60 15.35 -9.32
CA LEU B 47 6.81 15.58 -8.57
C LEU B 47 7.74 16.48 -9.40
N ALA B 48 8.19 17.61 -8.79
CA ALA B 48 9.12 18.53 -9.45
C ALA B 48 10.44 18.47 -8.69
N LEU B 49 11.55 18.40 -9.43
CA LEU B 49 12.89 18.38 -8.85
C LEU B 49 13.64 19.62 -9.32
N VAL B 50 14.36 20.26 -8.40
CA VAL B 50 15.14 21.47 -8.72
C VAL B 50 16.54 21.27 -8.15
N ASP B 51 17.55 21.75 -8.88
CA ASP B 51 18.95 21.73 -8.48
C ASP B 51 19.68 22.79 -9.32
N VAL B 52 20.95 23.01 -9.04
CA VAL B 52 21.79 23.93 -9.81
C VAL B 52 22.72 23.15 -10.76
N ILE B 53 22.97 21.84 -10.48
CA ILE B 53 23.77 20.97 -11.34
C ILE B 53 22.81 20.34 -12.35
N GLU B 54 22.78 20.90 -13.56
CA GLU B 54 21.84 20.54 -14.60
C GLU B 54 21.92 19.11 -15.11
N ASP B 55 23.12 18.54 -15.29
CA ASP B 55 23.25 17.16 -15.79
C ASP B 55 22.73 16.14 -14.78
N LYS B 56 23.17 16.25 -13.52
CA LYS B 56 22.77 15.38 -12.42
C LYS B 56 21.23 15.45 -12.25
N LEU B 57 20.67 16.67 -12.29
CA LEU B 57 19.23 16.91 -12.19
C LEU B 57 18.46 16.17 -13.27
N LYS B 58 18.89 16.31 -14.55
CA LYS B 58 18.25 15.64 -15.67
C LYS B 58 18.35 14.12 -15.55
N GLY B 59 19.54 13.61 -15.17
CA GLY B 59 19.78 12.18 -15.01
C GLY B 59 18.91 11.56 -13.92
N GLU B 60 18.72 12.30 -12.81
CA GLU B 60 17.91 11.85 -11.66
C GLU B 60 16.44 11.81 -12.07
N MET B 61 15.97 12.88 -12.75
CA MET B 61 14.61 12.96 -13.29
C MET B 61 14.33 11.76 -14.21
N MET B 62 15.22 11.52 -15.19
CA MET B 62 15.08 10.41 -16.15
C MET B 62 15.03 9.05 -15.47
N ASP B 63 15.93 8.81 -14.52
CA ASP B 63 16.00 7.57 -13.77
C ASP B 63 14.66 7.30 -13.04
N LEU B 64 14.05 8.33 -12.41
CA LEU B 64 12.75 8.19 -11.76
C LEU B 64 11.65 7.94 -12.80
N GLN B 65 11.67 8.72 -13.91
CA GLN B 65 10.69 8.56 -15.01
C GLN B 65 10.70 7.16 -15.58
N HIS B 66 11.89 6.55 -15.73
CA HIS B 66 12.01 5.19 -16.26
C HIS B 66 11.36 4.11 -15.39
N GLY B 67 11.08 4.42 -14.13
CA GLY B 67 10.41 3.54 -13.18
C GLY B 67 8.91 3.80 -13.07
N SER B 68 8.35 4.68 -13.95
CA SER B 68 6.92 5.08 -13.99
C SER B 68 5.93 3.93 -14.03
N LEU B 69 6.30 2.85 -14.75
CA LEU B 69 5.47 1.66 -14.88
C LEU B 69 5.14 1.05 -13.51
N PHE B 70 6.05 1.20 -12.54
CA PHE B 70 5.90 0.64 -11.19
C PHE B 70 5.40 1.66 -10.17
N LEU B 71 5.07 2.88 -10.64
CA LEU B 71 4.60 3.98 -9.77
C LEU B 71 3.18 4.42 -10.13
N ARG B 72 2.63 5.36 -9.34
CA ARG B 72 1.30 5.94 -9.59
CA ARG B 72 1.29 5.94 -9.51
C ARG B 72 1.39 7.48 -9.49
N THR B 73 2.53 8.04 -9.95
CA THR B 73 2.80 9.49 -10.03
C THR B 73 3.00 9.70 -11.53
N PRO B 74 1.95 10.17 -12.24
CA PRO B 74 2.02 10.23 -13.71
C PRO B 74 2.94 11.28 -14.31
N LYS B 75 3.37 12.28 -13.53
CA LYS B 75 4.22 13.33 -14.05
C LYS B 75 5.41 13.65 -13.14
N ILE B 76 6.62 13.48 -13.67
CA ILE B 76 7.87 13.83 -13.02
C ILE B 76 8.57 14.84 -13.93
N VAL B 77 8.83 16.04 -13.40
CA VAL B 77 9.46 17.16 -14.09
C VAL B 77 10.67 17.66 -13.31
N SER B 78 11.56 18.40 -13.99
CA SER B 78 12.74 18.99 -13.36
C SER B 78 13.19 20.22 -14.13
N GLY B 79 13.96 21.06 -13.45
CA GLY B 79 14.53 22.27 -14.02
C GLY B 79 15.27 23.12 -13.01
N LYS B 80 16.19 23.93 -13.51
CA LYS B 80 16.95 24.91 -12.73
C LYS B 80 15.99 26.10 -12.44
N ASP B 81 15.06 26.37 -13.37
CA ASP B 81 14.07 27.44 -13.28
C ASP B 81 12.89 26.94 -12.41
N TYR B 82 12.44 27.78 -11.48
CA TYR B 82 11.39 27.46 -10.51
C TYR B 82 9.99 27.46 -11.11
N ASN B 83 9.84 27.76 -12.41
CA ASN B 83 8.53 27.70 -13.06
C ASN B 83 7.99 26.26 -13.07
N VAL B 84 8.91 25.24 -13.05
CA VAL B 84 8.57 23.80 -13.00
C VAL B 84 7.88 23.45 -11.64
N THR B 85 8.05 24.29 -10.60
CA THR B 85 7.52 24.07 -9.24
C THR B 85 6.18 24.74 -8.98
N ALA B 86 5.62 25.47 -9.97
CA ALA B 86 4.37 26.19 -9.80
C ALA B 86 3.24 25.35 -9.24
N ASN B 87 2.57 25.94 -8.24
CA ASN B 87 1.42 25.43 -7.51
C ASN B 87 1.69 24.09 -6.79
N SER B 88 2.83 23.99 -6.09
CA SER B 88 3.16 22.84 -5.25
C SER B 88 2.42 23.04 -3.93
N LYS B 89 1.87 21.96 -3.37
CA LYS B 89 1.22 21.93 -2.06
C LYS B 89 2.32 21.88 -1.00
N LEU B 90 3.41 21.17 -1.32
CA LEU B 90 4.53 20.98 -0.40
C LEU B 90 5.87 21.14 -1.11
N VAL B 91 6.78 21.95 -0.52
CA VAL B 91 8.11 22.15 -1.10
C VAL B 91 9.14 21.75 -0.04
N ILE B 92 9.95 20.75 -0.38
CA ILE B 92 10.96 20.19 0.51
C ILE B 92 12.34 20.68 0.13
N ILE B 93 13.03 21.35 1.09
CA ILE B 93 14.38 21.89 0.87
C ILE B 93 15.46 20.97 1.45
N THR B 94 16.24 20.35 0.57
CA THR B 94 17.32 19.41 0.92
C THR B 94 18.59 19.88 0.18
N ALA B 95 18.67 21.18 -0.10
CA ALA B 95 19.73 21.81 -0.87
C ALA B 95 20.96 22.20 -0.05
N GLY B 96 22.07 22.34 -0.75
CA GLY B 96 23.36 22.72 -0.20
C GLY B 96 24.11 21.47 0.15
N ALA B 97 25.39 21.39 -0.28
CA ALA B 97 26.24 20.24 -0.01
C ALA B 97 26.21 19.85 1.48
N ARG B 98 26.27 18.55 1.76
CA ARG B 98 26.31 18.07 3.14
C ARG B 98 27.52 18.63 3.85
N GLN B 99 27.44 18.82 5.18
CA GLN B 99 28.59 19.33 5.93
C GLN B 99 29.82 18.45 5.67
N GLN B 100 30.95 19.08 5.40
CA GLN B 100 32.17 18.34 5.11
C GLN B 100 33.01 18.18 6.36
N GLU B 101 33.99 17.28 6.28
CA GLU B 101 34.95 16.99 7.35
C GLU B 101 35.73 18.29 7.66
N GLY B 102 35.81 18.64 8.92
CA GLY B 102 36.43 19.88 9.38
C GLY B 102 35.63 21.16 9.20
N GLU B 103 34.41 21.09 8.63
CA GLU B 103 33.56 22.27 8.44
C GLU B 103 32.79 22.60 9.72
N SER B 104 32.86 23.86 10.12
CA SER B 104 32.18 24.38 11.30
C SER B 104 30.70 24.60 11.01
N ARG B 105 29.88 24.63 12.08
CA ARG B 105 28.45 24.90 12.02
C ARG B 105 28.22 26.30 11.42
N LEU B 106 28.99 27.32 11.85
CA LEU B 106 28.88 28.69 11.34
C LEU B 106 29.06 28.78 9.80
N ASN B 107 30.10 28.10 9.28
CA ASN B 107 30.42 28.09 7.84
C ASN B 107 29.32 27.40 7.04
N LEU B 108 28.77 26.28 7.58
CA LEU B 108 27.64 25.56 7.00
C LEU B 108 26.39 26.48 6.92
N VAL B 109 26.14 27.28 7.99
CA VAL B 109 25.04 28.26 8.14
C VAL B 109 25.16 29.32 7.04
N GLN B 110 26.34 29.97 6.96
CA GLN B 110 26.62 31.08 6.06
C GLN B 110 26.42 30.74 4.60
N ARG B 111 26.95 29.60 4.15
CA ARG B 111 26.80 29.17 2.77
C ARG B 111 25.35 28.78 2.46
N ASN B 112 24.65 28.16 3.44
CA ASN B 112 23.26 27.76 3.24
C ASN B 112 22.29 28.96 3.26
N VAL B 113 22.55 30.00 4.11
CA VAL B 113 21.78 31.25 4.15
C VAL B 113 21.88 31.93 2.77
N ASN B 114 23.08 31.89 2.15
CA ASN B 114 23.30 32.51 0.84
C ASN B 114 22.51 31.83 -0.23
N ILE B 115 22.41 30.51 -0.16
CA ILE B 115 21.68 29.73 -1.14
C ILE B 115 20.16 29.92 -0.93
N PHE B 116 19.70 30.02 0.34
CA PHE B 116 18.29 30.24 0.70
C PHE B 116 17.78 31.62 0.24
N LYS B 117 18.69 32.62 0.18
CA LYS B 117 18.38 33.97 -0.31
C LYS B 117 17.85 33.96 -1.74
N PHE B 118 18.27 32.96 -2.55
CA PHE B 118 17.83 32.73 -3.93
C PHE B 118 16.66 31.73 -3.98
N ILE B 119 16.80 30.60 -3.26
CA ILE B 119 15.79 29.52 -3.23
C ILE B 119 14.42 29.97 -2.75
N ILE B 120 14.35 30.51 -1.53
CA ILE B 120 13.08 30.84 -0.89
C ILE B 120 12.24 31.86 -1.68
N PRO B 121 12.77 33.03 -2.16
CA PRO B 121 11.91 33.94 -2.96
C PRO B 121 11.36 33.25 -4.21
N ASN B 122 12.18 32.42 -4.82
CA ASN B 122 11.80 31.65 -6.01
C ASN B 122 10.66 30.65 -5.73
N VAL B 123 10.76 29.89 -4.63
CA VAL B 123 9.70 28.96 -4.20
C VAL B 123 8.37 29.75 -3.95
N VAL B 124 8.44 30.85 -3.19
CA VAL B 124 7.30 31.71 -2.82
C VAL B 124 6.62 32.33 -4.03
N LYS B 125 7.42 32.75 -5.01
CA LYS B 125 6.94 33.31 -6.27
C LYS B 125 5.97 32.36 -6.99
N TYR B 126 6.34 31.06 -7.12
CA TYR B 126 5.58 30.07 -7.87
C TYR B 126 4.56 29.24 -7.04
N SER B 127 4.76 29.12 -5.72
CA SER B 127 3.82 28.40 -4.85
C SER B 127 3.60 29.23 -3.58
N PRO B 128 2.86 30.37 -3.67
CA PRO B 128 2.66 31.23 -2.48
C PRO B 128 1.86 30.60 -1.35
N ASN B 129 1.07 29.55 -1.65
CA ASN B 129 0.28 28.86 -0.64
C ASN B 129 0.86 27.54 -0.16
N CYS B 130 2.09 27.18 -0.59
CA CYS B 130 2.71 25.90 -0.22
C CYS B 130 3.07 25.83 1.25
N LYS B 131 3.30 24.58 1.72
CA LYS B 131 3.90 24.36 3.04
C LYS B 131 5.37 24.14 2.72
N LEU B 132 6.25 24.81 3.46
CA LEU B 132 7.70 24.67 3.28
C LEU B 132 8.21 23.68 4.32
N LEU B 133 8.91 22.63 3.87
CA LEU B 133 9.50 21.65 4.78
C LEU B 133 11.03 21.70 4.62
N ILE B 134 11.72 22.23 5.65
CA ILE B 134 13.18 22.42 5.62
C ILE B 134 13.89 21.21 6.20
N VAL B 135 14.82 20.67 5.43
CA VAL B 135 15.62 19.52 5.87
C VAL B 135 17.10 19.94 6.02
N SER B 136 17.62 20.77 5.09
CA SER B 136 19.01 21.27 5.09
C SER B 136 19.47 21.72 6.46
N ASN B 137 20.76 21.47 6.77
CA ASN B 137 21.32 21.80 8.06
C ASN B 137 22.06 23.14 8.14
N PRO B 138 22.13 23.79 9.33
CA PRO B 138 21.52 23.44 10.64
C PRO B 138 20.03 23.71 10.53
N VAL B 139 19.23 22.64 10.57
CA VAL B 139 17.81 22.67 10.25
C VAL B 139 17.01 23.68 11.08
N ASP B 140 17.30 23.85 12.38
CA ASP B 140 16.55 24.82 13.19
C ASP B 140 16.82 26.27 12.75
N ILE B 141 18.09 26.58 12.44
CA ILE B 141 18.49 27.90 11.94
C ILE B 141 17.89 28.15 10.55
N LEU B 142 18.02 27.19 9.63
CA LEU B 142 17.51 27.33 8.27
C LEU B 142 15.99 27.38 8.17
N THR B 143 15.26 26.82 9.15
CA THR B 143 13.79 26.92 9.19
C THR B 143 13.42 28.38 9.52
N TYR B 144 14.17 28.99 10.46
CA TYR B 144 14.02 30.40 10.82
C TYR B 144 14.29 31.27 9.59
N VAL B 145 15.40 30.98 8.86
CA VAL B 145 15.81 31.70 7.65
C VAL B 145 14.70 31.63 6.60
N ALA B 146 14.17 30.41 6.34
CA ALA B 146 13.06 30.24 5.38
C ALA B 146 11.83 31.03 5.79
N TRP B 147 11.48 31.01 7.07
CA TRP B 147 10.34 31.76 7.62
C TRP B 147 10.54 33.27 7.42
N LYS B 148 11.76 33.79 7.75
CA LYS B 148 12.08 35.21 7.62
C LYS B 148 12.00 35.71 6.18
N ILE B 149 12.64 34.99 5.24
CA ILE B 149 12.67 35.35 3.82
C ILE B 149 11.29 35.19 3.15
N SER B 150 10.61 34.06 3.40
CA SER B 150 9.32 33.80 2.77
C SER B 150 8.22 34.78 3.19
N GLY B 151 8.19 35.13 4.48
CA GLY B 151 7.14 35.97 5.01
C GLY B 151 5.88 35.15 5.24
N PHE B 152 6.01 33.79 5.18
CA PHE B 152 4.88 32.88 5.39
C PHE B 152 4.44 32.89 6.86
N PRO B 153 3.16 32.58 7.17
CA PRO B 153 2.78 32.44 8.58
C PRO B 153 3.51 31.19 9.15
N LYS B 154 3.81 31.16 10.46
CA LYS B 154 4.58 30.10 11.08
C LYS B 154 4.02 28.68 10.85
N ASN B 155 2.68 28.50 10.62
CA ASN B 155 2.11 27.18 10.36
C ASN B 155 2.61 26.52 9.06
N ARG B 156 3.01 27.34 8.08
CA ARG B 156 3.45 26.84 6.77
C ARG B 156 4.98 26.71 6.61
N VAL B 157 5.75 26.90 7.70
CA VAL B 157 7.23 26.73 7.66
C VAL B 157 7.55 25.66 8.71
N ILE B 158 7.86 24.45 8.24
CA ILE B 158 8.11 23.29 9.11
C ILE B 158 9.55 22.84 8.90
N GLY B 159 10.29 22.65 9.99
CA GLY B 159 11.63 22.12 9.91
C GLY B 159 11.58 20.66 10.28
N SER B 160 12.33 19.81 9.55
CA SER B 160 12.39 18.36 9.83
C SER B 160 12.72 18.12 11.32
N GLY B 161 13.55 18.99 11.89
CA GLY B 161 13.92 18.99 13.30
C GLY B 161 14.29 17.67 13.91
N CYS B 162 13.60 17.27 14.97
CA CYS B 162 13.83 16.05 15.75
C CYS B 162 13.02 14.87 15.29
N ASN B 163 12.54 14.89 14.03
CA ASN B 163 11.79 13.77 13.48
C ASN B 163 12.73 12.55 13.28
N LEU B 164 13.92 12.77 12.69
CA LEU B 164 14.89 11.66 12.50
C LEU B 164 15.47 11.21 13.86
N ASP B 165 15.72 12.16 14.79
CA ASP B 165 16.25 11.87 16.13
C ASP B 165 15.29 10.97 16.89
N SER B 166 13.99 11.27 16.85
CA SER B 166 12.97 10.46 17.54
C SER B 166 12.82 9.08 16.90
N ALA B 167 12.92 8.99 15.55
CA ALA B 167 12.84 7.74 14.79
C ALA B 167 14.02 6.84 15.18
N ARG B 168 15.22 7.41 15.31
CA ARG B 168 16.41 6.65 15.72
C ARG B 168 16.26 6.16 17.17
N PHE B 169 15.77 7.04 18.05
CA PHE B 169 15.52 6.73 19.46
C PHE B 169 14.55 5.56 19.63
N ARG B 170 13.45 5.57 18.84
CA ARG B 170 12.43 4.54 18.87
C ARG B 170 12.95 3.22 18.32
N TYR B 171 13.86 3.28 17.32
CA TYR B 171 14.51 2.09 16.80
C TYR B 171 15.37 1.46 17.91
N LEU B 172 16.20 2.27 18.57
CA LEU B 172 17.10 1.80 19.64
C LEU B 172 16.33 1.26 20.83
N MET B 173 15.24 1.95 21.23
CA MET B 173 14.34 1.52 22.31
C MET B 173 13.74 0.13 21.95
N GLY B 174 13.26 0.00 20.72
CA GLY B 174 12.67 -1.24 20.21
C GLY B 174 13.62 -2.42 20.24
N GLU B 175 14.89 -2.18 19.90
CA GLU B 175 15.96 -3.17 19.93
C GLU B 175 16.21 -3.67 21.34
N ARG B 176 16.21 -2.77 22.31
CA ARG B 176 16.43 -3.13 23.72
C ARG B 176 15.25 -3.89 24.30
N LEU B 177 14.03 -3.52 23.92
CA LEU B 177 12.85 -4.18 24.51
C LEU B 177 12.33 -5.39 23.72
N GLY B 178 12.77 -5.57 22.48
CA GLY B 178 12.29 -6.64 21.60
C GLY B 178 10.86 -6.37 21.13
N VAL B 179 10.54 -5.09 20.91
CA VAL B 179 9.22 -4.61 20.49
C VAL B 179 9.41 -3.76 19.20
N HIS B 180 8.46 -3.81 18.25
CA HIS B 180 8.54 -2.97 17.03
C HIS B 180 8.59 -1.47 17.41
N PRO B 181 9.41 -0.63 16.73
CA PRO B 181 9.45 0.81 17.09
C PRO B 181 8.10 1.53 17.09
N LEU B 182 7.13 1.06 16.26
CA LEU B 182 5.77 1.63 16.23
C LEU B 182 5.09 1.55 17.60
N SER B 183 5.44 0.53 18.40
CA SER B 183 4.85 0.32 19.73
C SER B 183 5.73 0.84 20.89
N CYS B 184 6.87 1.45 20.57
CA CYS B 184 7.81 2.03 21.54
C CYS B 184 7.74 3.53 21.42
N HIS B 185 7.01 4.19 22.35
CA HIS B 185 6.81 5.63 22.31
C HIS B 185 7.86 6.38 23.13
N GLY B 186 8.33 7.46 22.57
CA GLY B 186 9.37 8.28 23.18
C GLY B 186 9.65 9.46 22.29
N TRP B 187 9.87 10.62 22.93
CA TRP B 187 10.05 11.87 22.23
C TRP B 187 11.38 12.52 22.54
N VAL B 188 12.10 12.89 21.46
CA VAL B 188 13.36 13.60 21.48
C VAL B 188 12.99 14.96 20.90
N LEU B 189 13.18 16.02 21.69
CA LEU B 189 12.76 17.39 21.36
C LEU B 189 13.88 18.41 21.45
N GLY B 190 13.55 19.66 21.16
CA GLY B 190 14.51 20.75 21.22
C GLY B 190 15.29 20.90 19.93
N GLU B 191 16.58 21.12 20.07
CA GLU B 191 17.50 21.34 18.95
C GLU B 191 17.86 20.05 18.28
N HIS B 192 17.70 19.98 16.95
CA HIS B 192 18.06 18.77 16.21
C HIS B 192 19.56 18.46 16.36
N GLY B 193 19.89 17.17 16.44
CA GLY B 193 21.27 16.73 16.48
C GLY B 193 21.88 16.55 17.86
N ASP B 194 23.14 17.00 17.99
CA ASP B 194 23.98 16.91 19.19
C ASP B 194 23.32 17.36 20.49
N SER B 195 22.59 18.46 20.46
CA SER B 195 21.97 19.07 21.66
C SER B 195 20.49 18.73 21.92
N SER B 196 19.95 17.70 21.28
CA SER B 196 18.55 17.29 21.45
C SER B 196 18.27 16.76 22.87
N VAL B 197 16.98 16.85 23.30
CA VAL B 197 16.50 16.50 24.63
C VAL B 197 15.56 15.27 24.63
N PRO B 198 15.96 14.17 25.30
CA PRO B 198 15.02 13.03 25.42
C PRO B 198 14.04 13.31 26.59
N VAL B 199 12.74 13.24 26.33
CA VAL B 199 11.75 13.51 27.38
C VAL B 199 11.45 12.17 28.05
N TRP B 200 12.23 11.84 29.10
CA TRP B 200 12.12 10.56 29.81
C TRP B 200 10.72 10.26 30.35
N SER B 201 9.97 11.28 30.79
CA SER B 201 8.61 11.13 31.32
C SER B 201 7.61 10.50 30.34
N GLY B 202 7.82 10.72 29.04
CA GLY B 202 6.92 10.22 27.99
C GLY B 202 7.27 8.87 27.40
N MET B 203 8.45 8.31 27.77
CA MET B 203 8.94 7.03 27.24
C MET B 203 8.05 5.90 27.77
N ASN B 204 7.31 5.22 26.87
CA ASN B 204 6.39 4.19 27.33
C ASN B 204 6.10 3.12 26.29
N VAL B 205 5.55 2.01 26.77
CA VAL B 205 5.05 0.93 25.94
C VAL B 205 3.66 0.70 26.50
N ALA B 206 2.64 0.77 25.63
CA ALA B 206 1.25 0.54 26.01
C ALA B 206 0.75 1.43 27.15
N GLY B 207 1.26 2.66 27.19
CA GLY B 207 0.88 3.62 28.22
C GLY B 207 1.54 3.39 29.57
N VAL B 208 2.46 2.43 29.67
CA VAL B 208 3.18 2.11 30.91
C VAL B 208 4.49 2.90 30.87
N SER B 209 4.60 3.91 31.75
CA SER B 209 5.76 4.79 31.83
C SER B 209 7.00 4.04 32.28
N LEU B 210 8.07 4.08 31.49
CA LEU B 210 9.34 3.43 31.84
C LEU B 210 10.01 4.12 33.04
N LYS B 211 9.82 5.44 33.17
CA LYS B 211 10.38 6.26 34.27
C LYS B 211 9.74 5.88 35.59
N THR B 212 8.41 5.60 35.59
CA THR B 212 7.69 5.17 36.80
C THR B 212 8.16 3.78 37.25
N LEU B 213 8.39 2.85 36.30
CA LEU B 213 8.86 1.52 36.58
C LEU B 213 10.31 1.51 36.97
N HIS B 214 11.12 2.42 36.41
CA HIS B 214 12.56 2.47 36.64
C HIS B 214 12.97 3.92 36.95
N PRO B 215 12.82 4.36 38.22
CA PRO B 215 13.12 5.78 38.56
C PRO B 215 14.48 6.32 38.15
N ASP B 216 15.52 5.46 38.07
CA ASP B 216 16.87 5.88 37.65
C ASP B 216 16.99 6.16 36.13
N LEU B 217 15.91 5.91 35.31
CA LEU B 217 15.85 6.14 33.85
C LEU B 217 16.29 7.56 33.49
N GLY B 218 17.41 7.65 32.76
CA GLY B 218 17.97 8.92 32.33
C GLY B 218 19.06 9.48 33.22
N THR B 219 19.35 8.81 34.34
CA THR B 219 20.39 9.25 35.28
C THR B 219 21.63 8.35 35.23
N ASP B 220 22.65 8.67 36.06
CA ASP B 220 23.91 7.93 36.22
C ASP B 220 23.82 6.89 37.34
N LYS B 221 22.76 6.97 38.16
CA LYS B 221 22.44 5.98 39.19
C LYS B 221 21.84 4.72 38.49
N ASP B 222 21.65 4.81 37.15
CA ASP B 222 21.11 3.74 36.31
C ASP B 222 22.15 2.70 35.89
N LYS B 223 22.09 1.55 36.55
CA LYS B 223 22.93 0.39 36.29
C LYS B 223 22.68 -0.22 34.90
N GLU B 224 21.51 0.09 34.30
CA GLU B 224 21.13 -0.37 32.98
C GLU B 224 21.50 0.63 31.88
N GLN B 225 21.92 1.86 32.24
CA GLN B 225 22.35 2.94 31.34
C GLN B 225 21.33 3.24 30.21
N TRP B 226 20.05 3.49 30.58
CA TRP B 226 19.01 3.81 29.59
C TRP B 226 19.23 5.12 28.91
N LYS B 227 20.03 5.99 29.54
CA LYS B 227 20.50 7.27 29.02
C LYS B 227 21.19 7.04 27.69
N GLU B 228 21.88 5.87 27.54
CA GLU B 228 22.58 5.51 26.29
C GLU B 228 21.61 5.37 25.14
N VAL B 229 20.33 5.09 25.39
CA VAL B 229 19.36 4.99 24.30
C VAL B 229 19.31 6.36 23.53
N HIS B 230 19.49 7.51 24.24
CA HIS B 230 19.53 8.83 23.59
C HIS B 230 20.92 9.10 23.07
N LYS B 231 21.96 8.75 23.85
CA LYS B 231 23.34 8.98 23.45
C LYS B 231 23.72 8.23 22.19
N GLN B 232 23.20 7.02 22.04
CA GLN B 232 23.43 6.19 20.86
C GLN B 232 22.75 6.76 19.64
N VAL B 233 21.72 7.65 19.81
CA VAL B 233 21.07 8.34 18.69
C VAL B 233 22.15 9.24 18.05
N VAL B 234 22.87 10.03 18.90
CA VAL B 234 23.93 10.94 18.46
C VAL B 234 25.10 10.12 17.91
N GLU B 235 25.57 9.09 18.66
CA GLU B 235 26.70 8.24 18.23
C GLU B 235 26.42 7.52 16.94
N SER B 236 25.19 6.95 16.78
CA SER B 236 24.86 6.23 15.53
C SER B 236 24.84 7.15 14.31
N ALA B 237 24.46 8.43 14.48
CA ALA B 237 24.45 9.43 13.41
C ALA B 237 25.88 9.64 12.90
N TYR B 238 26.84 9.87 13.82
CA TYR B 238 28.26 10.01 13.49
C TYR B 238 28.82 8.73 12.90
N GLU B 239 28.41 7.58 13.46
CA GLU B 239 28.85 6.28 12.96
C GLU B 239 28.43 6.06 11.50
N VAL B 240 27.16 6.38 11.14
CA VAL B 240 26.69 6.22 9.75
C VAL B 240 27.55 7.07 8.80
N ILE B 241 27.85 8.34 9.18
CA ILE B 241 28.69 9.21 8.37
C ILE B 241 30.09 8.60 8.20
N LYS B 242 30.66 8.09 9.29
CA LYS B 242 31.97 7.45 9.30
C LYS B 242 32.01 6.24 8.35
N LEU B 243 30.95 5.40 8.38
CA LEU B 243 30.86 4.17 7.60
C LEU B 243 30.51 4.36 6.12
N LYS B 244 29.48 5.17 5.77
CA LYS B 244 29.09 5.34 4.36
C LYS B 244 29.25 6.78 3.81
N GLY B 245 29.48 7.77 4.68
CA GLY B 245 29.74 9.15 4.29
C GLY B 245 28.58 10.12 4.34
N TYR B 246 27.36 9.60 4.54
CA TYR B 246 26.13 10.40 4.53
C TYR B 246 24.99 9.55 5.03
N THR B 247 23.83 10.17 5.31
CA THR B 247 22.61 9.43 5.66
C THR B 247 21.60 9.80 4.60
N SER B 248 20.86 8.81 4.13
CA SER B 248 19.86 9.05 3.09
C SER B 248 18.54 8.33 3.37
N TRP B 249 18.57 6.99 3.56
CA TRP B 249 17.38 6.16 3.71
C TRP B 249 16.50 6.57 4.88
N ALA B 250 17.08 6.65 6.10
CA ALA B 250 16.30 6.99 7.29
C ALA B 250 15.70 8.38 7.22
N ILE B 251 16.48 9.39 6.78
CA ILE B 251 15.94 10.75 6.64
C ILE B 251 14.84 10.79 5.53
N GLY B 252 15.06 10.09 4.42
CA GLY B 252 14.11 10.00 3.31
C GLY B 252 12.77 9.45 3.76
N LEU B 253 12.82 8.34 4.53
CA LEU B 253 11.60 7.70 5.07
C LEU B 253 10.87 8.59 6.07
N SER B 254 11.61 9.30 6.95
CA SER B 254 11.04 10.22 7.94
C SER B 254 10.34 11.41 7.26
N VAL B 255 10.97 11.97 6.25
CA VAL B 255 10.41 13.09 5.47
C VAL B 255 9.11 12.66 4.75
N ALA B 256 9.08 11.44 4.16
CA ALA B 256 7.88 10.96 3.47
C ALA B 256 6.71 10.78 4.48
N ASP B 257 7.03 10.45 5.73
CA ASP B 257 6.03 10.29 6.77
C ASP B 257 5.40 11.66 7.12
N LEU B 258 6.23 12.75 7.15
CA LEU B 258 5.72 14.10 7.40
C LEU B 258 4.85 14.52 6.19
N ALA B 259 5.34 14.26 4.96
CA ALA B 259 4.63 14.56 3.71
C ALA B 259 3.27 13.87 3.66
N GLU B 260 3.17 12.63 4.18
CA GLU B 260 1.90 11.89 4.20
C GLU B 260 0.85 12.60 5.10
N SER B 261 1.25 13.01 6.30
CA SER B 261 0.32 13.74 7.20
C SER B 261 -0.13 15.08 6.60
N ILE B 262 0.78 15.82 5.96
CA ILE B 262 0.48 17.10 5.31
C ILE B 262 -0.44 16.91 4.09
N MET B 263 -0.04 16.04 3.16
CA MET B 263 -0.79 15.79 1.91
C MET B 263 -2.18 15.20 2.13
N LYS B 264 -2.31 14.30 3.11
CA LYS B 264 -3.58 13.61 3.38
C LYS B 264 -4.39 14.25 4.50
N ASN B 265 -3.91 15.38 5.06
CA ASN B 265 -4.54 16.12 6.16
C ASN B 265 -4.85 15.20 7.37
N LEU B 266 -3.87 14.37 7.73
CA LEU B 266 -4.10 13.37 8.77
C LEU B 266 -4.26 13.92 10.17
N ARG B 267 -3.57 15.03 10.50
CA ARG B 267 -3.58 15.59 11.86
C ARG B 267 -2.96 14.61 12.88
N ARG B 268 -1.85 13.96 12.45
CA ARG B 268 -1.05 13.10 13.32
C ARG B 268 -0.06 14.04 14.01
N VAL B 269 0.52 13.57 15.10
CA VAL B 269 1.46 14.36 15.90
C VAL B 269 2.89 13.90 15.56
N HIS B 270 3.76 14.85 15.20
CA HIS B 270 5.14 14.56 14.81
C HIS B 270 6.10 15.50 15.53
N PRO B 271 7.33 15.06 15.86
CA PRO B 271 8.31 16.01 16.44
C PRO B 271 8.99 16.80 15.31
N VAL B 272 8.55 18.03 15.09
CA VAL B 272 9.09 18.87 14.03
C VAL B 272 9.46 20.24 14.61
N SER B 273 10.31 20.98 13.89
CA SER B 273 10.77 22.29 14.32
C SER B 273 9.75 23.36 13.98
N THR B 274 9.30 24.11 15.01
CA THR B 274 8.33 25.18 14.88
C THR B 274 8.78 26.40 15.71
N MET B 275 8.17 27.54 15.47
CA MET B 275 8.47 28.78 16.20
C MET B 275 8.09 28.55 17.67
N ILE B 276 9.08 28.45 18.58
CA ILE B 276 8.75 28.16 19.99
C ILE B 276 8.69 29.41 20.87
N LYS B 277 8.88 30.62 20.27
CA LYS B 277 8.80 31.89 21.00
C LYS B 277 7.50 31.93 21.83
N GLY B 278 7.63 32.23 23.11
CA GLY B 278 6.50 32.25 24.03
C GLY B 278 6.35 30.98 24.85
N LEU B 279 7.21 29.98 24.59
CA LEU B 279 7.20 28.71 25.33
C LEU B 279 8.49 28.52 26.05
N TYR B 280 8.45 27.85 27.20
CA TYR B 280 9.63 27.48 28.00
C TYR B 280 10.54 28.68 28.32
N GLY B 281 9.93 29.85 28.51
CA GLY B 281 10.61 31.11 28.81
C GLY B 281 11.35 31.70 27.63
N ILE B 282 11.22 31.12 26.42
CA ILE B 282 11.92 31.58 25.23
C ILE B 282 11.25 32.84 24.66
N LYS B 283 12.06 33.89 24.47
CA LYS B 283 11.61 35.19 23.96
C LYS B 283 12.10 35.48 22.53
N ASP B 284 13.08 34.72 22.04
CA ASP B 284 13.66 34.97 20.71
C ASP B 284 12.95 34.24 19.59
N ASP B 285 13.13 34.73 18.34
CA ASP B 285 12.56 34.14 17.12
C ASP B 285 13.36 32.90 16.77
N VAL B 286 13.11 31.81 17.48
CA VAL B 286 13.84 30.58 17.27
C VAL B 286 12.87 29.39 17.05
N PHE B 287 13.33 28.46 16.24
CA PHE B 287 12.59 27.26 15.89
C PHE B 287 13.19 26.06 16.59
N LEU B 288 12.39 25.34 17.37
CA LEU B 288 12.80 24.13 18.07
C LEU B 288 11.71 23.06 17.95
N SER B 289 12.08 21.77 18.11
CA SER B 289 11.09 20.70 18.00
C SER B 289 10.22 20.50 19.23
N VAL B 290 8.92 20.44 18.98
CA VAL B 290 7.89 20.07 19.94
C VAL B 290 6.96 19.12 19.15
N PRO B 291 6.06 18.33 19.79
CA PRO B 291 5.11 17.52 19.01
C PRO B 291 4.08 18.45 18.37
N CYS B 292 3.97 18.41 17.04
CA CYS B 292 3.06 19.26 16.26
C CYS B 292 2.03 18.44 15.54
N ILE B 293 0.81 18.96 15.43
CA ILE B 293 -0.27 18.34 14.68
C ILE B 293 -0.08 18.81 13.24
N LEU B 294 0.12 17.86 12.29
CA LEU B 294 0.39 18.14 10.89
C LEU B 294 -0.80 17.82 10.02
N GLY B 295 -1.16 18.74 9.16
CA GLY B 295 -2.29 18.58 8.24
C GLY B 295 -2.14 19.44 7.01
N GLN B 296 -3.26 19.67 6.31
CA GLN B 296 -3.26 20.45 5.07
C GLN B 296 -2.84 21.94 5.25
N ASN B 297 -2.91 22.49 6.47
CA ASN B 297 -2.43 23.87 6.70
C ASN B 297 -1.05 23.87 7.39
N GLY B 298 -0.36 22.74 7.35
CA GLY B 298 0.95 22.59 7.99
C GLY B 298 0.80 22.32 9.46
N ILE B 299 1.46 23.11 10.32
CA ILE B 299 1.36 22.97 11.78
C ILE B 299 0.15 23.80 12.26
N SER B 300 -0.98 23.15 12.54
CA SER B 300 -2.17 23.86 13.01
C SER B 300 -2.20 24.02 14.52
N ASP B 301 -1.48 23.14 15.22
CA ASP B 301 -1.48 23.06 16.65
C ASP B 301 -0.19 22.40 17.12
N LEU B 302 0.14 22.62 18.38
CA LEU B 302 1.27 21.97 19.02
C LEU B 302 0.87 21.44 20.38
N VAL B 303 1.52 20.36 20.81
CA VAL B 303 1.27 19.75 22.10
C VAL B 303 2.17 20.46 23.12
N LYS B 304 1.57 20.89 24.24
CA LYS B 304 2.29 21.55 25.33
C LYS B 304 2.86 20.49 26.25
N VAL B 305 4.10 20.05 25.97
CA VAL B 305 4.77 19.01 26.76
C VAL B 305 5.21 19.59 28.10
N THR B 306 4.92 18.89 29.19
CA THR B 306 5.38 19.31 30.51
C THR B 306 6.82 18.80 30.60
N LEU B 307 7.75 19.74 30.70
CA LEU B 307 9.17 19.46 30.79
C LEU B 307 9.64 19.67 32.22
N THR B 308 10.70 18.96 32.63
CA THR B 308 11.31 19.17 33.96
C THR B 308 12.15 20.46 33.86
N SER B 309 12.56 21.01 35.01
CA SER B 309 13.35 22.26 35.02
C SER B 309 14.63 22.10 34.20
N GLU B 310 15.28 20.93 34.28
CA GLU B 310 16.49 20.58 33.52
C GLU B 310 16.22 20.57 32.00
N GLU B 311 15.11 19.94 31.57
CA GLU B 311 14.70 19.85 30.16
C GLU B 311 14.38 21.21 29.60
N GLU B 312 13.64 22.03 30.38
CA GLU B 312 13.25 23.40 30.03
C GLU B 312 14.48 24.28 29.88
N ALA B 313 15.48 24.13 30.80
CA ALA B 313 16.75 24.88 30.78
C ALA B 313 17.58 24.55 29.55
N ARG B 314 17.58 23.27 29.12
CA ARG B 314 18.30 22.84 27.90
C ARG B 314 17.70 23.45 26.62
N LEU B 315 16.36 23.58 26.54
CA LEU B 315 15.70 24.18 25.37
C LEU B 315 15.97 25.67 25.30
N LYS B 316 15.88 26.37 26.46
CA LYS B 316 16.16 27.81 26.57
C LYS B 316 17.63 28.12 26.22
N LYS B 317 18.59 27.22 26.59
CA LYS B 317 20.01 27.32 26.27
C LYS B 317 20.23 27.17 24.75
N SER B 318 19.53 26.20 24.12
CA SER B 318 19.57 25.99 22.67
C SER B 318 19.05 27.23 21.96
N ALA B 319 17.94 27.81 22.45
CA ALA B 319 17.35 29.04 21.91
C ALA B 319 18.33 30.22 21.97
N ASP B 320 19.05 30.37 23.08
CA ASP B 320 20.05 31.42 23.26
C ASP B 320 21.19 31.26 22.27
N THR B 321 21.69 30.01 22.08
CA THR B 321 22.76 29.70 21.14
C THR B 321 22.30 29.96 19.70
N LEU B 322 21.15 29.40 19.30
CA LEU B 322 20.61 29.60 17.95
C LEU B 322 20.39 31.08 17.65
N TRP B 323 19.78 31.84 18.59
CA TRP B 323 19.55 33.28 18.39
C TRP B 323 20.88 34.06 18.24
N GLY B 324 21.90 33.68 19.01
CA GLY B 324 23.24 34.25 18.95
C GLY B 324 23.82 34.20 17.54
N ILE B 325 23.61 33.08 16.83
CA ILE B 325 24.04 32.88 15.44
C ILE B 325 23.14 33.68 14.49
N GLN B 326 21.81 33.59 14.70
CA GLN B 326 20.79 34.20 13.85
C GLN B 326 20.83 35.72 13.79
N LYS B 327 21.14 36.40 14.91
CA LYS B 327 21.18 37.85 14.96
C LYS B 327 22.32 38.45 14.13
N GLU B 328 23.38 37.67 13.87
CA GLU B 328 24.53 38.11 13.10
C GLU B 328 24.36 37.82 11.60
N LEU B 329 23.31 37.07 11.20
CA LEU B 329 23.07 36.71 9.81
C LEU B 329 22.67 37.90 8.93
N GLN B 330 23.19 37.88 7.68
CA GLN B 330 22.96 38.86 6.60
C GLN B 330 22.00 38.28 5.57
N PHE B 331 20.84 38.94 5.39
CA PHE B 331 19.81 38.51 4.46
C PHE B 331 19.84 39.25 3.11
N ALA C 1 -8.83 26.54 32.24
CA ALA C 1 -8.84 26.06 30.86
C ALA C 1 -9.26 24.58 30.77
N THR C 2 -9.85 24.18 29.61
CA THR C 2 -10.27 22.79 29.34
C THR C 2 -9.02 21.91 29.19
N LEU C 3 -9.19 20.56 29.24
CA LEU C 3 -8.07 19.64 29.08
C LEU C 3 -7.47 19.81 27.68
N LYS C 4 -8.33 19.96 26.65
CA LYS C 4 -7.92 20.17 25.26
C LYS C 4 -7.01 21.40 25.14
N ASP C 5 -7.40 22.52 25.78
CA ASP C 5 -6.62 23.76 25.75
C ASP C 5 -5.35 23.69 26.59
N GLN C 6 -5.35 22.84 27.62
CA GLN C 6 -4.21 22.60 28.50
C GLN C 6 -3.16 21.78 27.75
N LEU C 7 -3.61 20.79 26.98
CA LEU C 7 -2.77 19.87 26.21
C LEU C 7 -2.30 20.47 24.88
N ILE C 8 -3.20 21.15 24.15
CA ILE C 8 -2.95 21.65 22.79
C ILE C 8 -3.03 23.17 22.66
N TYR C 9 -1.97 23.77 22.07
CA TYR C 9 -1.96 25.20 21.75
C TYR C 9 -2.33 25.33 20.27
N ASN C 10 -3.40 26.08 19.96
CA ASN C 10 -3.85 26.29 18.59
C ASN C 10 -3.14 27.44 17.87
N LEU C 11 -2.62 27.18 16.66
CA LEU C 11 -1.97 28.18 15.82
C LEU C 11 -3.01 28.83 14.90
N LEU C 12 -3.96 28.03 14.37
CA LEU C 12 -5.08 28.47 13.54
C LEU C 12 -6.25 27.51 13.55
N LYS C 13 -7.46 28.05 13.36
CA LYS C 13 -8.71 27.28 13.30
C LYS C 13 -9.16 27.08 11.84
N GLU C 14 -8.79 28.06 10.97
CA GLU C 14 -9.09 28.15 9.53
C GLU C 14 -9.12 26.79 8.79
N GLU C 15 -10.32 26.19 8.75
CA GLU C 15 -10.55 24.91 8.07
C GLU C 15 -10.72 25.19 6.58
N GLN C 16 -10.14 24.33 5.74
CA GLN C 16 -10.21 24.43 4.29
C GLN C 16 -11.37 23.60 3.76
N THR C 17 -11.65 23.76 2.46
CA THR C 17 -12.62 22.96 1.71
C THR C 17 -11.92 21.59 1.55
N PRO C 18 -12.63 20.43 1.62
CA PRO C 18 -11.95 19.13 1.42
C PRO C 18 -11.28 19.14 0.04
N GLN C 19 -10.08 18.61 -0.03
CA GLN C 19 -9.32 18.62 -1.27
C GLN C 19 -9.55 17.41 -2.17
N ASN C 20 -9.83 16.23 -1.59
CA ASN C 20 -9.99 14.99 -2.35
C ASN C 20 -11.20 14.23 -1.86
N LYS C 21 -12.38 14.86 -1.94
CA LYS C 21 -13.61 14.30 -1.41
C LYS C 21 -14.34 13.42 -2.39
N ILE C 22 -14.86 12.29 -1.88
CA ILE C 22 -15.66 11.35 -2.65
C ILE C 22 -16.99 11.18 -1.91
N THR C 23 -18.10 11.12 -2.66
CA THR C 23 -19.42 10.85 -2.10
C THR C 23 -19.90 9.54 -2.69
N VAL C 24 -20.56 8.71 -1.87
CA VAL C 24 -21.21 7.50 -2.36
C VAL C 24 -22.71 7.70 -2.06
N VAL C 25 -23.59 7.56 -3.08
CA VAL C 25 -25.05 7.73 -2.94
C VAL C 25 -25.70 6.36 -3.01
N GLY C 26 -26.33 5.97 -1.90
CA GLY C 26 -26.94 4.66 -1.72
C GLY C 26 -25.95 3.74 -1.01
N VAL C 27 -26.21 3.46 0.28
CA VAL C 27 -25.33 2.65 1.13
C VAL C 27 -25.81 1.19 1.28
N GLY C 28 -26.14 0.60 0.15
CA GLY C 28 -26.53 -0.80 0.10
C GLY C 28 -25.31 -1.68 -0.03
N ALA C 29 -25.51 -2.92 -0.45
CA ALA C 29 -24.42 -3.86 -0.60
C ALA C 29 -23.30 -3.30 -1.51
N VAL C 30 -23.65 -2.75 -2.68
CA VAL C 30 -22.72 -2.17 -3.64
C VAL C 30 -22.04 -0.91 -3.11
N GLY C 31 -22.83 0.02 -2.58
CA GLY C 31 -22.32 1.27 -2.04
C GLY C 31 -21.31 1.12 -0.90
N MET C 32 -21.61 0.27 0.06
CA MET C 32 -20.69 0.03 1.18
C MET C 32 -19.39 -0.69 0.74
N ALA C 33 -19.48 -1.55 -0.27
CA ALA C 33 -18.30 -2.25 -0.81
C ALA C 33 -17.42 -1.26 -1.56
N CYS C 34 -18.05 -0.29 -2.28
CA CYS C 34 -17.32 0.80 -2.93
C CYS C 34 -16.60 1.60 -1.83
N ALA C 35 -17.35 1.99 -0.77
CA ALA C 35 -16.86 2.77 0.37
C ALA C 35 -15.66 2.11 1.09
N ILE C 36 -15.75 0.82 1.44
CA ILE C 36 -14.63 0.13 2.12
C ILE C 36 -13.40 0.03 1.20
N SER C 37 -13.62 -0.24 -0.09
CA SER C 37 -12.52 -0.34 -1.04
C SER C 37 -11.80 0.98 -1.23
N ILE C 38 -12.57 2.08 -1.27
CA ILE C 38 -12.06 3.44 -1.47
C ILE C 38 -11.22 3.84 -0.27
N LEU C 39 -11.72 3.53 0.94
CA LEU C 39 -11.06 3.80 2.23
C LEU C 39 -9.76 3.02 2.36
N MET C 40 -9.78 1.76 1.97
CA MET C 40 -8.57 0.93 2.06
C MET C 40 -7.53 1.24 1.00
N LYS C 41 -7.89 2.03 -0.02
CA LYS C 41 -6.96 2.43 -1.06
C LYS C 41 -6.44 3.87 -0.86
N ASP C 42 -6.85 4.54 0.26
CA ASP C 42 -6.43 5.92 0.60
C ASP C 42 -6.67 6.91 -0.55
N LEU C 43 -7.85 6.86 -1.15
CA LEU C 43 -8.15 7.72 -2.29
C LEU C 43 -8.75 9.08 -1.92
N ALA C 44 -9.39 9.16 -0.74
CA ALA C 44 -10.09 10.34 -0.31
C ALA C 44 -9.60 10.88 1.03
N ASP C 45 -9.74 12.19 1.21
CA ASP C 45 -9.42 12.84 2.50
C ASP C 45 -10.71 13.07 3.26
N GLU C 46 -11.84 12.90 2.55
CA GLU C 46 -13.20 12.99 3.09
C GLU C 46 -14.12 12.07 2.30
N LEU C 47 -14.89 11.24 3.00
CA LEU C 47 -15.91 10.39 2.41
C LEU C 47 -17.28 10.80 2.92
N ALA C 48 -18.22 11.09 2.01
CA ALA C 48 -19.61 11.42 2.35
C ALA C 48 -20.52 10.30 1.86
N LEU C 49 -21.48 9.90 2.69
CA LEU C 49 -22.43 8.84 2.36
C LEU C 49 -23.84 9.43 2.38
N VAL C 50 -24.67 9.08 1.39
CA VAL C 50 -26.06 9.57 1.30
C VAL C 50 -26.96 8.38 1.06
N ASP C 51 -28.16 8.39 1.65
CA ASP C 51 -29.19 7.38 1.45
C ASP C 51 -30.52 8.01 1.90
N VAL C 52 -31.62 7.29 1.74
CA VAL C 52 -32.95 7.73 2.19
C VAL C 52 -33.33 7.03 3.50
N ILE C 53 -32.67 5.87 3.82
CA ILE C 53 -32.91 5.15 5.08
C ILE C 53 -31.93 5.72 6.10
N GLU C 54 -32.41 6.64 6.94
CA GLU C 54 -31.61 7.41 7.90
C GLU C 54 -30.88 6.61 8.95
N ASP C 55 -31.55 5.58 9.56
CA ASP C 55 -30.90 4.78 10.59
C ASP C 55 -29.75 3.93 10.03
N LYS C 56 -29.98 3.18 8.94
CA LYS C 56 -28.98 2.35 8.26
C LYS C 56 -27.77 3.24 7.84
N LEU C 57 -28.06 4.42 7.26
CA LEU C 57 -27.05 5.40 6.86
C LEU C 57 -26.16 5.81 8.04
N LYS C 58 -26.77 6.21 9.18
CA LYS C 58 -26.02 6.57 10.39
C LYS C 58 -25.19 5.39 10.93
N GLY C 59 -25.78 4.20 10.98
CA GLY C 59 -25.10 2.99 11.45
C GLY C 59 -23.89 2.63 10.61
N GLU C 60 -24.01 2.78 9.26
CA GLU C 60 -22.93 2.50 8.32
C GLU C 60 -21.81 3.49 8.51
N MET C 61 -22.16 4.79 8.61
CA MET C 61 -21.19 5.86 8.86
C MET C 61 -20.40 5.58 10.15
N MET C 62 -21.11 5.30 11.26
CA MET C 62 -20.48 5.01 12.56
C MET C 62 -19.55 3.81 12.52
N ASP C 63 -19.99 2.71 11.89
CA ASP C 63 -19.21 1.51 11.74
C ASP C 63 -17.89 1.79 11.00
N LEU C 64 -17.92 2.60 9.92
CA LEU C 64 -16.70 2.98 9.19
C LEU C 64 -15.82 3.89 10.07
N GLN C 65 -16.44 4.88 10.77
CA GLN C 65 -15.73 5.80 11.66
C GLN C 65 -15.00 5.03 12.76
N HIS C 66 -15.61 3.96 13.30
CA HIS C 66 -14.98 3.17 14.37
C HIS C 66 -13.69 2.43 13.91
N GLY C 67 -13.49 2.30 12.60
CA GLY C 67 -12.27 1.72 12.02
C GLY C 67 -11.22 2.75 11.64
N SER C 68 -11.44 4.06 11.99
CA SER C 68 -10.55 5.20 11.66
C SER C 68 -9.08 5.02 12.00
N LEU C 69 -8.81 4.35 13.13
CA LEU C 69 -7.46 4.05 13.60
C LEU C 69 -6.66 3.27 12.53
N PHE C 70 -7.34 2.43 11.74
CA PHE C 70 -6.72 1.60 10.72
C PHE C 70 -6.80 2.20 9.31
N LEU C 71 -7.33 3.44 9.19
CA LEU C 71 -7.50 4.14 7.91
C LEU C 71 -6.69 5.43 7.84
N ARG C 72 -6.67 6.07 6.66
CA ARG C 72 -5.99 7.36 6.41
C ARG C 72 -6.97 8.36 5.76
N THR C 73 -8.25 8.29 6.15
CA THR C 73 -9.33 9.16 5.67
C THR C 73 -9.84 9.78 6.95
N PRO C 74 -9.39 11.03 7.25
CA PRO C 74 -9.67 11.64 8.56
C PRO C 74 -11.11 12.10 8.79
N LYS C 75 -11.93 12.19 7.73
CA LYS C 75 -13.31 12.63 7.88
C LYS C 75 -14.30 11.77 7.13
N ILE C 76 -15.25 11.17 7.85
CA ILE C 76 -16.35 10.37 7.30
C ILE C 76 -17.63 11.04 7.79
N VAL C 77 -18.47 11.50 6.84
CA VAL C 77 -19.74 12.17 7.11
C VAL C 77 -20.89 11.46 6.39
N SER C 78 -22.13 11.70 6.82
CA SER C 78 -23.32 11.15 6.17
C SER C 78 -24.54 12.02 6.45
N GLY C 79 -25.56 11.85 5.62
CA GLY C 79 -26.82 12.55 5.76
C GLY C 79 -27.76 12.30 4.59
N LYS C 80 -29.06 12.49 4.84
CA LYS C 80 -30.12 12.40 3.84
C LYS C 80 -30.02 13.67 2.96
N ASP C 81 -29.59 14.79 3.59
CA ASP C 81 -29.44 16.10 2.95
C ASP C 81 -28.10 16.13 2.18
N TYR C 82 -28.12 16.64 0.95
CA TYR C 82 -26.94 16.67 0.09
C TYR C 82 -25.92 17.74 0.44
N ASN C 83 -26.17 18.54 1.49
CA ASN C 83 -25.20 19.54 1.96
C ASN C 83 -23.91 18.86 2.46
N VAL C 84 -24.02 17.59 2.91
CA VAL C 84 -22.89 16.77 3.40
C VAL C 84 -21.94 16.40 2.24
N THR C 85 -22.42 16.48 0.97
CA THR C 85 -21.67 16.13 -0.25
C THR C 85 -20.95 17.31 -0.90
N ALA C 86 -21.08 18.53 -0.34
CA ALA C 86 -20.47 19.73 -0.91
C ALA C 86 -18.98 19.58 -1.23
N ASN C 87 -18.61 20.00 -2.44
CA ASN C 87 -17.24 20.04 -2.96
C ASN C 87 -16.61 18.66 -3.15
N SER C 88 -17.40 17.66 -3.62
CA SER C 88 -16.88 16.35 -3.95
C SER C 88 -16.23 16.43 -5.34
N LYS C 89 -15.06 15.76 -5.49
CA LYS C 89 -14.36 15.63 -6.76
C LYS C 89 -15.08 14.55 -7.56
N LEU C 90 -15.56 13.51 -6.85
CA LEU C 90 -16.20 12.36 -7.46
C LEU C 90 -17.44 11.94 -6.70
N VAL C 91 -18.54 11.72 -7.43
CA VAL C 91 -19.80 11.29 -6.82
C VAL C 91 -20.21 9.98 -7.47
N ILE C 92 -20.32 8.93 -6.67
CA ILE C 92 -20.65 7.57 -7.12
C ILE C 92 -22.09 7.25 -6.80
N ILE C 93 -22.88 6.91 -7.84
CA ILE C 93 -24.30 6.58 -7.67
C ILE C 93 -24.55 5.07 -7.70
N THR C 94 -24.91 4.51 -6.54
CA THR C 94 -25.19 3.08 -6.33
C THR C 94 -26.57 2.95 -5.68
N ALA C 95 -27.44 3.94 -5.95
CA ALA C 95 -28.77 4.05 -5.36
C ALA C 95 -29.86 3.25 -6.06
N GLY C 96 -30.91 2.98 -5.30
CA GLY C 96 -32.10 2.25 -5.70
C GLY C 96 -31.92 0.78 -5.39
N ALA C 97 -33.00 0.13 -4.91
CA ALA C 97 -32.96 -1.31 -4.60
C ALA C 97 -32.48 -2.08 -5.83
N ARG C 98 -31.71 -3.16 -5.58
CA ARG C 98 -31.25 -4.06 -6.61
C ARG C 98 -32.47 -4.64 -7.33
N GLN C 99 -32.31 -5.13 -8.57
CA GLN C 99 -33.39 -5.73 -9.33
C GLN C 99 -34.05 -6.85 -8.48
N GLN C 100 -35.38 -6.87 -8.46
CA GLN C 100 -36.14 -7.86 -7.71
C GLN C 100 -36.46 -9.06 -8.61
N GLU C 101 -36.76 -10.23 -8.01
CA GLU C 101 -37.16 -11.44 -8.76
C GLU C 101 -38.46 -11.11 -9.51
N GLY C 102 -38.54 -11.52 -10.78
CA GLY C 102 -39.69 -11.27 -11.65
C GLY C 102 -39.77 -9.86 -12.20
N GLU C 103 -38.88 -8.94 -11.72
CA GLU C 103 -38.84 -7.54 -12.12
C GLU C 103 -38.12 -7.35 -13.45
N SER C 104 -38.78 -6.68 -14.40
CA SER C 104 -38.27 -6.37 -15.74
C SER C 104 -37.31 -5.18 -15.76
N ARG C 105 -36.58 -5.00 -16.89
CA ARG C 105 -35.69 -3.87 -17.09
C ARG C 105 -36.49 -2.56 -17.10
N LEU C 106 -37.61 -2.51 -17.85
CA LEU C 106 -38.45 -1.32 -17.99
C LEU C 106 -38.97 -0.82 -16.65
N ASN C 107 -39.29 -1.74 -15.74
CA ASN C 107 -39.75 -1.44 -14.38
C ASN C 107 -38.62 -0.90 -13.52
N LEU C 108 -37.38 -1.41 -13.73
CA LEU C 108 -36.19 -0.94 -13.04
C LEU C 108 -35.85 0.47 -13.56
N VAL C 109 -35.93 0.69 -14.89
CA VAL C 109 -35.69 1.97 -15.53
C VAL C 109 -36.66 3.01 -14.96
N GLN C 110 -37.98 2.65 -14.90
CA GLN C 110 -39.04 3.52 -14.39
C GLN C 110 -38.71 4.09 -13.02
N ARG C 111 -38.50 3.20 -12.02
CA ARG C 111 -38.23 3.67 -10.66
C ARG C 111 -36.84 4.35 -10.49
N ASN C 112 -35.81 3.90 -11.20
CA ASN C 112 -34.49 4.53 -11.04
C ASN C 112 -34.37 5.87 -11.73
N VAL C 113 -35.05 6.06 -12.89
CA VAL C 113 -35.08 7.37 -13.53
C VAL C 113 -35.79 8.35 -12.55
N ASN C 114 -36.86 7.85 -11.87
CA ASN C 114 -37.59 8.68 -10.91
C ASN C 114 -36.73 9.24 -9.76
N ILE C 115 -35.91 8.39 -9.11
CA ILE C 115 -35.04 8.82 -8.02
C ILE C 115 -33.89 9.68 -8.55
N PHE C 116 -33.37 9.41 -9.78
CA PHE C 116 -32.32 10.23 -10.40
C PHE C 116 -32.79 11.66 -10.62
N LYS C 117 -34.12 11.86 -10.85
CA LYS C 117 -34.70 13.20 -11.01
C LYS C 117 -34.48 14.06 -9.78
N PHE C 118 -34.36 13.43 -8.59
CA PHE C 118 -34.09 14.10 -7.31
C PHE C 118 -32.58 14.07 -6.99
N ILE C 119 -31.94 12.90 -7.17
CA ILE C 119 -30.52 12.71 -6.85
C ILE C 119 -29.61 13.65 -7.63
N ILE C 120 -29.68 13.63 -8.98
CA ILE C 120 -28.77 14.36 -9.85
C ILE C 120 -28.84 15.88 -9.61
N PRO C 121 -30.01 16.59 -9.57
CA PRO C 121 -29.99 18.03 -9.28
C PRO C 121 -29.37 18.36 -7.93
N ASN C 122 -29.60 17.51 -6.90
CA ASN C 122 -29.02 17.74 -5.58
C ASN C 122 -27.51 17.59 -5.60
N VAL C 123 -26.99 16.55 -6.29
CA VAL C 123 -25.53 16.34 -6.43
C VAL C 123 -24.92 17.59 -7.12
N VAL C 124 -25.50 18.03 -8.26
CA VAL C 124 -25.04 19.16 -9.07
C VAL C 124 -25.06 20.47 -8.28
N LYS C 125 -26.09 20.67 -7.44
CA LYS C 125 -26.21 21.84 -6.59
C LYS C 125 -24.98 22.03 -5.67
N TYR C 126 -24.55 20.93 -5.01
CA TYR C 126 -23.45 20.99 -4.03
C TYR C 126 -22.05 20.70 -4.58
N SER C 127 -21.94 19.98 -5.72
CA SER C 127 -20.63 19.72 -6.37
C SER C 127 -20.78 19.95 -7.87
N PRO C 128 -20.90 21.22 -8.33
CA PRO C 128 -21.10 21.48 -9.77
C PRO C 128 -19.94 21.08 -10.68
N ASN C 129 -18.73 20.95 -10.10
CA ASN C 129 -17.55 20.55 -10.87
C ASN C 129 -17.14 19.05 -10.69
N CYS C 130 -17.97 18.25 -10.01
CA CYS C 130 -17.65 16.83 -9.79
C CYS C 130 -17.66 15.98 -11.07
N LYS C 131 -17.08 14.79 -10.98
CA LYS C 131 -17.20 13.76 -12.01
C LYS C 131 -18.29 12.85 -11.43
N LEU C 132 -19.24 12.46 -12.26
CA LEU C 132 -20.32 11.56 -11.86
C LEU C 132 -19.97 10.15 -12.34
N LEU C 133 -19.99 9.17 -11.43
CA LEU C 133 -19.74 7.77 -11.78
C LEU C 133 -20.99 6.96 -11.44
N ILE C 134 -21.71 6.50 -12.48
CA ILE C 134 -22.98 5.79 -12.35
C ILE C 134 -22.74 4.29 -12.30
N VAL C 135 -23.30 3.65 -11.26
CA VAL C 135 -23.19 2.19 -11.08
C VAL C 135 -24.58 1.56 -11.19
N SER C 136 -25.63 2.22 -10.62
CA SER C 136 -27.04 1.75 -10.63
C SER C 136 -27.48 1.25 -12.00
N ASN C 137 -28.27 0.18 -12.03
CA ASN C 137 -28.72 -0.44 -13.27
C ASN C 137 -30.08 0.03 -13.80
N PRO C 138 -30.34 -0.01 -15.15
CA PRO C 138 -29.47 -0.43 -16.28
C PRO C 138 -28.46 0.70 -16.42
N VAL C 139 -27.19 0.37 -16.16
CA VAL C 139 -26.14 1.37 -16.07
C VAL C 139 -25.98 2.25 -17.33
N ASP C 140 -26.12 1.69 -18.53
CA ASP C 140 -25.98 2.50 -19.74
C ASP C 140 -27.08 3.54 -19.91
N ILE C 141 -28.32 3.16 -19.59
CA ILE C 141 -29.48 4.05 -19.64
C ILE C 141 -29.34 5.13 -18.57
N LEU C 142 -29.02 4.73 -17.31
CA LEU C 142 -28.90 5.66 -16.19
C LEU C 142 -27.73 6.62 -16.33
N THR C 143 -26.65 6.26 -17.08
CA THR C 143 -25.53 7.19 -17.33
C THR C 143 -26.06 8.29 -18.28
N TYR C 144 -26.87 7.91 -19.30
CA TYR C 144 -27.51 8.87 -20.21
C TYR C 144 -28.41 9.81 -19.43
N VAL C 145 -29.21 9.25 -18.50
CA VAL C 145 -30.14 9.99 -17.64
C VAL C 145 -29.38 11.00 -16.78
N ALA C 146 -28.28 10.57 -16.13
CA ALA C 146 -27.45 11.46 -15.32
C ALA C 146 -26.89 12.60 -16.16
N TRP C 147 -26.39 12.28 -17.38
CA TRP C 147 -25.84 13.26 -18.33
C TRP C 147 -26.92 14.28 -18.72
N LYS C 148 -28.10 13.81 -19.08
CA LYS C 148 -29.21 14.66 -19.47
C LYS C 148 -29.65 15.62 -18.36
N ILE C 149 -29.93 15.09 -17.15
CA ILE C 149 -30.40 15.88 -16.01
C ILE C 149 -29.33 16.85 -15.51
N SER C 150 -28.07 16.38 -15.37
CA SER C 150 -26.98 17.21 -14.86
C SER C 150 -26.64 18.39 -15.75
N GLY C 151 -26.64 18.17 -17.07
CA GLY C 151 -26.23 19.16 -18.05
C GLY C 151 -24.71 19.21 -18.11
N PHE C 152 -24.01 18.23 -17.49
CA PHE C 152 -22.55 18.17 -17.46
C PHE C 152 -21.98 17.84 -18.84
N PRO C 153 -20.75 18.29 -19.18
CA PRO C 153 -20.13 17.81 -20.44
C PRO C 153 -19.90 16.28 -20.37
N LYS C 154 -19.88 15.59 -21.54
CA LYS C 154 -19.76 14.13 -21.62
CA LYS C 154 -19.67 14.14 -21.74
C LYS C 154 -18.58 13.55 -20.84
N ASN C 155 -17.44 14.26 -20.73
CA ASN C 155 -16.26 13.76 -20.00
C ASN C 155 -16.48 13.55 -18.51
N ARG C 156 -17.45 14.29 -17.90
CA ARG C 156 -17.70 14.23 -16.45
C ARG C 156 -18.86 13.29 -16.06
N VAL C 157 -19.41 12.51 -17.01
CA VAL C 157 -20.46 11.52 -16.73
C VAL C 157 -19.94 10.17 -17.20
N ILE C 158 -19.56 9.32 -16.25
CA ILE C 158 -18.95 8.01 -16.52
C ILE C 158 -19.85 6.92 -15.99
N GLY C 159 -20.12 5.92 -16.81
CA GLY C 159 -20.88 4.76 -16.38
C GLY C 159 -19.92 3.63 -16.07
N SER C 160 -20.18 2.89 -14.98
CA SER C 160 -19.37 1.71 -14.61
C SER C 160 -19.28 0.76 -15.83
N GLY C 161 -20.37 0.66 -16.60
CA GLY C 161 -20.47 -0.12 -17.83
C GLY C 161 -19.92 -1.53 -17.80
N CYS C 162 -18.97 -1.82 -18.70
CA CYS C 162 -18.37 -3.15 -18.81
C CYS C 162 -17.08 -3.32 -18.02
N ASN C 163 -16.90 -2.53 -16.95
CA ASN C 163 -15.71 -2.65 -16.11
C ASN C 163 -15.75 -3.98 -15.31
N LEU C 164 -16.92 -4.29 -14.72
CA LEU C 164 -17.07 -5.55 -13.96
C LEU C 164 -17.06 -6.74 -14.90
N ASP C 165 -17.68 -6.59 -16.09
CA ASP C 165 -17.75 -7.66 -17.10
C ASP C 165 -16.34 -8.06 -17.55
N SER C 166 -15.48 -7.06 -17.81
CA SER C 166 -14.09 -7.31 -18.25
C SER C 166 -13.27 -7.93 -17.12
N ALA C 167 -13.50 -7.51 -15.86
CA ALA C 167 -12.78 -8.01 -14.66
C ALA C 167 -13.11 -9.48 -14.49
N ARG C 168 -14.40 -9.86 -14.66
CA ARG C 168 -14.85 -11.25 -14.57
C ARG C 168 -14.23 -12.09 -15.68
N PHE C 169 -14.22 -11.55 -16.91
CA PHE C 169 -13.65 -12.21 -18.09
C PHE C 169 -12.17 -12.52 -17.89
N ARG C 170 -11.41 -11.56 -17.35
CA ARG C 170 -9.98 -11.69 -17.10
C ARG C 170 -9.69 -12.69 -15.98
N TYR C 171 -10.60 -12.77 -14.99
CA TYR C 171 -10.50 -13.76 -13.91
C TYR C 171 -10.65 -15.16 -14.52
N LEU C 172 -11.71 -15.36 -15.33
CA LEU C 172 -12.00 -16.63 -15.99
C LEU C 172 -10.90 -17.05 -16.95
N MET C 173 -10.37 -16.09 -17.75
CA MET C 173 -9.27 -16.33 -18.69
C MET C 173 -8.03 -16.80 -17.89
N GLY C 174 -7.72 -16.10 -16.79
CA GLY C 174 -6.60 -16.43 -15.91
C GLY C 174 -6.67 -17.81 -15.32
N GLU C 175 -7.87 -18.23 -14.91
CA GLU C 175 -8.12 -19.55 -14.36
C GLU C 175 -7.86 -20.64 -15.39
N ARG C 176 -8.31 -20.38 -16.61
CA ARG C 176 -8.15 -21.28 -17.73
C ARG C 176 -6.68 -21.44 -18.13
N LEU C 177 -5.90 -20.33 -18.13
CA LEU C 177 -4.50 -20.37 -18.56
C LEU C 177 -3.47 -20.61 -17.45
N GLY C 178 -3.87 -20.52 -16.18
CA GLY C 178 -2.96 -20.64 -15.04
C GLY C 178 -2.03 -19.44 -14.91
N VAL C 179 -2.55 -18.25 -15.28
CA VAL C 179 -1.82 -16.95 -15.27
C VAL C 179 -2.65 -15.95 -14.44
N HIS C 180 -2.01 -15.05 -13.68
CA HIS C 180 -2.71 -14.00 -12.92
C HIS C 180 -3.58 -13.13 -13.88
N PRO C 181 -4.83 -12.73 -13.50
CA PRO C 181 -5.65 -11.88 -14.40
C PRO C 181 -4.98 -10.59 -14.87
N LEU C 182 -4.05 -10.03 -14.07
CA LEU C 182 -3.30 -8.80 -14.45
C LEU C 182 -2.54 -9.01 -15.76
N SER C 183 -2.10 -10.26 -16.03
CA SER C 183 -1.33 -10.60 -17.22
C SER C 183 -2.19 -11.21 -18.36
N CYS C 184 -3.50 -11.33 -18.15
CA CYS C 184 -4.46 -11.87 -19.13
C CYS C 184 -5.31 -10.72 -19.65
N HIS C 185 -5.00 -10.23 -20.84
CA HIS C 185 -5.70 -9.08 -21.42
C HIS C 185 -6.84 -9.49 -22.31
N GLY C 186 -7.94 -8.76 -22.18
CA GLY C 186 -9.17 -9.04 -22.93
C GLY C 186 -10.21 -8.02 -22.57
N TRP C 187 -10.99 -7.59 -23.58
CA TRP C 187 -11.97 -6.54 -23.44
C TRP C 187 -13.37 -6.98 -23.79
N VAL C 188 -14.29 -6.67 -22.87
CA VAL C 188 -15.72 -6.91 -23.00
C VAL C 188 -16.30 -5.50 -23.10
N LEU C 189 -16.96 -5.19 -24.22
CA LEU C 189 -17.47 -3.87 -24.52
C LEU C 189 -18.97 -3.84 -24.86
N GLY C 190 -19.47 -2.66 -25.19
CA GLY C 190 -20.85 -2.46 -25.60
C GLY C 190 -21.76 -2.29 -24.40
N GLU C 191 -22.90 -2.95 -24.42
CA GLU C 191 -23.91 -2.85 -23.38
C GLU C 191 -23.54 -3.71 -22.19
N HIS C 192 -23.54 -3.13 -20.99
CA HIS C 192 -23.23 -3.88 -19.79
C HIS C 192 -24.22 -5.06 -19.59
N GLY C 193 -23.71 -6.19 -19.09
CA GLY C 193 -24.53 -7.34 -18.75
C GLY C 193 -24.75 -8.37 -19.84
N ASP C 194 -25.99 -8.83 -19.98
CA ASP C 194 -26.39 -9.88 -20.91
C ASP C 194 -25.96 -9.70 -22.36
N SER C 195 -26.05 -8.45 -22.87
CA SER C 195 -25.80 -8.15 -24.28
C SER C 195 -24.38 -7.64 -24.57
N SER C 196 -23.44 -7.84 -23.63
CA SER C 196 -22.06 -7.35 -23.83
C SER C 196 -21.34 -8.11 -24.94
N VAL C 197 -20.26 -7.50 -25.47
CA VAL C 197 -19.49 -8.02 -26.57
C VAL C 197 -18.03 -8.33 -26.21
N PRO C 198 -17.59 -9.60 -26.26
CA PRO C 198 -16.17 -9.89 -26.04
C PRO C 198 -15.40 -9.61 -27.35
N VAL C 199 -14.34 -8.79 -27.28
CA VAL C 199 -13.58 -8.44 -28.49
C VAL C 199 -12.47 -9.47 -28.60
N TRP C 200 -12.75 -10.59 -29.30
CA TRP C 200 -11.79 -11.70 -29.44
C TRP C 200 -10.42 -11.31 -30.00
N SER C 201 -10.37 -10.32 -30.91
CA SER C 201 -9.13 -9.86 -31.52
C SER C 201 -8.10 -9.29 -30.53
N GLY C 202 -8.57 -8.78 -29.39
CA GLY C 202 -7.69 -8.18 -28.39
C GLY C 202 -7.26 -9.12 -27.26
N MET C 203 -7.81 -10.34 -27.23
CA MET C 203 -7.53 -11.33 -26.17
C MET C 203 -6.06 -11.79 -26.32
N ASN C 204 -5.22 -11.48 -25.32
CA ASN C 204 -3.81 -11.83 -25.44
C ASN C 204 -3.11 -12.02 -24.12
N VAL C 205 -1.95 -12.69 -24.17
CA VAL C 205 -1.05 -12.82 -23.04
C VAL C 205 0.30 -12.36 -23.60
N ALA C 206 0.92 -11.38 -22.95
CA ALA C 206 2.20 -10.85 -23.37
C ALA C 206 2.24 -10.35 -24.83
N GLY C 207 1.13 -9.82 -25.32
CA GLY C 207 1.04 -9.32 -26.68
C GLY C 207 0.87 -10.40 -27.74
N VAL C 208 0.71 -11.65 -27.32
CA VAL C 208 0.52 -12.79 -28.23
C VAL C 208 -1.01 -12.94 -28.37
N SER C 209 -1.54 -12.60 -29.56
CA SER C 209 -2.97 -12.70 -29.86
C SER C 209 -3.42 -14.16 -29.85
N LEU C 210 -4.41 -14.50 -29.00
CA LEU C 210 -4.97 -15.86 -28.93
C LEU C 210 -5.73 -16.17 -30.23
N LYS C 211 -6.34 -15.16 -30.87
CA LYS C 211 -7.10 -15.31 -32.13
C LYS C 211 -6.17 -15.67 -33.30
N THR C 212 -4.95 -15.09 -33.33
CA THR C 212 -3.95 -15.39 -34.35
C THR C 212 -3.44 -16.83 -34.22
N LEU C 213 -3.21 -17.28 -32.98
CA LEU C 213 -2.77 -18.65 -32.68
C LEU C 213 -3.89 -19.66 -32.93
N HIS C 214 -5.13 -19.28 -32.62
CA HIS C 214 -6.29 -20.15 -32.67
C HIS C 214 -7.42 -19.45 -33.45
N PRO C 215 -7.42 -19.52 -34.80
CA PRO C 215 -8.41 -18.75 -35.59
C PRO C 215 -9.89 -19.00 -35.26
N ASP C 216 -10.24 -20.15 -34.66
CA ASP C 216 -11.62 -20.44 -34.28
C ASP C 216 -12.05 -19.76 -32.98
N LEU C 217 -11.12 -19.06 -32.29
CA LEU C 217 -11.42 -18.38 -31.04
C LEU C 217 -12.63 -17.47 -31.14
N GLY C 218 -13.54 -17.64 -30.18
CA GLY C 218 -14.77 -16.86 -30.09
C GLY C 218 -15.90 -17.31 -30.99
N THR C 219 -15.64 -18.25 -31.93
CA THR C 219 -16.68 -18.74 -32.83
C THR C 219 -17.37 -19.91 -32.17
N ASP C 220 -18.63 -20.17 -32.56
CA ASP C 220 -19.42 -21.27 -32.02
C ASP C 220 -18.84 -22.66 -32.43
N LYS C 221 -18.10 -22.73 -33.57
CA LYS C 221 -17.44 -23.95 -34.10
C LYS C 221 -16.07 -24.29 -33.47
N ASP C 222 -15.58 -23.46 -32.53
CA ASP C 222 -14.30 -23.62 -31.83
C ASP C 222 -14.30 -24.94 -31.05
N LYS C 223 -13.40 -25.85 -31.42
CA LYS C 223 -13.29 -27.18 -30.80
C LYS C 223 -13.05 -27.07 -29.28
N GLU C 224 -12.38 -26.00 -28.84
CA GLU C 224 -12.06 -25.73 -27.43
C GLU C 224 -13.08 -24.83 -26.75
N GLN C 225 -14.06 -24.31 -27.53
CA GLN C 225 -15.17 -23.45 -27.08
C GLN C 225 -14.69 -22.30 -26.17
N TRP C 226 -13.74 -21.47 -26.65
CA TRP C 226 -13.22 -20.36 -25.85
C TRP C 226 -14.26 -19.29 -25.57
N LYS C 227 -15.37 -19.33 -26.33
CA LYS C 227 -16.55 -18.49 -26.20
C LYS C 227 -17.16 -18.72 -24.80
N GLU C 228 -16.86 -19.89 -24.19
CA GLU C 228 -17.28 -20.27 -22.83
C GLU C 228 -16.86 -19.21 -21.83
N VAL C 229 -15.66 -18.61 -22.03
CA VAL C 229 -15.11 -17.57 -21.13
C VAL C 229 -16.08 -16.40 -21.05
N HIS C 230 -16.60 -15.91 -22.19
CA HIS C 230 -17.55 -14.80 -22.14
C HIS C 230 -18.89 -15.25 -21.60
N LYS C 231 -19.36 -16.44 -22.03
CA LYS C 231 -20.64 -16.97 -21.58
C LYS C 231 -20.63 -17.17 -20.05
N GLN C 232 -19.52 -17.64 -19.48
CA GLN C 232 -19.39 -17.84 -18.04
C GLN C 232 -19.36 -16.51 -17.27
N VAL C 233 -19.06 -15.38 -17.96
CA VAL C 233 -19.10 -14.05 -17.33
C VAL C 233 -20.58 -13.78 -16.98
N VAL C 234 -21.48 -13.99 -17.96
CA VAL C 234 -22.91 -13.77 -17.78
C VAL C 234 -23.47 -14.79 -16.79
N GLU C 235 -23.14 -16.08 -16.97
CA GLU C 235 -23.59 -17.18 -16.09
C GLU C 235 -23.14 -17.00 -14.64
N SER C 236 -21.85 -16.61 -14.42
CA SER C 236 -21.35 -16.41 -13.04
C SER C 236 -22.09 -15.27 -12.34
N ALA C 237 -22.49 -14.21 -13.09
CA ALA C 237 -23.25 -13.08 -12.54
C ALA C 237 -24.59 -13.57 -11.97
N TYR C 238 -25.35 -14.34 -12.76
CA TYR C 238 -26.62 -14.94 -12.32
C TYR C 238 -26.39 -15.93 -11.20
N GLU C 239 -25.30 -16.71 -11.29
CA GLU C 239 -24.98 -17.69 -10.25
C GLU C 239 -24.72 -17.03 -8.89
N VAL C 240 -23.96 -15.91 -8.87
CA VAL C 240 -23.68 -15.19 -7.62
C VAL C 240 -24.99 -14.72 -6.98
N ILE C 241 -25.92 -14.16 -7.78
CA ILE C 241 -27.23 -13.70 -7.29
C ILE C 241 -28.02 -14.89 -6.72
N LYS C 242 -28.04 -16.02 -7.44
CA LYS C 242 -28.69 -17.25 -7.00
C LYS C 242 -28.13 -17.73 -5.64
N LEU C 243 -26.79 -17.69 -5.48
CA LEU C 243 -26.11 -18.21 -4.30
C LEU C 243 -26.11 -17.28 -3.06
N LYS C 244 -25.84 -15.97 -3.24
CA LYS C 244 -25.82 -15.05 -2.06
C LYS C 244 -26.88 -13.92 -2.11
N GLY C 245 -27.53 -13.72 -3.27
CA GLY C 245 -28.61 -12.75 -3.44
C GLY C 245 -28.22 -11.39 -4.02
N TYR C 246 -26.91 -11.11 -4.15
CA TYR C 246 -26.38 -9.83 -4.66
C TYR C 246 -24.88 -9.98 -4.90
N THR C 247 -24.29 -9.00 -5.56
CA THR C 247 -22.85 -8.93 -5.77
C THR C 247 -22.41 -7.64 -5.12
N SER C 248 -21.32 -7.70 -4.36
CA SER C 248 -20.82 -6.54 -3.67
C SER C 248 -19.31 -6.34 -3.80
N TRP C 249 -18.51 -7.34 -3.39
CA TRP C 249 -17.06 -7.26 -3.37
C TRP C 249 -16.43 -6.97 -4.72
N ALA C 250 -16.78 -7.74 -5.77
CA ALA C 250 -16.21 -7.55 -7.11
C ALA C 250 -16.54 -6.18 -7.72
N ILE C 251 -17.80 -5.74 -7.61
CA ILE C 251 -18.19 -4.43 -8.13
C ILE C 251 -17.52 -3.30 -7.29
N GLY C 252 -17.45 -3.46 -5.97
CA GLY C 252 -16.80 -2.49 -5.09
C GLY C 252 -15.33 -2.30 -5.45
N LEU C 253 -14.60 -3.41 -5.68
CA LEU C 253 -13.19 -3.38 -6.08
C LEU C 253 -12.99 -2.72 -7.46
N SER C 254 -13.87 -3.02 -8.44
CA SER C 254 -13.81 -2.44 -9.79
C SER C 254 -14.07 -0.93 -9.76
N VAL C 255 -15.04 -0.48 -8.95
CA VAL C 255 -15.35 0.92 -8.80
C VAL C 255 -14.18 1.69 -8.17
N ALA C 256 -13.54 1.11 -7.12
CA ALA C 256 -12.39 1.76 -6.47
C ALA C 256 -11.22 1.91 -7.45
N ASP C 257 -11.10 0.97 -8.39
CA ASP C 257 -10.05 1.02 -9.42
C ASP C 257 -10.30 2.21 -10.37
N LEU C 258 -11.57 2.47 -10.75
CA LEU C 258 -11.92 3.62 -11.60
C LEU C 258 -11.66 4.92 -10.81
N ALA C 259 -12.10 4.95 -9.51
CA ALA C 259 -11.90 6.08 -8.60
C ALA C 259 -10.42 6.42 -8.46
N GLU C 260 -9.53 5.39 -8.42
CA GLU C 260 -8.09 5.61 -8.31
C GLU C 260 -7.56 6.36 -9.54
N SER C 261 -7.96 5.93 -10.77
CA SER C 261 -7.51 6.62 -11.98
C SER C 261 -7.95 8.07 -12.00
N ILE C 262 -9.24 8.33 -11.65
CA ILE C 262 -9.83 9.67 -11.60
C ILE C 262 -9.16 10.55 -10.55
N MET C 263 -9.11 10.09 -9.28
CA MET C 263 -8.54 10.86 -8.18
C MET C 263 -7.04 11.14 -8.32
N LYS C 264 -6.30 10.20 -8.85
CA LYS C 264 -4.84 10.35 -8.99
C LYS C 264 -4.40 10.79 -10.39
N ASN C 265 -5.38 11.08 -11.30
CA ASN C 265 -5.13 11.53 -12.68
C ASN C 265 -4.17 10.56 -13.42
N LEU C 266 -4.41 9.25 -13.29
CA LEU C 266 -3.48 8.26 -13.85
C LEU C 266 -3.46 8.16 -15.37
N ARG C 267 -4.60 8.39 -16.02
CA ARG C 267 -4.74 8.26 -17.46
C ARG C 267 -4.53 6.80 -17.90
N ARG C 268 -5.07 5.86 -17.10
CA ARG C 268 -5.09 4.44 -17.43
C ARG C 268 -6.33 4.24 -18.31
N VAL C 269 -6.38 3.13 -19.03
CA VAL C 269 -7.48 2.80 -19.94
C VAL C 269 -8.38 1.79 -19.27
N HIS C 270 -9.68 2.09 -19.20
CA HIS C 270 -10.67 1.23 -18.56
C HIS C 270 -11.89 1.05 -19.45
N PRO C 271 -12.58 -0.11 -19.41
CA PRO C 271 -13.82 -0.25 -20.18
C PRO C 271 -15.00 0.37 -19.39
N VAL C 272 -15.39 1.59 -19.75
CA VAL C 272 -16.47 2.30 -19.07
C VAL C 272 -17.45 2.82 -20.10
N SER C 273 -18.66 3.15 -19.65
CA SER C 273 -19.72 3.65 -20.51
C SER C 273 -19.57 5.13 -20.77
N THR C 274 -19.51 5.48 -22.06
CA THR C 274 -19.36 6.87 -22.53
C THR C 274 -20.30 7.13 -23.71
N MET C 275 -20.53 8.38 -24.04
CA MET C 275 -21.37 8.81 -25.17
C MET C 275 -20.70 8.28 -26.47
N ILE C 276 -21.25 7.24 -27.11
CA ILE C 276 -20.63 6.65 -28.32
C ILE C 276 -21.21 7.19 -29.66
N LYS C 277 -22.10 8.22 -29.61
CA LYS C 277 -22.66 8.83 -30.82
C LYS C 277 -21.52 9.26 -31.76
N GLY C 278 -21.61 8.82 -33.02
CA GLY C 278 -20.62 9.10 -34.05
C GLY C 278 -19.66 7.95 -34.30
N LEU C 279 -19.80 6.85 -33.53
CA LEU C 279 -18.97 5.67 -33.67
C LEU C 279 -19.81 4.47 -34.02
N TYR C 280 -19.23 3.53 -34.78
CA TYR C 280 -19.85 2.26 -35.20
C TYR C 280 -21.24 2.44 -35.85
N GLY C 281 -21.40 3.53 -36.61
CA GLY C 281 -22.65 3.86 -37.27
C GLY C 281 -23.75 4.34 -36.34
N ILE C 282 -23.42 4.56 -35.04
CA ILE C 282 -24.39 5.00 -34.03
C ILE C 282 -24.65 6.50 -34.14
N LYS C 283 -25.92 6.87 -34.32
CA LYS C 283 -26.36 8.25 -34.48
C LYS C 283 -27.16 8.79 -33.29
N ASP C 284 -27.58 7.90 -32.37
CA ASP C 284 -28.37 8.31 -31.20
C ASP C 284 -27.52 8.65 -29.97
N ASP C 285 -28.10 9.43 -29.03
CA ASP C 285 -27.49 9.83 -27.75
C ASP C 285 -27.49 8.63 -26.81
N VAL C 286 -26.55 7.71 -27.03
CA VAL C 286 -26.48 6.50 -26.22
C VAL C 286 -25.08 6.31 -25.64
N PHE C 287 -25.04 5.69 -24.46
CA PHE C 287 -23.82 5.43 -23.72
C PHE C 287 -23.51 3.96 -23.78
N LEU C 288 -22.33 3.60 -24.29
CA LEU C 288 -21.87 2.21 -24.38
C LEU C 288 -20.41 2.15 -23.99
N SER C 289 -19.95 0.97 -23.56
CA SER C 289 -18.57 0.83 -23.12
C SER C 289 -17.59 0.66 -24.26
N VAL C 290 -16.54 1.45 -24.20
CA VAL C 290 -15.36 1.38 -25.06
C VAL C 290 -14.18 1.62 -24.09
N PRO C 291 -12.92 1.34 -24.48
CA PRO C 291 -11.80 1.62 -23.57
C PRO C 291 -11.61 3.14 -23.51
N CYS C 292 -11.68 3.71 -22.30
CA CYS C 292 -11.56 5.15 -22.07
C CYS C 292 -10.35 5.46 -21.22
N ILE C 293 -9.71 6.61 -21.48
CA ILE C 293 -8.60 7.13 -20.68
C ILE C 293 -9.25 7.93 -19.55
N LEU C 294 -8.97 7.53 -18.28
CA LEU C 294 -9.54 8.14 -17.08
C LEU C 294 -8.54 8.95 -16.32
N GLY C 295 -8.92 10.18 -16.00
CA GLY C 295 -8.06 11.12 -15.28
C GLY C 295 -8.87 12.12 -14.49
N GLN C 296 -8.22 13.24 -14.09
CA GLN C 296 -8.86 14.24 -13.25
C GLN C 296 -10.05 14.97 -13.90
N ASN C 297 -10.18 14.94 -15.23
CA ASN C 297 -11.33 15.54 -15.92
C ASN C 297 -12.31 14.44 -16.37
N GLY C 298 -12.18 13.25 -15.81
CA GLY C 298 -13.04 12.13 -16.17
C GLY C 298 -12.54 11.44 -17.42
N ILE C 299 -13.40 11.28 -18.43
CA ILE C 299 -13.04 10.65 -19.72
C ILE C 299 -12.49 11.71 -20.65
N SER C 300 -11.17 11.77 -20.82
CA SER C 300 -10.57 12.77 -21.71
C SER C 300 -10.43 12.25 -23.15
N ASP C 301 -10.37 10.94 -23.28
CA ASP C 301 -10.15 10.27 -24.57
C ASP C 301 -10.73 8.89 -24.54
N LEU C 302 -10.92 8.32 -25.74
CA LEU C 302 -11.35 6.94 -25.91
C LEU C 302 -10.51 6.26 -27.00
N VAL C 303 -10.34 4.94 -26.88
CA VAL C 303 -9.60 4.11 -27.81
C VAL C 303 -10.57 3.65 -28.90
N LYS C 304 -10.15 3.83 -30.17
CA LYS C 304 -10.93 3.43 -31.32
C LYS C 304 -10.63 1.99 -31.66
N VAL C 305 -11.36 1.07 -31.02
CA VAL C 305 -11.20 -0.37 -31.21
C VAL C 305 -11.70 -0.78 -32.60
N THR C 306 -10.89 -1.60 -33.32
CA THR C 306 -11.29 -2.15 -34.61
C THR C 306 -12.21 -3.32 -34.27
N LEU C 307 -13.46 -3.22 -34.68
CA LEU C 307 -14.46 -4.26 -34.46
C LEU C 307 -14.78 -4.96 -35.77
N THR C 308 -15.20 -6.23 -35.68
CA THR C 308 -15.64 -6.98 -36.86
C THR C 308 -17.08 -6.50 -37.16
N SER C 309 -17.60 -6.86 -38.36
CA SER C 309 -18.97 -6.52 -38.77
C SER C 309 -20.00 -7.03 -37.77
N GLU C 310 -19.79 -8.25 -37.25
CA GLU C 310 -20.64 -8.90 -36.25
C GLU C 310 -20.62 -8.11 -34.92
N GLU C 311 -19.42 -7.68 -34.46
CA GLU C 311 -19.23 -6.91 -33.22
C GLU C 311 -19.89 -5.55 -33.34
N GLU C 312 -19.73 -4.90 -34.53
CA GLU C 312 -20.33 -3.59 -34.82
C GLU C 312 -21.83 -3.68 -34.85
N ALA C 313 -22.37 -4.77 -35.43
CA ALA C 313 -23.82 -5.01 -35.53
C ALA C 313 -24.42 -5.17 -34.16
N ARG C 314 -23.72 -5.85 -33.23
CA ARG C 314 -24.19 -6.06 -31.86
C ARG C 314 -24.26 -4.74 -31.07
N LEU C 315 -23.26 -3.84 -31.27
CA LEU C 315 -23.23 -2.54 -30.59
C LEU C 315 -24.34 -1.64 -31.12
N LYS C 316 -24.56 -1.66 -32.45
CA LYS C 316 -25.60 -0.89 -33.11
C LYS C 316 -26.99 -1.36 -32.65
N LYS C 317 -27.19 -2.67 -32.51
CA LYS C 317 -28.43 -3.25 -32.02
C LYS C 317 -28.71 -2.81 -30.57
N SER C 318 -27.64 -2.78 -29.73
CA SER C 318 -27.73 -2.32 -28.33
C SER C 318 -28.12 -0.85 -28.31
N ALA C 319 -27.48 -0.03 -29.19
CA ALA C 319 -27.78 1.41 -29.29
C ALA C 319 -29.25 1.65 -29.67
N ASP C 320 -29.78 0.84 -30.62
CA ASP C 320 -31.17 0.94 -31.04
C ASP C 320 -32.13 0.61 -29.88
N THR C 321 -31.82 -0.47 -29.12
CA THR C 321 -32.62 -0.90 -27.98
C THR C 321 -32.60 0.16 -26.89
N LEU C 322 -31.39 0.61 -26.49
CA LEU C 322 -31.24 1.65 -25.45
C LEU C 322 -31.96 2.94 -25.84
N TRP C 323 -31.78 3.42 -27.09
CA TRP C 323 -32.46 4.63 -27.56
C TRP C 323 -33.99 4.50 -27.57
N GLY C 324 -34.49 3.31 -27.92
CA GLY C 324 -35.91 2.98 -27.90
C GLY C 324 -36.55 3.19 -26.54
N ILE C 325 -35.82 2.83 -25.46
CA ILE C 325 -36.26 3.02 -24.09
C ILE C 325 -36.13 4.51 -23.70
N GLN C 326 -34.98 5.10 -24.03
CA GLN C 326 -34.62 6.49 -23.69
C GLN C 326 -35.54 7.55 -24.27
N LYS C 327 -36.01 7.37 -25.51
CA LYS C 327 -36.86 8.35 -26.18
C LYS C 327 -38.25 8.46 -25.50
N GLU C 328 -38.70 7.42 -24.80
CA GLU C 328 -39.98 7.40 -24.10
C GLU C 328 -39.88 7.95 -22.67
N LEU C 329 -38.65 8.22 -22.17
CA LEU C 329 -38.43 8.74 -20.80
C LEU C 329 -38.85 10.19 -20.62
N GLN C 330 -39.29 10.55 -19.40
CA GLN C 330 -39.69 11.91 -19.04
C GLN C 330 -38.77 12.54 -17.96
N PHE C 331 -38.05 13.62 -18.32
CA PHE C 331 -37.11 14.33 -17.44
C PHE C 331 -37.67 15.65 -16.92
N ALA D 1 -2.43 -29.93 -30.36
CA ALA D 1 -2.23 -29.35 -29.02
C ALA D 1 -3.31 -28.33 -28.69
N THR D 2 -3.63 -28.17 -27.38
CA THR D 2 -4.63 -27.20 -26.89
C THR D 2 -4.06 -25.80 -27.07
N LEU D 3 -4.93 -24.76 -26.98
CA LEU D 3 -4.48 -23.36 -27.10
C LEU D 3 -3.52 -23.04 -25.95
N LYS D 4 -3.83 -23.51 -24.71
CA LYS D 4 -2.99 -23.32 -23.53
C LYS D 4 -1.56 -23.87 -23.80
N ASP D 5 -1.44 -25.07 -24.38
CA ASP D 5 -0.14 -25.68 -24.69
C ASP D 5 0.56 -25.02 -25.87
N GLN D 6 -0.20 -24.41 -26.77
CA GLN D 6 0.32 -23.68 -27.93
C GLN D 6 0.91 -22.32 -27.46
N LEU D 7 0.24 -21.68 -26.50
CA LEU D 7 0.62 -20.38 -25.94
C LEU D 7 1.71 -20.48 -24.85
N ILE D 8 1.58 -21.47 -23.97
CA ILE D 8 2.45 -21.64 -22.79
C ILE D 8 3.25 -22.94 -22.77
N TYR D 9 4.57 -22.81 -22.58
CA TYR D 9 5.46 -23.95 -22.38
C TYR D 9 5.69 -24.12 -20.87
N ASN D 10 5.36 -25.30 -20.34
CA ASN D 10 5.52 -25.63 -18.93
C ASN D 10 6.93 -26.14 -18.59
N LEU D 11 7.57 -25.55 -17.56
CA LEU D 11 8.90 -25.96 -17.10
C LEU D 11 8.77 -27.08 -16.07
N LEU D 12 7.79 -26.99 -15.16
CA LEU D 12 7.47 -28.00 -14.15
C LEU D 12 6.04 -27.90 -13.66
N LYS D 13 5.48 -29.02 -13.27
CA LYS D 13 4.11 -29.10 -12.78
C LYS D 13 4.07 -29.58 -11.32
N GLU D 14 5.08 -29.17 -10.51
CA GLU D 14 5.13 -29.57 -9.09
C GLU D 14 4.23 -28.71 -8.22
N GLU D 15 3.16 -29.32 -7.68
CA GLU D 15 2.19 -28.65 -6.81
C GLU D 15 2.87 -28.39 -5.48
N GLN D 16 2.86 -27.12 -5.04
CA GLN D 16 3.52 -26.75 -3.79
C GLN D 16 2.57 -26.16 -2.74
N THR D 17 3.05 -26.16 -1.48
CA THR D 17 2.29 -25.72 -0.32
C THR D 17 2.14 -24.19 -0.22
N PRO D 18 0.94 -23.68 0.18
CA PRO D 18 0.79 -22.23 0.36
C PRO D 18 1.73 -21.75 1.46
N GLN D 19 2.39 -20.64 1.22
CA GLN D 19 3.37 -20.10 2.15
C GLN D 19 2.80 -19.14 3.19
N ASN D 20 1.73 -18.39 2.85
CA ASN D 20 1.13 -17.40 3.77
C ASN D 20 -0.39 -17.48 3.72
N LYS D 21 -0.92 -18.64 4.06
CA LYS D 21 -2.34 -18.92 3.97
C LYS D 21 -3.10 -18.51 5.20
N ILE D 22 -4.28 -17.92 4.99
CA ILE D 22 -5.20 -17.51 6.05
C ILE D 22 -6.55 -18.16 5.76
N THR D 23 -7.21 -18.68 6.80
CA THR D 23 -8.55 -19.22 6.69
C THR D 23 -9.48 -18.35 7.53
N VAL D 24 -10.70 -18.12 7.04
CA VAL D 24 -11.74 -17.43 7.80
C VAL D 24 -12.88 -18.46 7.94
N VAL D 25 -13.31 -18.74 9.19
CA VAL D 25 -14.40 -19.70 9.47
C VAL D 25 -15.65 -18.91 9.89
N GLY D 26 -16.70 -19.00 9.07
CA GLY D 26 -17.96 -18.29 9.28
C GLY D 26 -17.97 -17.08 8.38
N VAL D 27 -18.68 -17.17 7.24
CA VAL D 27 -18.69 -16.08 6.25
C VAL D 27 -19.89 -15.15 6.42
N GLY D 28 -20.12 -14.74 7.67
CA GLY D 28 -21.17 -13.77 7.94
C GLY D 28 -20.65 -12.35 7.75
N ALA D 29 -21.36 -11.36 8.31
CA ALA D 29 -20.99 -9.95 8.21
C ALA D 29 -19.55 -9.71 8.69
N VAL D 30 -19.17 -10.27 9.84
CA VAL D 30 -17.83 -10.14 10.43
C VAL D 30 -16.78 -10.87 9.60
N GLY D 31 -17.01 -12.16 9.32
CA GLY D 31 -16.07 -12.95 8.50
C GLY D 31 -15.73 -12.34 7.16
N MET D 32 -16.74 -11.87 6.43
CA MET D 32 -16.48 -11.27 5.10
C MET D 32 -15.78 -9.93 5.17
N ALA D 33 -16.02 -9.14 6.24
CA ALA D 33 -15.31 -7.87 6.40
C ALA D 33 -13.84 -8.15 6.78
N CYS D 34 -13.58 -9.23 7.54
CA CYS D 34 -12.23 -9.70 7.86
C CYS D 34 -11.57 -10.05 6.54
N ALA D 35 -12.25 -10.87 5.69
CA ALA D 35 -11.79 -11.29 4.38
C ALA D 35 -11.41 -10.12 3.50
N ILE D 36 -12.32 -9.16 3.25
CA ILE D 36 -12.04 -8.03 2.35
C ILE D 36 -10.87 -7.17 2.88
N SER D 37 -10.81 -6.95 4.20
CA SER D 37 -9.70 -6.18 4.78
C SER D 37 -8.35 -6.88 4.64
N ILE D 38 -8.31 -8.23 4.85
CA ILE D 38 -7.09 -9.03 4.69
C ILE D 38 -6.65 -9.01 3.23
N LEU D 39 -7.60 -9.19 2.31
CA LEU D 39 -7.32 -9.16 0.87
C LEU D 39 -6.76 -7.81 0.42
N MET D 40 -7.37 -6.74 0.90
CA MET D 40 -6.92 -5.40 0.51
C MET D 40 -5.59 -4.99 1.15
N LYS D 41 -5.14 -5.74 2.18
CA LYS D 41 -3.86 -5.46 2.82
C LYS D 41 -2.72 -6.37 2.31
N ASP D 42 -3.01 -7.25 1.30
CA ASP D 42 -2.02 -8.18 0.72
C ASP D 42 -1.31 -9.02 1.81
N LEU D 43 -2.08 -9.58 2.73
CA LEU D 43 -1.47 -10.35 3.83
C LEU D 43 -1.31 -11.84 3.51
N ALA D 44 -2.13 -12.36 2.60
CA ALA D 44 -2.15 -13.78 2.29
C ALA D 44 -1.85 -14.09 0.83
N ASP D 45 -1.30 -15.28 0.56
CA ASP D 45 -1.08 -15.76 -0.81
C ASP D 45 -2.20 -16.73 -1.17
N GLU D 46 -2.95 -17.15 -0.14
CA GLU D 46 -4.11 -18.01 -0.27
C GLU D 46 -5.10 -17.70 0.84
N LEU D 47 -6.38 -17.53 0.47
CA LEU D 47 -7.45 -17.32 1.43
C LEU D 47 -8.46 -18.48 1.32
N ALA D 48 -8.78 -19.13 2.45
CA ALA D 48 -9.77 -20.21 2.50
C ALA D 48 -10.94 -19.76 3.34
N LEU D 49 -12.16 -20.03 2.87
CA LEU D 49 -13.38 -19.67 3.57
C LEU D 49 -14.14 -20.93 3.92
N VAL D 50 -14.66 -21.02 5.14
CA VAL D 50 -15.45 -22.19 5.59
C VAL D 50 -16.75 -21.68 6.20
N ASP D 51 -17.84 -22.43 6.01
CA ASP D 51 -19.15 -22.16 6.59
C ASP D 51 -19.96 -23.46 6.50
N VAL D 52 -21.17 -23.47 7.06
CA VAL D 52 -22.09 -24.61 6.99
C VAL D 52 -23.18 -24.36 5.93
N ILE D 53 -23.42 -23.07 5.56
CA ILE D 53 -24.39 -22.71 4.52
C ILE D 53 -23.64 -22.70 3.19
N GLU D 54 -23.80 -23.79 2.42
CA GLU D 54 -23.05 -24.06 1.20
C GLU D 54 -23.25 -23.06 0.07
N ASP D 55 -24.48 -22.62 -0.19
CA ASP D 55 -24.77 -21.66 -1.26
C ASP D 55 -24.16 -20.29 -0.98
N LYS D 56 -24.39 -19.72 0.21
CA LYS D 56 -23.85 -18.44 0.68
C LYS D 56 -22.31 -18.47 0.58
N LEU D 57 -21.70 -19.57 1.07
CA LEU D 57 -20.26 -19.79 1.05
C LEU D 57 -19.70 -19.73 -0.38
N LYS D 58 -20.32 -20.47 -1.32
CA LYS D 58 -19.90 -20.48 -2.72
C LYS D 58 -20.06 -19.09 -3.37
N GLY D 59 -21.18 -18.43 -3.10
CA GLY D 59 -21.44 -17.09 -3.62
C GLY D 59 -20.44 -16.07 -3.15
N GLU D 60 -20.03 -16.16 -1.86
CA GLU D 60 -19.07 -15.22 -1.26
C GLU D 60 -17.70 -15.45 -1.86
N MET D 61 -17.30 -16.73 -2.00
CA MET D 61 -16.04 -17.12 -2.64
C MET D 61 -15.97 -16.55 -4.06
N MET D 62 -16.99 -16.79 -4.87
CA MET D 62 -17.06 -16.30 -6.26
C MET D 62 -16.98 -14.80 -6.37
N ASP D 63 -17.74 -14.09 -5.52
CA ASP D 63 -17.74 -12.64 -5.48
C ASP D 63 -16.34 -12.07 -5.22
N LEU D 64 -15.58 -12.70 -4.27
CA LEU D 64 -14.21 -12.28 -3.99
C LEU D 64 -13.30 -12.62 -5.18
N GLN D 65 -13.44 -13.84 -5.73
CA GLN D 65 -12.65 -14.27 -6.89
C GLN D 65 -12.84 -13.33 -8.08
N HIS D 66 -14.06 -12.81 -8.29
CA HIS D 66 -14.34 -11.91 -9.41
C HIS D 66 -13.62 -10.56 -9.30
N GLY D 67 -13.12 -10.23 -8.10
CA GLY D 67 -12.34 -9.01 -7.86
C GLY D 67 -10.84 -9.25 -7.90
N SER D 68 -10.39 -10.49 -8.28
CA SER D 68 -8.96 -10.92 -8.36
C SER D 68 -8.04 -10.00 -9.13
N LEU D 69 -8.57 -9.40 -10.22
CA LEU D 69 -7.83 -8.48 -11.06
C LEU D 69 -7.29 -7.29 -10.24
N PHE D 70 -8.04 -6.89 -9.20
CA PHE D 70 -7.67 -5.74 -8.35
C PHE D 70 -6.97 -6.14 -7.05
N LEU D 71 -6.67 -7.45 -6.89
CA LEU D 71 -6.03 -7.98 -5.67
C LEU D 71 -4.68 -8.61 -5.98
N ARG D 72 -3.95 -9.05 -4.95
CA ARG D 72 -2.64 -9.70 -5.06
C ARG D 72 -2.64 -11.00 -4.21
N THR D 73 -3.81 -11.65 -4.14
CA THR D 73 -4.01 -12.93 -3.45
C THR D 73 -4.45 -13.83 -4.60
N PRO D 74 -3.51 -14.65 -5.14
CA PRO D 74 -3.82 -15.41 -6.36
C PRO D 74 -4.77 -16.58 -6.20
N LYS D 75 -5.00 -17.06 -4.95
CA LYS D 75 -5.87 -18.20 -4.75
C LYS D 75 -6.88 -17.97 -3.64
N ILE D 76 -8.18 -18.06 -3.98
CA ILE D 76 -9.31 -17.97 -3.06
C ILE D 76 -10.10 -19.26 -3.22
N VAL D 77 -10.22 -20.02 -2.13
CA VAL D 77 -10.90 -21.32 -2.09
C VAL D 77 -11.95 -21.31 -0.97
N SER D 78 -12.92 -22.23 -1.04
CA SER D 78 -13.95 -22.39 -0.03
C SER D 78 -14.50 -23.81 -0.01
N GLY D 79 -15.11 -24.15 1.10
CA GLY D 79 -15.72 -25.46 1.29
C GLY D 79 -16.23 -25.67 2.70
N LYS D 80 -17.20 -26.60 2.82
CA LYS D 80 -17.76 -27.03 4.09
C LYS D 80 -16.73 -27.97 4.75
N ASP D 81 -15.93 -28.68 3.93
CA ASP D 81 -14.88 -29.60 4.34
C ASP D 81 -13.62 -28.80 4.66
N TYR D 82 -12.95 -29.13 5.78
CA TYR D 82 -11.79 -28.41 6.26
C TYR D 82 -10.51 -28.72 5.50
N ASN D 83 -10.57 -29.62 4.49
CA ASN D 83 -9.39 -29.92 3.66
C ASN D 83 -8.94 -28.69 2.88
N VAL D 84 -9.88 -27.76 2.61
CA VAL D 84 -9.61 -26.50 1.89
C VAL D 84 -8.71 -25.57 2.76
N THR D 85 -8.66 -25.79 4.10
CA THR D 85 -7.91 -24.98 5.08
C THR D 85 -6.49 -25.49 5.36
N ALA D 86 -6.08 -26.60 4.77
CA ALA D 86 -4.78 -27.22 5.03
C ALA D 86 -3.62 -26.25 4.91
N ASN D 87 -2.72 -26.30 5.91
CA ASN D 87 -1.48 -25.54 6.01
C ASN D 87 -1.68 -24.03 6.13
N SER D 88 -2.70 -23.59 6.93
CA SER D 88 -2.94 -22.17 7.18
C SER D 88 -1.99 -21.73 8.28
N LYS D 89 -1.41 -20.53 8.14
CA LYS D 89 -0.56 -19.89 9.15
C LYS D 89 -1.48 -19.29 10.22
N LEU D 90 -2.64 -18.78 9.79
CA LEU D 90 -3.60 -18.12 10.67
C LEU D 90 -5.03 -18.55 10.37
N VAL D 91 -5.80 -18.92 11.43
CA VAL D 91 -7.19 -19.32 11.26
C VAL D 91 -8.03 -18.43 12.13
N ILE D 92 -8.95 -17.68 11.49
CA ILE D 92 -9.81 -16.70 12.14
C ILE D 92 -11.22 -17.28 12.30
N ILE D 93 -11.72 -17.34 13.54
CA ILE D 93 -13.05 -17.88 13.84
C ILE D 93 -14.05 -16.75 14.09
N THR D 94 -15.00 -16.61 13.17
CA THR D 94 -16.06 -15.60 13.19
C THR D 94 -17.41 -16.33 13.02
N ALA D 95 -17.47 -17.61 13.43
CA ALA D 95 -18.62 -18.50 13.25
C ALA D 95 -19.65 -18.39 14.36
N GLY D 96 -20.83 -18.89 14.05
CA GLY D 96 -21.99 -18.86 14.91
C GLY D 96 -22.77 -17.60 14.60
N ALA D 97 -24.10 -17.72 14.55
CA ALA D 97 -24.98 -16.56 14.34
C ALA D 97 -24.70 -15.54 15.44
N ARG D 98 -24.80 -14.27 15.07
CA ARG D 98 -24.66 -13.18 16.01
C ARG D 98 -25.83 -13.21 16.99
N GLN D 99 -25.67 -12.57 18.15
CA GLN D 99 -26.68 -12.50 19.20
C GLN D 99 -28.01 -12.06 18.63
N GLN D 100 -29.02 -12.96 18.75
CA GLN D 100 -30.38 -12.79 18.23
C GLN D 100 -31.20 -11.86 19.12
N GLU D 101 -32.31 -11.33 18.56
CA GLU D 101 -33.27 -10.36 19.15
C GLU D 101 -33.50 -10.51 20.68
N GLY D 102 -34.14 -11.59 21.09
CA GLY D 102 -34.42 -11.86 22.49
C GLY D 102 -33.52 -12.90 23.11
N GLU D 103 -32.24 -12.84 22.75
CA GLU D 103 -31.22 -13.77 23.20
C GLU D 103 -30.32 -13.11 24.23
N SER D 104 -29.82 -13.90 25.17
CA SER D 104 -28.88 -13.38 26.15
C SER D 104 -27.51 -13.30 25.45
N ARG D 105 -26.66 -12.33 25.84
CA ARG D 105 -25.28 -12.21 25.36
C ARG D 105 -24.61 -13.56 25.64
N LEU D 106 -25.06 -14.21 26.73
CA LEU D 106 -24.61 -15.49 27.20
C LEU D 106 -25.18 -16.65 26.43
N ASN D 107 -26.35 -16.50 25.75
CA ASN D 107 -26.92 -17.62 24.98
C ASN D 107 -25.97 -18.12 23.89
N LEU D 108 -25.01 -17.25 23.49
CA LEU D 108 -23.98 -17.59 22.53
C LEU D 108 -23.03 -18.61 23.11
N VAL D 109 -22.83 -18.61 24.45
CA VAL D 109 -21.94 -19.57 25.11
C VAL D 109 -22.29 -21.01 24.69
N GLN D 110 -23.47 -21.50 25.09
CA GLN D 110 -23.85 -22.89 24.84
C GLN D 110 -23.80 -23.28 23.37
N ARG D 111 -24.38 -22.46 22.46
CA ARG D 111 -24.41 -22.83 21.05
C ARG D 111 -23.04 -22.66 20.37
N ASN D 112 -22.25 -21.65 20.75
CA ASN D 112 -20.92 -21.50 20.17
C ASN D 112 -19.95 -22.55 20.71
N VAL D 113 -20.12 -22.97 21.99
CA VAL D 113 -19.27 -24.06 22.55
C VAL D 113 -19.54 -25.33 21.72
N ASN D 114 -20.84 -25.62 21.45
CA ASN D 114 -21.21 -26.78 20.63
C ASN D 114 -20.61 -26.74 19.26
N ILE D 115 -20.57 -25.58 18.58
CA ILE D 115 -20.01 -25.54 17.22
C ILE D 115 -18.49 -25.60 17.25
N PHE D 116 -17.86 -24.98 18.26
CA PHE D 116 -16.42 -25.03 18.46
C PHE D 116 -15.93 -26.46 18.68
N LYS D 117 -16.76 -27.32 19.29
CA LYS D 117 -16.47 -28.74 19.53
C LYS D 117 -16.19 -29.46 18.23
N PHE D 118 -16.80 -28.98 17.11
CA PHE D 118 -16.62 -29.53 15.75
CA PHE D 118 -16.57 -29.56 15.78
C PHE D 118 -15.56 -28.73 14.99
N ILE D 119 -15.66 -27.38 15.04
CA ILE D 119 -14.74 -26.48 14.32
C ILE D 119 -13.27 -26.68 14.69
N ILE D 120 -12.94 -26.52 15.98
CA ILE D 120 -11.56 -26.54 16.47
C ILE D 120 -10.84 -27.88 16.13
N PRO D 121 -11.39 -29.10 16.38
CA PRO D 121 -10.63 -30.31 15.98
C PRO D 121 -10.38 -30.37 14.47
N ASN D 122 -11.31 -29.84 13.65
CA ASN D 122 -11.14 -29.85 12.19
C ASN D 122 -10.06 -28.90 11.74
N VAL D 123 -10.01 -27.69 12.38
CA VAL D 123 -8.96 -26.71 12.13
C VAL D 123 -7.59 -27.34 12.47
N VAL D 124 -7.47 -27.95 13.67
CA VAL D 124 -6.25 -28.56 14.20
C VAL D 124 -5.77 -29.71 13.32
N LYS D 125 -6.71 -30.51 12.80
CA LYS D 125 -6.41 -31.63 11.90
C LYS D 125 -5.61 -31.17 10.68
N TYR D 126 -6.06 -30.08 10.01
CA TYR D 126 -5.45 -29.61 8.76
C TYR D 126 -4.36 -28.56 8.90
N SER D 127 -4.35 -27.80 10.01
CA SER D 127 -3.32 -26.78 10.27
C SER D 127 -2.86 -26.90 11.74
N PRO D 128 -2.11 -27.98 12.08
CA PRO D 128 -1.71 -28.16 13.50
C PRO D 128 -0.77 -27.08 14.03
N ASN D 129 -0.07 -26.35 13.14
CA ASN D 129 0.88 -25.30 13.51
C ASN D 129 0.32 -23.87 13.36
N CYS D 130 -0.98 -23.72 13.06
CA CYS D 130 -1.57 -22.40 12.88
C CYS D 130 -1.66 -21.58 14.17
N LYS D 131 -1.87 -20.26 14.03
CA LYS D 131 -2.24 -19.39 15.14
C LYS D 131 -3.76 -19.30 15.02
N LEU D 132 -4.47 -19.45 16.14
CA LEU D 132 -5.91 -19.35 16.18
C LEU D 132 -6.29 -17.97 16.67
N LEU D 133 -7.12 -17.25 15.89
CA LEU D 133 -7.60 -15.93 16.28
C LEU D 133 -9.12 -16.01 16.41
N ILE D 134 -9.61 -15.93 17.66
CA ILE D 134 -11.03 -16.03 17.98
C ILE D 134 -11.70 -14.67 17.99
N VAL D 135 -12.78 -14.53 17.22
CA VAL D 135 -13.57 -13.29 17.15
C VAL D 135 -14.96 -13.53 17.74
N SER D 136 -15.58 -14.71 17.46
CA SER D 136 -16.92 -15.09 17.96
C SER D 136 -17.14 -14.80 19.43
N ASN D 137 -18.36 -14.36 19.80
CA ASN D 137 -18.68 -13.99 21.17
C ASN D 137 -19.31 -15.08 22.02
N PRO D 138 -19.17 -15.06 23.38
CA PRO D 138 -18.36 -14.13 24.23
C PRO D 138 -16.90 -14.50 23.99
N VAL D 139 -16.17 -13.56 23.36
CA VAL D 139 -14.82 -13.79 22.86
C VAL D 139 -13.84 -14.30 23.93
N ASP D 140 -13.91 -13.81 25.18
CA ASP D 140 -12.99 -14.28 26.21
C ASP D 140 -13.24 -15.74 26.59
N ILE D 141 -14.53 -16.12 26.71
CA ILE D 141 -14.91 -17.51 27.02
C ILE D 141 -14.52 -18.43 25.86
N LEU D 142 -14.88 -18.04 24.62
CA LEU D 142 -14.59 -18.84 23.42
C LEU D 142 -13.11 -18.97 23.10
N THR D 143 -12.27 -18.01 23.52
CA THR D 143 -10.81 -18.14 23.33
C THR D 143 -10.30 -19.27 24.28
N TYR D 144 -10.84 -19.31 25.52
CA TYR D 144 -10.53 -20.36 26.51
C TYR D 144 -10.95 -21.72 25.95
N VAL D 145 -12.17 -21.78 25.39
CA VAL D 145 -12.74 -22.99 24.75
C VAL D 145 -11.83 -23.46 23.60
N ALA D 146 -11.40 -22.54 22.70
CA ALA D 146 -10.50 -22.90 21.59
C ALA D 146 -9.18 -23.46 22.11
N TRP D 147 -8.63 -22.83 23.14
CA TRP D 147 -7.38 -23.24 23.80
C TRP D 147 -7.52 -24.66 24.38
N LYS D 148 -8.62 -24.91 25.13
CA LYS D 148 -8.88 -26.20 25.77
C LYS D 148 -9.03 -27.34 24.76
N ILE D 149 -9.87 -27.13 23.71
CA ILE D 149 -10.14 -28.12 22.66
C ILE D 149 -8.92 -28.38 21.79
N SER D 150 -8.25 -27.31 21.34
CA SER D 150 -7.09 -27.44 20.45
C SER D 150 -5.91 -28.15 21.08
N GLY D 151 -5.64 -27.86 22.36
CA GLY D 151 -4.45 -28.37 23.03
C GLY D 151 -3.22 -27.57 22.62
N PHE D 152 -3.42 -26.42 21.91
CA PHE D 152 -2.33 -25.56 21.46
C PHE D 152 -1.64 -24.87 22.63
N PRO D 153 -0.34 -24.52 22.53
CA PRO D 153 0.28 -23.72 23.60
C PRO D 153 -0.39 -22.34 23.64
N LYS D 154 -0.33 -21.68 24.80
CA LYS D 154 -0.95 -20.38 25.10
C LYS D 154 -0.71 -19.31 24.02
N ASN D 155 0.51 -19.29 23.46
CA ASN D 155 0.91 -18.28 22.49
C ASN D 155 0.18 -18.34 21.15
N ARG D 156 -0.34 -19.52 20.77
CA ARG D 156 -1.02 -19.69 19.48
C ARG D 156 -2.57 -19.59 19.54
N VAL D 157 -3.13 -19.18 20.70
CA VAL D 157 -4.57 -18.98 20.84
C VAL D 157 -4.77 -17.53 21.27
N ILE D 158 -5.25 -16.68 20.33
CA ILE D 158 -5.42 -15.25 20.53
C ILE D 158 -6.88 -14.88 20.40
N GLY D 159 -7.37 -14.11 21.36
CA GLY D 159 -8.75 -13.63 21.31
C GLY D 159 -8.77 -12.21 20.85
N SER D 160 -9.68 -11.84 19.92
CA SER D 160 -9.79 -10.45 19.44
C SER D 160 -9.89 -9.50 20.67
N GLY D 161 -10.59 -9.96 21.73
CA GLY D 161 -10.73 -9.26 23.01
C GLY D 161 -11.08 -7.79 22.95
N CYS D 162 -10.21 -6.93 23.56
CA CYS D 162 -10.42 -5.48 23.63
C CYS D 162 -9.76 -4.70 22.50
N ASN D 163 -9.51 -5.38 21.36
CA ASN D 163 -8.92 -4.68 20.22
C ASN D 163 -9.92 -3.70 19.60
N LEU D 164 -11.19 -4.13 19.41
CA LEU D 164 -12.23 -3.24 18.88
C LEU D 164 -12.61 -2.13 19.89
N ASP D 165 -12.64 -2.48 21.19
CA ASP D 165 -12.98 -1.55 22.28
C ASP D 165 -11.95 -0.42 22.32
N SER D 166 -10.66 -0.76 22.20
CA SER D 166 -9.58 0.24 22.22
C SER D 166 -9.61 1.12 20.97
N ALA D 167 -9.93 0.54 19.80
CA ALA D 167 -10.01 1.24 18.52
C ALA D 167 -11.15 2.26 18.58
N ARG D 168 -12.30 1.88 19.17
CA ARG D 168 -13.44 2.79 19.36
C ARG D 168 -13.09 3.92 20.30
N PHE D 169 -12.41 3.58 21.41
CA PHE D 169 -11.97 4.55 22.41
C PHE D 169 -11.04 5.61 21.80
N ARG D 170 -10.07 5.16 20.99
CA ARG D 170 -9.10 6.03 20.32
C ARG D 170 -9.77 6.91 19.27
N TYR D 171 -10.84 6.39 18.60
CA TYR D 171 -11.61 7.19 17.64
C TYR D 171 -12.32 8.33 18.41
N LEU D 172 -12.99 8.00 19.52
CA LEU D 172 -13.72 8.96 20.34
C LEU D 172 -12.78 10.00 20.97
N MET D 173 -11.61 9.56 21.46
CA MET D 173 -10.57 10.43 22.03
C MET D 173 -10.09 11.42 20.95
N GLY D 174 -9.82 10.91 19.75
CA GLY D 174 -9.39 11.69 18.60
C GLY D 174 -10.37 12.77 18.21
N GLU D 175 -11.67 12.43 18.24
CA GLU D 175 -12.75 13.38 17.95
C GLU D 175 -12.77 14.52 18.96
N ARG D 176 -12.58 14.21 20.26
CA ARG D 176 -12.58 15.22 21.31
C ARG D 176 -11.37 16.13 21.23
N LEU D 177 -10.20 15.59 20.85
CA LEU D 177 -8.99 16.39 20.83
C LEU D 177 -8.66 17.03 19.47
N GLY D 178 -9.32 16.60 18.40
CA GLY D 178 -9.01 17.09 17.05
C GLY D 178 -7.66 16.54 16.56
N VAL D 179 -7.34 15.30 16.95
CA VAL D 179 -6.09 14.59 16.62
C VAL D 179 -6.45 13.23 16.00
N HIS D 180 -5.68 12.75 15.00
CA HIS D 180 -5.90 11.43 14.39
C HIS D 180 -5.83 10.33 15.46
N PRO D 181 -6.71 9.28 15.44
CA PRO D 181 -6.62 8.21 16.46
C PRO D 181 -5.25 7.55 16.61
N LEU D 182 -4.45 7.49 15.52
CA LEU D 182 -3.09 6.93 15.57
C LEU D 182 -2.20 7.67 16.59
N SER D 183 -2.46 8.96 16.82
CA SER D 183 -1.68 9.79 17.73
C SER D 183 -2.33 9.95 19.12
N CYS D 184 -3.52 9.32 19.32
CA CYS D 184 -4.25 9.33 20.59
C CYS D 184 -4.11 7.97 21.24
N HIS D 185 -3.25 7.84 22.22
CA HIS D 185 -2.99 6.56 22.88
C HIS D 185 -3.84 6.36 24.12
N GLY D 186 -4.35 5.16 24.26
CA GLY D 186 -5.25 4.79 25.34
C GLY D 186 -5.62 3.34 25.23
N TRP D 187 -5.69 2.67 26.37
CA TRP D 187 -5.91 1.25 26.42
C TRP D 187 -7.14 0.88 27.22
N VAL D 188 -7.96 0.02 26.62
CA VAL D 188 -9.17 -0.53 27.18
C VAL D 188 -8.84 -2.00 27.30
N LEU D 189 -8.83 -2.52 28.54
CA LEU D 189 -8.42 -3.89 28.84
C LEU D 189 -9.48 -4.69 29.61
N GLY D 190 -9.12 -5.92 29.94
CA GLY D 190 -9.99 -6.81 30.69
C GLY D 190 -10.93 -7.57 29.79
N GLU D 191 -12.18 -7.66 30.20
CA GLU D 191 -13.23 -8.39 29.53
C GLU D 191 -13.79 -7.59 28.38
N HIS D 192 -13.85 -8.21 27.19
CA HIS D 192 -14.41 -7.51 26.03
C HIS D 192 -15.87 -7.11 26.26
N GLY D 193 -16.26 -5.94 25.73
CA GLY D 193 -17.65 -5.48 25.78
C GLY D 193 -18.02 -4.61 26.96
N ASP D 194 -19.22 -4.87 27.51
CA ASP D 194 -19.80 -4.10 28.60
C ASP D 194 -18.91 -3.91 29.82
N SER D 195 -18.15 -4.96 30.23
CA SER D 195 -17.34 -4.95 31.46
C SER D 195 -15.87 -4.55 31.27
N SER D 196 -15.56 -3.88 30.17
CA SER D 196 -14.17 -3.50 29.88
C SER D 196 -13.66 -2.37 30.76
N VAL D 197 -12.33 -2.29 30.91
CA VAL D 197 -11.65 -1.33 31.76
C VAL D 197 -10.79 -0.29 31.02
N PRO D 198 -11.15 1.02 31.06
CA PRO D 198 -10.27 2.04 30.46
C PRO D 198 -9.12 2.36 31.41
N VAL D 199 -7.88 2.24 30.96
CA VAL D 199 -6.72 2.49 31.84
C VAL D 199 -6.38 3.97 31.69
N TRP D 200 -7.01 4.81 32.53
CA TRP D 200 -6.83 6.27 32.48
C TRP D 200 -5.39 6.74 32.57
N SER D 201 -4.55 6.05 33.36
CA SER D 201 -3.12 6.39 33.55
C SER D 201 -2.28 6.37 32.26
N GLY D 202 -2.68 5.55 31.28
CA GLY D 202 -1.96 5.42 30.01
C GLY D 202 -2.45 6.30 28.89
N MET D 203 -3.57 7.01 29.08
CA MET D 203 -4.16 7.90 28.08
CA MET D 203 -4.10 7.88 28.05
C MET D 203 -3.25 9.09 27.82
N ASN D 204 -2.71 9.20 26.60
CA ASN D 204 -1.78 10.28 26.31
C ASN D 204 -1.71 10.68 24.87
N VAL D 205 -1.15 11.86 24.63
CA VAL D 205 -0.82 12.35 23.30
C VAL D 205 0.64 12.75 23.44
N ALA D 206 1.49 12.23 22.55
CA ALA D 206 2.93 12.52 22.53
C ALA D 206 3.65 12.27 23.88
N GLY D 207 3.20 11.25 24.62
CA GLY D 207 3.77 10.92 25.93
C GLY D 207 3.35 11.86 27.06
N VAL D 208 2.41 12.79 26.79
CA VAL D 208 1.88 13.72 27.79
C VAL D 208 0.62 13.06 28.37
N SER D 209 0.72 12.59 29.62
CA SER D 209 -0.37 11.93 30.34
C SER D 209 -1.53 12.91 30.56
N LEU D 210 -2.72 12.55 30.08
CA LEU D 210 -3.93 13.35 30.28
C LEU D 210 -4.34 13.38 31.76
N LYS D 211 -4.08 12.28 32.49
CA LYS D 211 -4.39 12.14 33.92
C LYS D 211 -3.54 13.08 34.76
N THR D 212 -2.26 13.27 34.39
CA THR D 212 -1.35 14.20 35.08
C THR D 212 -1.80 15.65 34.88
N LEU D 213 -2.20 16.02 33.65
CA LEU D 213 -2.70 17.35 33.32
C LEU D 213 -4.07 17.61 33.96
N HIS D 214 -4.91 16.59 34.03
CA HIS D 214 -6.29 16.70 34.49
C HIS D 214 -6.58 15.58 35.51
N PRO D 215 -6.22 15.80 36.81
CA PRO D 215 -6.36 14.71 37.81
C PRO D 215 -7.76 14.10 37.95
N ASP D 216 -8.83 14.84 37.60
CA ASP D 216 -10.20 14.32 37.67
C ASP D 216 -10.56 13.37 36.51
N LEU D 217 -9.63 13.15 35.54
CA LEU D 217 -9.84 12.25 34.40
C LEU D 217 -10.26 10.85 34.84
N GLY D 218 -11.39 10.39 34.32
CA GLY D 218 -11.93 9.06 34.63
C GLY D 218 -12.71 8.99 35.93
N THR D 219 -12.79 10.12 36.67
CA THR D 219 -13.52 10.17 37.94
C THR D 219 -14.91 10.72 37.68
N ASP D 220 -15.82 10.55 38.64
CA ASP D 220 -17.18 11.08 38.52
C ASP D 220 -17.24 12.61 38.80
N LYS D 221 -16.18 13.15 39.43
CA LYS D 221 -15.98 14.57 39.77
C LYS D 221 -15.54 15.45 38.60
N ASP D 222 -15.19 14.83 37.46
CA ASP D 222 -14.69 15.49 36.26
C ASP D 222 -15.74 16.35 35.60
N LYS D 223 -15.55 17.67 35.64
CA LYS D 223 -16.47 18.65 35.06
C LYS D 223 -16.54 18.55 33.52
N GLU D 224 -15.50 17.95 32.91
CA GLU D 224 -15.45 17.73 31.46
C GLU D 224 -15.98 16.34 31.06
N GLN D 225 -16.25 15.46 32.06
CA GLN D 225 -16.81 14.11 31.90
C GLN D 225 -16.04 13.24 30.88
N TRP D 226 -14.71 13.12 31.07
CA TRP D 226 -13.88 12.30 30.21
C TRP D 226 -14.19 10.83 30.32
N LYS D 227 -14.79 10.40 31.47
CA LYS D 227 -15.26 9.05 31.74
C LYS D 227 -16.32 8.64 30.68
N GLU D 228 -17.01 9.66 30.09
CA GLU D 228 -18.03 9.48 29.05
C GLU D 228 -17.48 8.92 27.78
N VAL D 229 -16.16 9.04 27.55
CA VAL D 229 -15.48 8.51 26.38
C VAL D 229 -15.49 6.98 26.44
N HIS D 230 -15.19 6.40 27.61
CA HIS D 230 -15.29 4.94 27.70
C HIS D 230 -16.74 4.51 27.64
N LYS D 231 -17.65 5.25 28.30
CA LYS D 231 -19.09 4.95 28.29
C LYS D 231 -19.65 5.03 26.86
N GLN D 232 -19.16 5.97 26.04
CA GLN D 232 -19.58 6.10 24.63
C GLN D 232 -19.07 4.95 23.78
N VAL D 233 -18.01 4.25 24.21
CA VAL D 233 -17.52 3.05 23.50
C VAL D 233 -18.63 1.99 23.58
N VAL D 234 -19.16 1.75 24.80
CA VAL D 234 -20.21 0.76 25.04
C VAL D 234 -21.50 1.23 24.35
N GLU D 235 -21.90 2.51 24.54
CA GLU D 235 -23.11 3.08 23.93
C GLU D 235 -23.08 3.03 22.41
N SER D 236 -21.94 3.39 21.78
CA SER D 236 -21.82 3.35 20.32
C SER D 236 -21.93 1.92 19.75
N ALA D 237 -21.50 0.90 20.53
CA ALA D 237 -21.64 -0.48 20.10
C ALA D 237 -23.13 -0.84 20.00
N TYR D 238 -23.92 -0.52 21.06
CA TYR D 238 -25.36 -0.73 21.07
C TYR D 238 -26.06 0.12 20.02
N GLU D 239 -25.59 1.36 19.83
CA GLU D 239 -26.18 2.26 18.85
C GLU D 239 -26.02 1.71 17.42
N VAL D 240 -24.81 1.19 17.07
CA VAL D 240 -24.59 0.60 15.74
C VAL D 240 -25.57 -0.58 15.51
N ILE D 241 -25.76 -1.45 16.50
CA ILE D 241 -26.69 -2.58 16.40
C ILE D 241 -28.11 -2.07 16.20
N LYS D 242 -28.51 -1.05 16.97
CA LYS D 242 -29.83 -0.42 16.86
C LYS D 242 -30.07 0.17 15.44
N LEU D 243 -29.06 0.83 14.87
CA LEU D 243 -29.16 1.49 13.57
C LEU D 243 -29.02 0.57 12.34
N LYS D 244 -28.03 -0.36 12.32
CA LYS D 244 -27.85 -1.22 11.13
C LYS D 244 -28.05 -2.73 11.42
N GLY D 245 -28.12 -3.14 12.70
CA GLY D 245 -28.36 -4.53 13.09
C GLY D 245 -27.15 -5.39 13.43
N TYR D 246 -25.94 -4.91 13.13
CA TYR D 246 -24.69 -5.66 13.32
C TYR D 246 -23.51 -4.72 13.11
N THR D 247 -22.31 -5.16 13.47
CA THR D 247 -21.08 -4.42 13.21
C THR D 247 -20.23 -5.31 12.31
N SER D 248 -19.62 -4.71 11.29
CA SER D 248 -18.79 -5.46 10.37
C SER D 248 -17.47 -4.75 10.02
N TRP D 249 -17.55 -3.51 9.51
CA TRP D 249 -16.39 -2.75 9.03
C TRP D 249 -15.31 -2.52 10.10
N ALA D 250 -15.68 -2.00 11.26
CA ALA D 250 -14.71 -1.70 12.32
C ALA D 250 -14.03 -2.95 12.86
N ILE D 251 -14.81 -4.04 13.08
CA ILE D 251 -14.23 -5.30 13.55
C ILE D 251 -13.32 -5.94 12.45
N GLY D 252 -13.76 -5.92 11.19
CA GLY D 252 -12.98 -6.39 10.05
C GLY D 252 -11.64 -5.69 9.94
N LEU D 253 -11.63 -4.33 10.01
CA LEU D 253 -10.39 -3.53 9.97
C LEU D 253 -9.45 -3.86 11.15
N SER D 254 -9.98 -3.97 12.38
CA SER D 254 -9.21 -4.31 13.60
C SER D 254 -8.59 -5.71 13.50
N VAL D 255 -9.34 -6.71 12.97
CA VAL D 255 -8.87 -8.08 12.81
C VAL D 255 -7.73 -8.12 11.78
N ALA D 256 -7.85 -7.37 10.66
CA ALA D 256 -6.78 -7.32 9.65
C ALA D 256 -5.49 -6.70 10.22
N ASP D 257 -5.63 -5.79 11.17
CA ASP D 257 -4.48 -5.18 11.84
C ASP D 257 -3.73 -6.21 12.70
N LEU D 258 -4.47 -7.09 13.38
CA LEU D 258 -3.87 -8.19 14.18
C LEU D 258 -3.21 -9.19 13.24
N ALA D 259 -3.90 -9.55 12.12
CA ALA D 259 -3.40 -10.46 11.10
C ALA D 259 -2.09 -9.93 10.49
N GLU D 260 -1.97 -8.59 10.32
CA GLU D 260 -0.75 -8.01 9.77
C GLU D 260 0.45 -8.22 10.69
N SER D 261 0.28 -7.98 11.99
CA SER D 261 1.35 -8.17 12.98
C SER D 261 1.78 -9.63 13.06
N ILE D 262 0.83 -10.56 13.01
CA ILE D 262 1.09 -12.01 13.01
C ILE D 262 1.79 -12.45 11.72
N MET D 263 1.22 -12.15 10.55
CA MET D 263 1.76 -12.60 9.25
C MET D 263 3.14 -12.03 8.94
N LYS D 264 3.37 -10.78 9.31
CA LYS D 264 4.62 -10.08 9.01
C LYS D 264 5.62 -10.10 10.17
N ASN D 265 5.27 -10.79 11.30
CA ASN D 265 6.10 -10.91 12.50
C ASN D 265 6.54 -9.53 13.02
N LEU D 266 5.60 -8.58 13.07
CA LEU D 266 5.95 -7.20 13.43
C LEU D 266 6.38 -6.99 14.86
N ARG D 267 5.81 -7.79 15.80
CA ARG D 267 6.08 -7.61 17.23
C ARG D 267 5.55 -6.23 17.73
N ARG D 268 4.37 -5.84 17.23
CA ARG D 268 3.67 -4.65 17.68
C ARG D 268 2.85 -5.09 18.90
N VAL D 269 2.45 -4.13 19.71
CA VAL D 269 1.69 -4.39 20.92
C VAL D 269 0.21 -4.10 20.64
N HIS D 270 -0.68 -5.07 20.94
CA HIS D 270 -2.09 -4.94 20.69
C HIS D 270 -2.86 -5.38 21.93
N PRO D 271 -4.07 -4.79 22.19
CA PRO D 271 -4.89 -5.29 23.31
C PRO D 271 -5.71 -6.50 22.84
N VAL D 272 -5.25 -7.70 23.19
CA VAL D 272 -5.89 -8.94 22.78
C VAL D 272 -6.06 -9.83 23.99
N SER D 273 -6.94 -10.82 23.89
CA SER D 273 -7.24 -11.72 24.99
C SER D 273 -6.25 -12.85 25.04
N THR D 274 -5.63 -13.01 26.23
CA THR D 274 -4.62 -14.04 26.49
C THR D 274 -4.84 -14.66 27.86
N MET D 275 -4.23 -15.84 28.09
CA MET D 275 -4.30 -16.56 29.36
C MET D 275 -3.65 -15.69 30.41
N ILE D 276 -4.47 -15.14 31.29
CA ILE D 276 -4.05 -14.15 32.26
C ILE D 276 -3.66 -14.74 33.64
N LYS D 277 -3.78 -16.06 33.84
CA LYS D 277 -3.46 -16.75 35.08
C LYS D 277 -2.04 -16.38 35.58
N GLY D 278 -1.96 -15.96 36.83
CA GLY D 278 -0.70 -15.52 37.44
C GLY D 278 -0.55 -14.01 37.54
N LEU D 279 -1.51 -13.25 36.99
CA LEU D 279 -1.52 -11.78 37.01
C LEU D 279 -2.72 -11.24 37.75
N TYR D 280 -2.57 -10.09 38.40
CA TYR D 280 -3.63 -9.35 39.11
C TYR D 280 -4.39 -10.22 40.14
N GLY D 281 -3.67 -11.13 40.77
CA GLY D 281 -4.22 -12.05 41.74
C GLY D 281 -5.11 -13.13 41.13
N ILE D 282 -5.11 -13.25 39.78
CA ILE D 282 -5.93 -14.23 39.05
C ILE D 282 -5.23 -15.59 39.09
N LYS D 283 -5.92 -16.58 39.64
CA LYS D 283 -5.44 -17.96 39.77
C LYS D 283 -6.15 -18.95 38.84
N ASP D 284 -7.25 -18.53 38.20
CA ASP D 284 -8.01 -19.37 37.29
C ASP D 284 -7.56 -19.30 35.82
N ASP D 285 -7.90 -20.35 35.02
CA ASP D 285 -7.60 -20.45 33.58
C ASP D 285 -8.56 -19.54 32.82
N VAL D 286 -8.29 -18.23 32.86
CA VAL D 286 -9.16 -17.28 32.18
C VAL D 286 -8.37 -16.42 31.21
N PHE D 287 -9.04 -16.01 30.15
CA PHE D 287 -8.49 -15.18 29.09
C PHE D 287 -9.06 -13.79 29.19
N LEU D 288 -8.18 -12.78 29.35
CA LEU D 288 -8.56 -11.37 29.42
C LEU D 288 -7.58 -10.56 28.61
N SER D 289 -7.99 -9.35 28.19
CA SER D 289 -7.12 -8.50 27.39
C SER D 289 -6.10 -7.72 28.20
N VAL D 290 -4.87 -7.83 27.77
CA VAL D 290 -3.72 -7.08 28.23
C VAL D 290 -2.96 -6.71 26.94
N PRO D 291 -2.02 -5.75 26.97
CA PRO D 291 -1.24 -5.46 25.75
C PRO D 291 -0.29 -6.63 25.48
N CYS D 292 -0.41 -7.25 24.31
CA CYS D 292 0.42 -8.39 23.90
C CYS D 292 1.27 -8.08 22.70
N ILE D 293 2.47 -8.65 22.68
CA ILE D 293 3.41 -8.52 21.55
CA ILE D 293 3.41 -8.52 21.54
C ILE D 293 3.01 -9.63 20.56
N LEU D 294 2.62 -9.24 19.32
CA LEU D 294 2.14 -10.17 18.29
C LEU D 294 3.14 -10.35 17.19
N GLY D 295 3.42 -11.61 16.87
CA GLY D 295 4.37 -11.94 15.81
C GLY D 295 4.07 -13.29 15.19
N GLN D 296 5.07 -13.89 14.52
CA GLN D 296 4.89 -15.15 13.82
C GLN D 296 4.59 -16.35 14.74
N ASN D 297 4.87 -16.25 16.05
CA ASN D 297 4.54 -17.32 17.00
C ASN D 297 3.27 -16.93 17.79
N GLY D 298 2.54 -15.92 17.33
CA GLY D 298 1.34 -15.45 18.03
C GLY D 298 1.71 -14.51 19.15
N ILE D 299 1.26 -14.78 20.40
CA ILE D 299 1.58 -13.93 21.56
C ILE D 299 2.87 -14.46 22.18
N SER D 300 4.01 -13.79 21.91
CA SER D 300 5.29 -14.23 22.46
C SER D 300 5.55 -13.62 23.82
N ASP D 301 4.90 -12.50 24.11
CA ASP D 301 5.11 -11.71 25.32
C ASP D 301 3.90 -10.88 25.61
N LEU D 302 3.78 -10.42 26.86
CA LEU D 302 2.74 -9.49 27.28
C LEU D 302 3.33 -8.38 28.13
N VAL D 303 2.69 -7.21 28.10
CA VAL D 303 3.09 -6.03 28.89
C VAL D 303 2.38 -6.11 30.25
N LYS D 304 3.15 -5.94 31.34
CA LYS D 304 2.62 -5.92 32.70
C LYS D 304 2.20 -4.50 33.05
N VAL D 305 0.94 -4.16 32.79
CA VAL D 305 0.39 -2.83 33.04
C VAL D 305 0.16 -2.62 34.54
N THR D 306 0.57 -1.45 35.07
CA THR D 306 0.32 -1.11 36.46
C THR D 306 -1.12 -0.59 36.52
N LEU D 307 -1.96 -1.29 37.26
CA LEU D 307 -3.36 -0.95 37.42
C LEU D 307 -3.63 -0.36 38.80
N THR D 308 -4.68 0.47 38.91
CA THR D 308 -5.10 1.01 40.20
C THR D 308 -5.90 -0.12 40.91
N SER D 309 -6.17 0.06 42.21
CA SER D 309 -6.93 -0.92 42.99
C SER D 309 -8.31 -1.22 42.36
N GLU D 310 -9.00 -0.16 41.87
CA GLU D 310 -10.31 -0.24 41.24
C GLU D 310 -10.23 -0.98 39.91
N GLU D 311 -9.15 -0.76 39.12
CA GLU D 311 -8.93 -1.42 37.82
C GLU D 311 -8.64 -2.89 38.01
N GLU D 312 -7.75 -3.22 38.97
CA GLU D 312 -7.40 -4.60 39.29
C GLU D 312 -8.63 -5.35 39.79
N ALA D 313 -9.46 -4.71 40.67
CA ALA D 313 -10.66 -5.34 41.22
C ALA D 313 -11.65 -5.68 40.11
N ARG D 314 -11.78 -4.80 39.09
CA ARG D 314 -12.67 -5.06 37.94
C ARG D 314 -12.21 -6.25 37.10
N LEU D 315 -10.88 -6.42 36.90
CA LEU D 315 -10.33 -7.55 36.13
C LEU D 315 -10.51 -8.85 36.89
N LYS D 316 -10.30 -8.81 38.21
CA LYS D 316 -10.46 -9.97 39.09
C LYS D 316 -11.94 -10.38 39.13
N LYS D 317 -12.86 -9.43 39.16
CA LYS D 317 -14.31 -9.69 39.13
C LYS D 317 -14.71 -10.36 37.81
N SER D 318 -14.15 -9.88 36.68
CA SER D 318 -14.38 -10.48 35.36
C SER D 318 -13.84 -11.91 35.34
N ALA D 319 -12.63 -12.14 35.91
CA ALA D 319 -12.03 -13.46 35.98
C ALA D 319 -12.91 -14.44 36.78
N ASP D 320 -13.46 -13.97 37.92
CA ASP D 320 -14.35 -14.78 38.75
C ASP D 320 -15.63 -15.15 37.99
N THR D 321 -16.23 -14.18 37.29
CA THR D 321 -17.44 -14.39 36.48
C THR D 321 -17.16 -15.38 35.34
N LEU D 322 -16.12 -15.11 34.53
CA LEU D 322 -15.75 -15.99 33.42
C LEU D 322 -15.45 -17.41 33.88
N TRP D 323 -14.65 -17.56 34.97
CA TRP D 323 -14.33 -18.89 35.50
C TRP D 323 -15.56 -19.64 36.01
N GLY D 324 -16.49 -18.91 36.63
CA GLY D 324 -17.77 -19.45 37.11
C GLY D 324 -18.57 -20.13 36.01
N ILE D 325 -18.57 -19.54 34.80
CA ILE D 325 -19.25 -20.10 33.63
C ILE D 325 -18.43 -21.29 33.08
N GLN D 326 -17.10 -21.09 32.95
CA GLN D 326 -16.17 -22.04 32.37
C GLN D 326 -16.07 -23.37 33.11
N LYS D 327 -16.12 -23.35 34.46
CA LYS D 327 -16.01 -24.56 35.28
C LYS D 327 -17.17 -25.51 35.11
N GLU D 328 -18.34 -24.99 34.69
CA GLU D 328 -19.53 -25.81 34.46
C GLU D 328 -19.61 -26.36 33.03
N LEU D 329 -18.70 -25.92 32.11
CA LEU D 329 -18.67 -26.39 30.72
C LEU D 329 -18.18 -27.86 30.60
N GLN D 330 -18.84 -28.69 29.77
CA GLN D 330 -18.47 -30.11 29.63
C GLN D 330 -17.64 -30.37 28.38
N PHE D 331 -16.43 -30.93 28.56
CA PHE D 331 -15.50 -31.29 27.49
C PHE D 331 -15.36 -32.82 27.33
#